data_6ZU0
#
_entry.id   6ZU0
#
_cell.length_a   216.746
_cell.length_b   80.177
_cell.length_c   196.659
_cell.angle_alpha   90.000
_cell.angle_beta   121.890
_cell.angle_gamma   90.000
#
_symmetry.space_group_name_H-M   'C 1 2 1'
#
_entity_poly.entity_id   1
_entity_poly.type   'polypeptide(L)'
_entity_poly.pdbx_seq_one_letter_code
;MADKKAQLIIEGSAPVELPVLSGTMGPDVVDVRGLTATGHFTFDPGFMSTASCESKITYIDGDKGVLLHRGYPIEQLAEK
SDYLETCYLLLNGELPTAAQKEQFVGTIKNHTMVHEQLKTFFNGFRRDAHPMAVMCGVIGALSAFYHDSLDINNPKHREV
SAHRLIAKMPTIAAMVYKYSKGEPMMYPRNDLNYAENFLHMMFNTPCETKPISPVLAKAMDRIFILHADHEQNASTSTVR
LAGSSGANPFACIASGIAALWGPAHGGANEAVLRMLDEIGDVSNIDKFVEKAKDKNDPFKLMGFGHRVYKNFDPRAKVMK
QTCDEVLQELGINDPQLELAMKLEEIARHDPYFVERNLYPNVDFYSGIILKAIGIPTSMFTVIFALARTVGWISHWQEML
SGPYKIGRPRQLYTGHTQRDFTALKDRG
;
_entity_poly.pdbx_strand_id   A,B,C,D,E,F
#
# COMPACT_ATOMS: atom_id res chain seq x y z
N ASP A 3 -14.76 -12.16 -62.08
CA ASP A 3 -15.37 -12.25 -63.43
C ASP A 3 -15.02 -11.03 -64.30
N LYS A 4 -15.26 -9.84 -63.76
CA LYS A 4 -15.03 -8.57 -64.44
C LYS A 4 -13.59 -8.08 -64.24
N LYS A 5 -13.14 -7.22 -65.18
CA LYS A 5 -11.83 -6.59 -65.14
C LYS A 5 -11.98 -5.07 -65.27
N ALA A 6 -10.95 -4.34 -64.81
CA ALA A 6 -10.93 -2.88 -64.84
C ALA A 6 -9.57 -2.39 -65.34
N GLN A 7 -9.59 -1.60 -66.41
CA GLN A 7 -8.38 -1.04 -67.00
C GLN A 7 -8.06 0.31 -66.34
N LEU A 8 -6.83 0.44 -65.84
CA LEU A 8 -6.33 1.69 -65.29
C LEU A 8 -5.25 2.24 -66.21
N ILE A 9 -5.52 3.43 -66.77
CA ILE A 9 -4.58 4.16 -67.61
C ILE A 9 -4.05 5.38 -66.84
N ILE A 10 -2.73 5.39 -66.67
CA ILE A 10 -2.01 6.38 -65.87
C ILE A 10 -1.43 7.56 -66.68
N GLU A 11 -1.48 7.47 -68.01
CA GLU A 11 -0.96 8.48 -68.94
C GLU A 11 0.56 8.47 -69.00
N GLY A 12 1.23 8.59 -67.84
CA GLY A 12 2.66 8.47 -67.70
C GLY A 12 3.17 7.07 -67.95
N SER A 13 2.38 6.07 -67.51
CA SER A 13 2.67 4.66 -67.72
C SER A 13 1.70 4.03 -68.73
N ALA A 14 1.98 2.77 -69.09
CA ALA A 14 1.12 1.98 -69.97
C ALA A 14 -0.08 1.44 -69.17
N PRO A 15 -1.18 1.03 -69.83
CA PRO A 15 -2.37 0.55 -69.12
C PRO A 15 -2.11 -0.67 -68.25
N VAL A 16 -2.86 -0.81 -67.16
CA VAL A 16 -2.75 -1.98 -66.27
C VAL A 16 -4.11 -2.61 -65.95
N GLU A 17 -4.11 -3.95 -65.87
CA GLU A 17 -5.30 -4.76 -65.62
C GLU A 17 -5.49 -4.98 -64.13
N LEU A 18 -6.60 -4.46 -63.58
CA LEU A 18 -6.96 -4.62 -62.18
C LEU A 18 -8.23 -5.46 -62.07
N PRO A 19 -8.19 -6.60 -61.36
CA PRO A 19 -9.39 -7.42 -61.20
C PRO A 19 -10.41 -6.75 -60.28
N VAL A 20 -11.63 -6.54 -60.80
CA VAL A 20 -12.73 -5.97 -60.03
C VAL A 20 -13.56 -7.05 -59.36
N LEU A 21 -13.49 -7.11 -58.03
CA LEU A 21 -14.27 -8.06 -57.23
C LEU A 21 -15.54 -7.60 -56.52
N SER A 22 -16.60 -8.42 -56.58
CA SER A 22 -17.92 -8.08 -56.05
C SER A 22 -18.08 -8.85 -54.74
N GLY A 23 -19.10 -8.47 -53.96
CA GLY A 23 -19.43 -9.11 -52.71
C GLY A 23 -20.87 -9.60 -52.69
N THR A 24 -21.29 -10.13 -51.55
CA THR A 24 -22.66 -10.63 -51.35
C THR A 24 -23.67 -9.49 -51.45
N MET A 25 -23.28 -8.30 -50.99
CA MET A 25 -24.03 -7.06 -51.21
C MET A 25 -23.15 -5.84 -50.95
N GLY A 26 -23.64 -4.67 -51.38
CA GLY A 26 -22.86 -3.45 -51.39
C GLY A 26 -22.19 -3.25 -52.74
N PRO A 27 -21.23 -2.31 -52.86
CA PRO A 27 -20.58 -2.02 -54.14
C PRO A 27 -19.49 -3.05 -54.50
N ASP A 28 -19.05 -3.01 -55.75
CA ASP A 28 -17.91 -3.78 -56.22
C ASP A 28 -16.62 -3.09 -55.78
N VAL A 29 -15.52 -3.86 -55.78
CA VAL A 29 -14.22 -3.38 -55.32
C VAL A 29 -13.16 -3.70 -56.38
N VAL A 30 -12.22 -2.76 -56.57
CA VAL A 30 -11.18 -2.85 -57.58
C VAL A 30 -9.84 -3.17 -56.94
N ASP A 31 -9.33 -4.40 -57.17
CA ASP A 31 -8.09 -4.89 -56.58
C ASP A 31 -6.88 -4.05 -57.05
N VAL A 32 -6.29 -3.30 -56.13
CA VAL A 32 -5.16 -2.41 -56.45
C VAL A 32 -3.81 -2.90 -55.91
N ARG A 33 -3.75 -4.18 -55.51
CA ARG A 33 -2.50 -4.79 -55.00
C ARG A 33 -1.40 -4.86 -56.06
N GLY A 34 -1.78 -4.88 -57.34
CA GLY A 34 -0.86 -4.88 -58.46
C GLY A 34 -0.15 -3.55 -58.70
N LEU A 35 -0.66 -2.46 -58.10
CA LEU A 35 -0.15 -1.10 -58.33
C LEU A 35 1.34 -0.93 -58.02
N THR A 36 1.78 -1.42 -56.85
CA THR A 36 3.16 -1.30 -56.40
C THR A 36 4.14 -1.93 -57.40
N ALA A 37 3.67 -2.97 -58.11
CA ALA A 37 4.43 -3.61 -59.19
C ALA A 37 4.68 -2.65 -60.35
N THR A 38 3.66 -1.84 -60.71
CA THR A 38 3.76 -0.87 -61.80
C THR A 38 4.45 0.44 -61.39
N GLY A 39 4.76 0.58 -60.09
CA GLY A 39 5.49 1.72 -59.55
C GLY A 39 4.61 2.90 -59.20
N HIS A 40 3.41 2.60 -58.66
CA HIS A 40 2.47 3.62 -58.21
C HIS A 40 1.73 3.15 -56.96
N PHE A 41 1.13 4.10 -56.25
CA PHE A 41 0.19 3.82 -55.16
C PHE A 41 -1.13 4.52 -55.44
N THR A 42 -2.17 4.14 -54.69
CA THR A 42 -3.40 4.91 -54.61
C THR A 42 -3.18 5.97 -53.53
N PHE A 43 -3.94 7.07 -53.58
CA PHE A 43 -3.92 8.10 -52.54
C PHE A 43 -5.30 8.16 -51.93
N ASP A 44 -5.37 7.98 -50.60
CA ASP A 44 -6.63 7.93 -49.88
C ASP A 44 -6.53 8.40 -48.43
N PRO A 45 -6.43 9.72 -48.18
CA PRO A 45 -6.58 10.27 -46.84
C PRO A 45 -7.82 9.75 -46.11
N GLY A 46 -7.60 9.07 -44.97
CA GLY A 46 -8.67 8.52 -44.16
C GLY A 46 -9.25 7.20 -44.64
N PHE A 47 -8.67 6.64 -45.71
CA PHE A 47 -9.09 5.36 -46.30
C PHE A 47 -10.57 5.31 -46.68
N MET A 48 -11.17 6.47 -46.99
CA MET A 48 -12.61 6.60 -47.21
C MET A 48 -13.11 5.93 -48.49
N SER A 49 -12.19 5.62 -49.42
CA SER A 49 -12.47 4.91 -50.65
C SER A 49 -11.67 3.61 -50.81
N THR A 50 -10.96 3.23 -49.74
CA THR A 50 -10.12 2.03 -49.71
C THR A 50 -10.73 0.98 -48.78
N ALA A 51 -10.88 -0.24 -49.33
CA ALA A 51 -11.37 -1.41 -48.61
C ALA A 51 -10.17 -2.15 -48.04
N SER A 52 -10.13 -2.21 -46.70
CA SER A 52 -9.02 -2.83 -45.98
C SER A 52 -9.04 -4.36 -46.10
N CYS A 53 -10.24 -4.94 -46.22
CA CYS A 53 -10.43 -6.37 -46.02
C CYS A 53 -11.78 -6.91 -46.50
N GLU A 54 -11.90 -8.24 -46.48
CA GLU A 54 -13.17 -8.94 -46.58
C GLU A 54 -13.76 -9.07 -45.18
N SER A 55 -15.08 -8.94 -45.07
CA SER A 55 -15.80 -9.18 -43.82
C SER A 55 -17.19 -9.74 -44.09
N LYS A 56 -17.73 -10.48 -43.12
CA LYS A 56 -19.09 -11.01 -43.18
C LYS A 56 -19.81 -10.82 -41.84
N ILE A 57 -19.38 -9.81 -41.08
CA ILE A 57 -19.90 -9.52 -39.76
C ILE A 57 -21.04 -8.52 -39.85
N THR A 58 -20.72 -7.26 -40.19
CA THR A 58 -21.68 -6.17 -40.23
C THR A 58 -21.66 -5.47 -41.60
N TYR A 59 -22.85 -5.26 -42.16
CA TYR A 59 -23.05 -4.51 -43.39
C TYR A 59 -23.93 -3.29 -43.15
N ILE A 60 -23.57 -2.18 -43.80
CA ILE A 60 -24.21 -0.89 -43.66
C ILE A 60 -24.50 -0.26 -45.03
N ASP A 61 -25.68 0.36 -45.14
CA ASP A 61 -26.07 1.19 -46.28
C ASP A 61 -26.87 2.38 -45.73
N GLY A 62 -26.15 3.50 -45.51
CA GLY A 62 -26.72 4.70 -44.91
C GLY A 62 -27.89 5.29 -45.66
N ASP A 63 -27.74 5.40 -46.99
CA ASP A 63 -28.78 5.93 -47.88
C ASP A 63 -30.13 5.22 -47.69
N LYS A 64 -30.08 3.89 -47.57
CA LYS A 64 -31.28 3.05 -47.42
C LYS A 64 -31.73 2.86 -45.97
N GLY A 65 -30.89 3.29 -45.01
CA GLY A 65 -31.17 3.14 -43.59
C GLY A 65 -31.09 1.68 -43.17
N VAL A 66 -29.99 1.02 -43.57
CA VAL A 66 -29.77 -0.40 -43.35
C VAL A 66 -28.49 -0.63 -42.56
N LEU A 67 -28.61 -1.39 -41.47
CA LEU A 67 -27.49 -1.84 -40.64
C LEU A 67 -27.83 -3.24 -40.20
N LEU A 68 -27.04 -4.24 -40.63
CA LEU A 68 -27.33 -5.63 -40.28
C LEU A 68 -26.13 -6.48 -39.89
N HIS A 69 -26.27 -7.19 -38.76
CA HIS A 69 -25.25 -8.08 -38.23
C HIS A 69 -25.59 -9.51 -38.64
N ARG A 70 -24.70 -10.12 -39.43
CA ARG A 70 -24.85 -11.49 -39.91
C ARG A 70 -26.16 -11.67 -40.71
N GLY A 71 -26.58 -10.60 -41.38
CA GLY A 71 -27.82 -10.57 -42.15
C GLY A 71 -29.05 -10.07 -41.39
N TYR A 72 -29.00 -10.14 -40.06
CA TYR A 72 -30.12 -9.74 -39.21
C TYR A 72 -30.12 -8.22 -39.03
N PRO A 73 -31.23 -7.52 -39.35
CA PRO A 73 -31.33 -6.08 -39.10
C PRO A 73 -31.22 -5.73 -37.62
N ILE A 74 -30.56 -4.60 -37.35
CA ILE A 74 -30.31 -4.12 -35.98
C ILE A 74 -31.61 -3.92 -35.19
N GLU A 75 -32.65 -3.39 -35.85
CA GLU A 75 -33.93 -3.10 -35.21
C GLU A 75 -34.62 -4.37 -34.70
N GLN A 76 -34.49 -5.46 -35.46
CA GLN A 76 -35.09 -6.76 -35.10
C GLN A 76 -34.41 -7.35 -33.87
N LEU A 77 -33.06 -7.34 -33.89
CA LEU A 77 -32.26 -7.81 -32.77
C LEU A 77 -32.57 -7.01 -31.50
N ALA A 78 -32.60 -5.67 -31.64
CA ALA A 78 -32.89 -4.76 -30.54
C ALA A 78 -34.28 -5.01 -29.95
N GLU A 79 -35.27 -5.23 -30.83
CA GLU A 79 -36.65 -5.49 -30.44
C GLU A 79 -36.86 -6.86 -29.79
N LYS A 80 -36.15 -7.88 -30.30
CA LYS A 80 -36.37 -9.27 -29.89
C LYS A 80 -35.29 -9.85 -28.96
N SER A 81 -34.08 -10.06 -29.49
CA SER A 81 -32.99 -10.70 -28.75
C SER A 81 -32.40 -9.80 -27.66
N ASP A 82 -31.43 -10.34 -26.91
CA ASP A 82 -30.70 -9.62 -25.87
C ASP A 82 -29.24 -9.39 -26.31
N TYR A 83 -28.46 -8.73 -25.44
CA TYR A 83 -27.07 -8.39 -25.74
C TYR A 83 -26.19 -9.61 -25.91
N LEU A 84 -26.31 -10.58 -24.99
CA LEU A 84 -25.48 -11.78 -25.03
C LEU A 84 -25.81 -12.69 -26.23
N GLU A 85 -27.09 -12.73 -26.62
CA GLU A 85 -27.51 -13.41 -27.84
C GLU A 85 -26.88 -12.74 -29.07
N THR A 86 -26.90 -11.40 -29.08
CA THR A 86 -26.28 -10.61 -30.14
C THR A 86 -24.76 -10.79 -30.17
N CYS A 87 -24.15 -10.90 -28.98
CA CYS A 87 -22.73 -11.20 -28.84
C CYS A 87 -22.42 -12.53 -29.50
N TYR A 88 -23.19 -13.56 -29.15
CA TYR A 88 -23.06 -14.88 -29.75
C TYR A 88 -23.16 -14.83 -31.27
N LEU A 89 -24.10 -14.02 -31.77
CA LEU A 89 -24.32 -13.84 -33.21
C LEU A 89 -23.07 -13.27 -33.88
N LEU A 90 -22.57 -12.16 -33.33
CA LEU A 90 -21.40 -11.47 -33.85
C LEU A 90 -20.15 -12.35 -33.86
N LEU A 91 -19.99 -13.18 -32.82
CA LEU A 91 -18.82 -14.03 -32.65
C LEU A 91 -18.86 -15.30 -33.52
N ASN A 92 -20.01 -15.98 -33.54
CA ASN A 92 -20.16 -17.31 -34.12
C ASN A 92 -20.81 -17.36 -35.50
N GLY A 93 -21.53 -16.29 -35.88
CA GLY A 93 -22.08 -16.14 -37.21
C GLY A 93 -23.56 -16.50 -37.38
N GLU A 94 -24.11 -17.24 -36.43
CA GLU A 94 -25.54 -17.55 -36.38
C GLU A 94 -26.08 -17.37 -34.98
N LEU A 95 -27.40 -17.29 -34.86
CA LEU A 95 -28.07 -17.18 -33.56
C LEU A 95 -27.97 -18.52 -32.84
N PRO A 96 -27.89 -18.53 -31.48
CA PRO A 96 -27.72 -19.77 -30.73
C PRO A 96 -29.02 -20.53 -30.50
N THR A 97 -28.89 -21.85 -30.30
CA THR A 97 -29.95 -22.67 -29.73
C THR A 97 -29.99 -22.37 -28.24
N ALA A 98 -30.99 -22.94 -27.54
CA ALA A 98 -31.09 -22.80 -26.10
C ALA A 98 -29.87 -23.41 -25.40
N ALA A 99 -29.40 -24.54 -25.93
CA ALA A 99 -28.20 -25.23 -25.45
C ALA A 99 -26.96 -24.37 -25.60
N GLN A 100 -26.73 -23.88 -26.82
CA GLN A 100 -25.61 -22.99 -27.15
C GLN A 100 -25.65 -21.71 -26.29
N LYS A 101 -26.85 -21.13 -26.16
CA LYS A 101 -27.09 -19.94 -25.36
C LYS A 101 -26.74 -20.19 -23.89
N GLU A 102 -27.33 -21.25 -23.31
CA GLU A 102 -27.06 -21.63 -21.92
C GLU A 102 -25.56 -21.70 -21.64
N GLN A 103 -24.85 -22.46 -22.47
CA GLN A 103 -23.42 -22.67 -22.32
C GLN A 103 -22.60 -21.36 -22.43
N PHE A 104 -22.98 -20.52 -23.40
CA PHE A 104 -22.31 -19.25 -23.66
C PHE A 104 -22.48 -18.29 -22.47
N VAL A 105 -23.73 -18.11 -22.04
CA VAL A 105 -24.04 -17.26 -20.88
C VAL A 105 -23.31 -17.77 -19.65
N GLY A 106 -23.26 -19.09 -19.47
CA GLY A 106 -22.53 -19.74 -18.39
C GLY A 106 -21.07 -19.34 -18.33
N THR A 107 -20.38 -19.48 -19.46
CA THR A 107 -18.97 -19.13 -19.61
C THR A 107 -18.72 -17.65 -19.28
N ILE A 108 -19.55 -16.79 -19.86
CA ILE A 108 -19.48 -15.35 -19.62
C ILE A 108 -19.60 -15.05 -18.13
N LYS A 109 -20.51 -15.73 -17.45
CA LYS A 109 -20.68 -15.58 -15.99
C LYS A 109 -19.50 -16.12 -15.20
N ASN A 110 -18.82 -17.14 -15.74
CA ASN A 110 -17.60 -17.70 -15.13
C ASN A 110 -16.44 -16.72 -15.15
N HIS A 111 -16.32 -15.94 -16.22
CA HIS A 111 -15.19 -15.01 -16.39
C HIS A 111 -15.39 -13.57 -15.85
N THR A 112 -16.58 -13.29 -15.28
CA THR A 112 -16.95 -11.93 -14.85
C THR A 112 -16.09 -11.34 -13.72
N MET A 113 -15.58 -12.18 -12.82
CA MET A 113 -14.72 -11.71 -11.73
C MET A 113 -13.34 -11.32 -12.26
N VAL A 114 -12.80 -10.24 -11.69
CA VAL A 114 -11.51 -9.68 -12.08
C VAL A 114 -10.47 -10.00 -11.01
N HIS A 115 -9.23 -10.23 -11.46
CA HIS A 115 -8.09 -10.59 -10.61
C HIS A 115 -7.79 -9.47 -9.59
N GLU A 116 -7.77 -9.82 -8.30
CA GLU A 116 -7.60 -8.87 -7.19
C GLU A 116 -6.40 -7.94 -7.32
N GLN A 117 -5.34 -8.40 -8.00
CA GLN A 117 -4.15 -7.60 -8.28
C GLN A 117 -4.51 -6.28 -8.97
N LEU A 118 -5.47 -6.33 -9.91
CA LEU A 118 -5.88 -5.15 -10.67
C LEU A 118 -6.41 -4.00 -9.81
N LYS A 119 -7.03 -4.32 -8.66
CA LYS A 119 -7.50 -3.31 -7.72
C LYS A 119 -6.41 -2.28 -7.38
N THR A 120 -5.18 -2.77 -7.15
CA THR A 120 -4.03 -1.92 -6.80
C THR A 120 -3.56 -1.05 -7.96
N PHE A 121 -3.91 -1.46 -9.19
CA PHE A 121 -3.64 -0.71 -10.41
C PHE A 121 -4.32 0.65 -10.38
N PHE A 122 -5.61 0.65 -10.03
CA PHE A 122 -6.43 1.86 -9.95
C PHE A 122 -5.83 2.89 -8.99
N ASN A 123 -5.20 2.41 -7.92
CA ASN A 123 -4.53 3.26 -6.93
C ASN A 123 -3.36 4.06 -7.50
N GLY A 124 -2.93 3.70 -8.72
CA GLY A 124 -1.95 4.45 -9.49
C GLY A 124 -2.51 5.63 -10.27
N PHE A 125 -3.84 5.79 -10.24
CA PHE A 125 -4.51 6.91 -10.90
C PHE A 125 -4.98 7.95 -9.88
N ARG A 126 -5.25 9.16 -10.38
CA ARG A 126 -5.96 10.18 -9.65
C ARG A 126 -7.43 9.82 -9.80
N ARG A 127 -8.22 9.99 -8.74
CA ARG A 127 -9.64 9.66 -8.77
C ARG A 127 -10.43 10.50 -9.78
N ASP A 128 -9.95 11.74 -10.01
CA ASP A 128 -10.51 12.64 -11.02
C ASP A 128 -10.02 12.35 -12.46
N ALA A 129 -9.17 11.34 -12.62
CA ALA A 129 -8.63 10.95 -13.93
C ALA A 129 -9.75 10.51 -14.85
N HIS A 130 -9.54 10.67 -16.17
CA HIS A 130 -10.56 10.39 -17.16
C HIS A 130 -10.84 8.88 -17.24
N PRO A 131 -12.12 8.46 -17.12
CA PRO A 131 -12.48 7.04 -17.18
C PRO A 131 -11.83 6.28 -18.33
N MET A 132 -11.83 6.87 -19.53
CA MET A 132 -11.26 6.24 -20.73
C MET A 132 -9.74 6.05 -20.64
N ALA A 133 -9.06 6.98 -19.95
CA ALA A 133 -7.64 6.84 -19.65
C ALA A 133 -7.45 5.62 -18.75
N VAL A 134 -8.27 5.55 -17.69
CA VAL A 134 -8.22 4.44 -16.74
C VAL A 134 -8.44 3.11 -17.45
N MET A 135 -9.47 3.04 -18.29
CA MET A 135 -9.80 1.85 -19.08
C MET A 135 -8.64 1.44 -19.99
N CYS A 136 -8.13 2.41 -20.75
CA CYS A 136 -7.00 2.22 -21.66
C CYS A 136 -5.80 1.62 -20.95
N GLY A 137 -5.51 2.11 -19.73
CA GLY A 137 -4.44 1.58 -18.91
C GLY A 137 -4.73 0.19 -18.38
N VAL A 138 -5.89 0.05 -17.72
CA VAL A 138 -6.26 -1.16 -16.99
C VAL A 138 -6.32 -2.38 -17.91
N ILE A 139 -7.12 -2.31 -18.99
CA ILE A 139 -7.26 -3.45 -19.90
C ILE A 139 -6.01 -3.66 -20.76
N GLY A 140 -5.20 -2.61 -20.88
CA GLY A 140 -3.87 -2.70 -21.48
C GLY A 140 -2.95 -3.54 -20.62
N ALA A 141 -3.15 -3.47 -19.30
CA ALA A 141 -2.40 -4.27 -18.34
C ALA A 141 -2.89 -5.71 -18.22
N LEU A 142 -4.14 -5.98 -18.62
CA LEU A 142 -4.70 -7.33 -18.63
C LEU A 142 -3.86 -8.28 -19.47
N SER A 143 -3.25 -7.73 -20.53
CA SER A 143 -2.31 -8.44 -21.39
C SER A 143 -1.35 -9.29 -20.57
N ALA A 144 -0.72 -8.67 -19.57
CA ALA A 144 0.22 -9.33 -18.67
C ALA A 144 -0.34 -10.56 -17.96
N PHE A 145 -1.64 -10.54 -17.67
CA PHE A 145 -2.33 -11.61 -16.95
C PHE A 145 -2.76 -12.78 -17.84
N TYR A 146 -3.18 -12.48 -19.08
CA TYR A 146 -3.57 -13.51 -20.04
C TYR A 146 -2.72 -13.43 -21.31
N HIS A 147 -1.46 -13.87 -21.22
CA HIS A 147 -0.49 -13.81 -22.33
C HIS A 147 0.37 -15.07 -22.51
N ASP A 148 0.79 -15.67 -21.39
CA ASP A 148 1.73 -16.79 -21.40
C ASP A 148 1.19 -18.03 -22.10
N SER A 149 -0.04 -18.44 -21.73
CA SER A 149 -0.75 -19.52 -22.41
C SER A 149 -1.13 -19.09 -23.82
N LEU A 150 -1.75 -17.90 -23.92
CA LEU A 150 -2.34 -17.37 -25.15
C LEU A 150 -1.52 -17.60 -26.42
N ASP A 151 -2.05 -18.46 -27.30
CA ASP A 151 -1.56 -18.69 -28.64
C ASP A 151 -2.54 -18.00 -29.58
N ILE A 152 -2.12 -16.83 -30.08
CA ILE A 152 -2.92 -16.01 -31.00
C ILE A 152 -3.49 -16.77 -32.21
N ASN A 153 -2.80 -17.84 -32.65
CA ASN A 153 -3.22 -18.63 -33.81
C ASN A 153 -4.19 -19.77 -33.49
N ASN A 154 -4.26 -20.16 -32.20
CA ASN A 154 -5.18 -21.20 -31.74
C ASN A 154 -6.59 -20.66 -31.52
N PRO A 155 -7.61 -21.17 -32.25
CA PRO A 155 -8.97 -20.63 -32.17
C PRO A 155 -9.63 -20.79 -30.80
N LYS A 156 -9.21 -21.80 -30.03
CA LYS A 156 -9.69 -22.00 -28.66
C LYS A 156 -9.27 -20.84 -27.75
N HIS A 157 -8.03 -20.39 -27.92
CA HIS A 157 -7.46 -19.28 -27.18
C HIS A 157 -8.15 -17.96 -27.57
N ARG A 158 -8.39 -17.79 -28.87
CA ARG A 158 -9.15 -16.64 -29.38
C ARG A 158 -10.55 -16.57 -28.77
N GLU A 159 -11.22 -17.73 -28.73
CA GLU A 159 -12.57 -17.88 -28.17
C GLU A 159 -12.62 -17.49 -26.70
N VAL A 160 -11.72 -18.06 -25.91
CA VAL A 160 -11.68 -17.81 -24.47
C VAL A 160 -11.26 -16.35 -24.17
N SER A 161 -10.40 -15.78 -25.03
CA SER A 161 -10.02 -14.38 -24.92
C SER A 161 -11.21 -13.45 -25.13
N ALA A 162 -12.04 -13.76 -26.14
CA ALA A 162 -13.26 -13.01 -26.42
C ALA A 162 -14.23 -13.06 -25.25
N HIS A 163 -14.44 -14.26 -24.70
CA HIS A 163 -15.31 -14.47 -23.54
C HIS A 163 -14.81 -13.66 -22.34
N ARG A 164 -13.51 -13.79 -22.03
CA ARG A 164 -12.86 -13.03 -20.94
C ARG A 164 -13.15 -11.54 -21.05
N LEU A 165 -12.95 -10.99 -22.25
CA LEU A 165 -13.17 -9.57 -22.50
C LEU A 165 -14.62 -9.16 -22.30
N ILE A 166 -15.54 -9.86 -22.96
CA ILE A 166 -16.98 -9.57 -22.88
C ILE A 166 -17.49 -9.65 -21.43
N ALA A 167 -16.90 -10.55 -20.65
CA ALA A 167 -17.28 -10.79 -19.25
C ALA A 167 -16.70 -9.78 -18.27
N LYS A 168 -15.44 -9.38 -18.49
CA LYS A 168 -14.70 -8.53 -17.56
C LYS A 168 -14.94 -7.05 -17.75
N MET A 169 -15.15 -6.63 -19.00
CA MET A 169 -15.31 -5.21 -19.33
C MET A 169 -16.32 -4.50 -18.44
N PRO A 170 -17.53 -5.08 -18.18
CA PRO A 170 -18.50 -4.48 -17.26
C PRO A 170 -17.99 -4.30 -15.84
N THR A 171 -17.33 -5.33 -15.32
CA THR A 171 -16.73 -5.31 -13.99
C THR A 171 -15.69 -4.20 -13.87
N ILE A 172 -14.85 -4.05 -14.91
CA ILE A 172 -13.82 -3.02 -14.94
C ILE A 172 -14.44 -1.62 -15.01
N ALA A 173 -15.37 -1.44 -15.96
CA ALA A 173 -16.12 -0.19 -16.13
C ALA A 173 -16.75 0.26 -14.81
N ALA A 174 -17.35 -0.70 -14.09
CA ALA A 174 -17.92 -0.48 -12.77
C ALA A 174 -16.87 0.00 -11.79
N MET A 175 -15.72 -0.68 -11.77
CA MET A 175 -14.61 -0.33 -10.89
C MET A 175 -14.12 1.10 -11.09
N VAL A 176 -14.08 1.54 -12.36
CA VAL A 176 -13.69 2.90 -12.72
C VAL A 176 -14.64 3.89 -12.04
N TYR A 177 -15.94 3.69 -12.24
CA TYR A 177 -16.96 4.55 -11.66
C TYR A 177 -16.87 4.59 -10.13
N LYS A 178 -16.89 3.40 -9.52
CA LYS A 178 -16.83 3.27 -8.06
C LYS A 178 -15.57 3.91 -7.49
N TYR A 179 -14.48 3.87 -8.25
CA TYR A 179 -13.21 4.47 -7.86
C TYR A 179 -13.26 6.00 -7.91
N SER A 180 -13.75 6.54 -9.03
CA SER A 180 -13.90 7.98 -9.20
C SER A 180 -14.71 8.60 -8.06
N LYS A 181 -15.74 7.87 -7.63
CA LYS A 181 -16.66 8.29 -6.57
C LYS A 181 -16.00 8.23 -5.19
N GLY A 182 -15.07 7.29 -5.01
CA GLY A 182 -14.46 7.01 -3.72
C GLY A 182 -15.29 6.04 -2.91
N GLU A 183 -16.14 5.28 -3.60
CA GLU A 183 -16.97 4.23 -3.00
C GLU A 183 -16.24 2.89 -3.13
N PRO A 184 -16.59 1.88 -2.31
CA PRO A 184 -15.95 0.57 -2.40
C PRO A 184 -16.41 -0.20 -3.64
N MET A 185 -15.47 -0.85 -4.33
CA MET A 185 -15.71 -1.51 -5.60
C MET A 185 -16.54 -2.77 -5.39
N MET A 186 -17.52 -2.99 -6.27
CA MET A 186 -18.47 -4.09 -6.17
C MET A 186 -18.07 -5.29 -7.03
N TYR A 187 -18.45 -6.48 -6.56
CA TYR A 187 -18.21 -7.76 -7.24
C TYR A 187 -19.45 -8.13 -8.05
N PRO A 188 -19.33 -9.02 -9.06
CA PRO A 188 -20.48 -9.44 -9.85
C PRO A 188 -21.38 -10.42 -9.10
N ARG A 189 -22.58 -10.67 -9.63
CA ARG A 189 -23.53 -11.64 -9.09
C ARG A 189 -24.06 -12.57 -10.19
N ASN A 190 -23.87 -13.88 -9.99
CA ASN A 190 -24.30 -14.90 -10.95
C ASN A 190 -25.81 -15.04 -11.09
N ASP A 191 -26.55 -14.50 -10.13
CA ASP A 191 -28.02 -14.51 -10.15
C ASP A 191 -28.65 -13.31 -10.88
N LEU A 192 -27.81 -12.47 -11.49
CA LEU A 192 -28.25 -11.32 -12.28
C LEU A 192 -27.75 -11.45 -13.72
N ASN A 193 -28.61 -11.05 -14.68
CA ASN A 193 -28.23 -11.01 -16.09
C ASN A 193 -27.23 -9.88 -16.37
N TYR A 194 -26.62 -9.91 -17.56
CA TYR A 194 -25.56 -8.98 -17.96
C TYR A 194 -25.85 -7.53 -17.57
N ALA A 195 -26.96 -6.99 -18.10
CA ALA A 195 -27.35 -5.60 -17.88
C ALA A 195 -27.62 -5.33 -16.39
N GLU A 196 -28.44 -6.18 -15.76
CA GLU A 196 -28.71 -6.10 -14.33
C GLU A 196 -27.42 -6.02 -13.54
N ASN A 197 -26.53 -6.99 -13.80
CA ASN A 197 -25.24 -7.09 -13.13
C ASN A 197 -24.48 -5.78 -13.23
N PHE A 198 -24.38 -5.24 -14.45
CA PHE A 198 -23.68 -3.98 -14.68
C PHE A 198 -24.21 -2.85 -13.77
N LEU A 199 -25.54 -2.66 -13.80
CA LEU A 199 -26.20 -1.62 -13.00
C LEU A 199 -26.00 -1.83 -11.50
N HIS A 200 -26.02 -3.10 -11.07
CA HIS A 200 -25.74 -3.49 -9.69
C HIS A 200 -24.34 -3.05 -9.29
N MET A 201 -23.33 -3.50 -10.05
CA MET A 201 -21.93 -3.16 -9.80
C MET A 201 -21.69 -1.65 -9.82
N MET A 202 -22.48 -0.94 -10.63
CA MET A 202 -22.38 0.50 -10.79
C MET A 202 -22.88 1.25 -9.55
N PHE A 203 -24.14 0.97 -9.16
CA PHE A 203 -24.86 1.82 -8.22
C PHE A 203 -25.12 1.24 -6.82
N ASN A 204 -25.28 -0.08 -6.72
CA ASN A 204 -25.44 -0.74 -5.42
C ASN A 204 -24.16 -0.66 -4.59
N THR A 205 -24.30 -0.90 -3.28
CA THR A 205 -23.21 -0.85 -2.33
C THR A 205 -23.20 -2.12 -1.49
N PRO A 206 -22.15 -2.38 -0.68
CA PRO A 206 -22.22 -3.37 0.38
C PRO A 206 -23.09 -2.89 1.56
N CYS A 207 -23.35 -1.57 1.59
CA CYS A 207 -24.30 -0.93 2.52
C CYS A 207 -25.73 -1.46 2.35
N GLU A 208 -26.27 -1.36 1.13
CA GLU A 208 -27.57 -1.95 0.78
C GLU A 208 -27.62 -2.47 -0.67
N THR A 209 -27.86 -3.78 -0.80
CA THR A 209 -27.93 -4.47 -2.09
C THR A 209 -29.41 -4.61 -2.51
N LYS A 210 -29.97 -3.53 -3.07
CA LYS A 210 -31.37 -3.47 -3.49
C LYS A 210 -31.54 -3.90 -4.94
N PRO A 211 -32.72 -4.43 -5.35
CA PRO A 211 -32.89 -5.01 -6.69
C PRO A 211 -32.92 -3.98 -7.81
N ILE A 212 -32.58 -4.44 -9.02
CA ILE A 212 -32.44 -3.59 -10.21
C ILE A 212 -33.75 -3.54 -10.99
N SER A 213 -34.09 -2.34 -11.48
CA SER A 213 -35.28 -2.14 -12.31
C SER A 213 -35.18 -2.91 -13.62
N PRO A 214 -36.19 -3.73 -13.96
CA PRO A 214 -36.17 -4.48 -15.23
C PRO A 214 -36.26 -3.53 -16.44
N VAL A 215 -36.94 -2.40 -16.27
CA VAL A 215 -37.05 -1.37 -17.30
C VAL A 215 -35.69 -0.77 -17.62
N LEU A 216 -34.97 -0.33 -16.58
CA LEU A 216 -33.63 0.25 -16.73
C LEU A 216 -32.64 -0.76 -17.30
N ALA A 217 -32.66 -1.99 -16.73
CA ALA A 217 -31.80 -3.07 -17.19
C ALA A 217 -32.00 -3.36 -18.67
N LYS A 218 -33.27 -3.48 -19.09
CA LYS A 218 -33.62 -3.74 -20.48
C LYS A 218 -33.18 -2.60 -21.40
N ALA A 219 -33.40 -1.35 -20.95
CA ALA A 219 -32.96 -0.16 -21.67
C ALA A 219 -31.45 -0.17 -21.91
N MET A 220 -30.71 -0.50 -20.85
CA MET A 220 -29.26 -0.60 -20.90
C MET A 220 -28.82 -1.67 -21.90
N ASP A 221 -29.40 -2.86 -21.78
CA ASP A 221 -29.15 -3.98 -22.69
C ASP A 221 -29.28 -3.63 -24.17
N ARG A 222 -30.34 -2.90 -24.51
CA ARG A 222 -30.59 -2.42 -25.87
C ARG A 222 -29.55 -1.40 -26.33
N ILE A 223 -29.16 -0.51 -25.40
CA ILE A 223 -28.09 0.46 -25.66
C ILE A 223 -26.84 -0.33 -26.06
N PHE A 224 -26.54 -1.40 -25.31
CA PHE A 224 -25.40 -2.28 -25.63
C PHE A 224 -25.56 -2.90 -27.01
N ILE A 225 -26.74 -3.47 -27.29
CA ILE A 225 -27.03 -4.07 -28.59
C ILE A 225 -26.78 -3.06 -29.72
N LEU A 226 -27.30 -1.84 -29.54
CA LEU A 226 -27.24 -0.80 -30.57
C LEU A 226 -25.85 -0.16 -30.75
N HIS A 227 -24.88 -0.55 -29.92
CA HIS A 227 -23.48 -0.12 -30.04
C HIS A 227 -22.51 -1.31 -30.21
N ALA A 228 -23.06 -2.51 -30.46
CA ALA A 228 -22.30 -3.76 -30.47
C ALA A 228 -21.18 -3.76 -31.51
N ASP A 229 -21.53 -3.37 -32.74
CA ASP A 229 -20.56 -3.20 -33.82
C ASP A 229 -21.11 -2.24 -34.87
N HIS A 230 -20.21 -1.54 -35.56
CA HIS A 230 -20.59 -0.61 -36.62
C HIS A 230 -19.56 -0.66 -37.75
N GLU A 231 -19.38 -1.86 -38.33
CA GLU A 231 -18.57 -2.07 -39.51
C GLU A 231 -17.12 -1.63 -39.25
N GLN A 232 -16.43 -1.14 -40.29
CA GLN A 232 -15.09 -0.62 -40.16
C GLN A 232 -15.16 0.86 -39.77
N ASN A 233 -14.35 1.23 -38.77
CA ASN A 233 -14.27 2.59 -38.25
C ASN A 233 -12.91 2.77 -37.58
N ALA A 234 -12.63 4.00 -37.10
CA ALA A 234 -11.36 4.33 -36.46
C ALA A 234 -10.90 3.23 -35.49
N SER A 235 -11.75 2.93 -34.51
CA SER A 235 -11.42 2.01 -33.42
C SER A 235 -11.30 0.57 -33.93
N THR A 236 -12.34 0.09 -34.62
CA THR A 236 -12.38 -1.27 -35.18
C THR A 236 -11.14 -1.54 -36.03
N SER A 237 -10.84 -0.61 -36.94
CA SER A 237 -9.70 -0.72 -37.85
C SER A 237 -8.35 -0.59 -37.14
N THR A 238 -8.31 0.16 -36.03
CA THR A 238 -7.13 0.25 -35.18
C THR A 238 -6.82 -1.11 -34.56
N VAL A 239 -7.87 -1.78 -34.06
CA VAL A 239 -7.79 -3.12 -33.49
C VAL A 239 -7.23 -4.11 -34.52
N ARG A 240 -7.76 -4.03 -35.75
CA ARG A 240 -7.31 -4.88 -36.84
C ARG A 240 -5.86 -4.63 -37.22
N LEU A 241 -5.49 -3.36 -37.37
CA LEU A 241 -4.15 -2.95 -37.77
C LEU A 241 -3.10 -3.39 -36.75
N ALA A 242 -3.36 -3.10 -35.48
CA ALA A 242 -2.51 -3.55 -34.37
C ALA A 242 -2.41 -5.06 -34.36
N GLY A 243 -3.57 -5.74 -34.38
CA GLY A 243 -3.66 -7.19 -34.37
C GLY A 243 -2.92 -7.90 -35.49
N SER A 244 -2.76 -7.22 -36.63
CA SER A 244 -2.11 -7.77 -37.83
C SER A 244 -0.65 -8.16 -37.62
N SER A 245 0.00 -7.49 -36.65
CA SER A 245 1.40 -7.79 -36.29
C SER A 245 1.54 -9.07 -35.45
N GLY A 246 0.41 -9.65 -35.04
CA GLY A 246 0.36 -10.80 -34.17
C GLY A 246 0.29 -10.39 -32.71
N ALA A 247 -0.25 -9.19 -32.47
CA ALA A 247 -0.28 -8.58 -31.15
C ALA A 247 -1.35 -9.20 -30.27
N ASN A 248 -1.06 -9.25 -28.96
CA ASN A 248 -1.98 -9.74 -27.94
C ASN A 248 -3.35 -9.09 -28.08
N PRO A 249 -4.46 -9.86 -27.97
CA PRO A 249 -5.81 -9.31 -28.20
C PRO A 249 -6.17 -8.17 -27.26
N PHE A 250 -5.91 -8.36 -25.96
CA PHE A 250 -6.22 -7.36 -24.93
C PHE A 250 -5.55 -6.02 -25.23
N ALA A 251 -4.27 -6.09 -25.64
CA ALA A 251 -3.51 -4.91 -26.08
C ALA A 251 -4.21 -4.20 -27.24
N CYS A 252 -4.65 -5.00 -28.23
CA CYS A 252 -5.37 -4.47 -29.39
C CYS A 252 -6.66 -3.75 -29.01
N ILE A 253 -7.40 -4.34 -28.06
CA ILE A 253 -8.62 -3.74 -27.53
C ILE A 253 -8.27 -2.41 -26.85
N ALA A 254 -7.15 -2.38 -26.13
CA ALA A 254 -6.65 -1.16 -25.51
C ALA A 254 -6.37 -0.08 -26.55
N SER A 255 -5.86 -0.48 -27.72
CA SER A 255 -5.67 0.42 -28.86
C SER A 255 -7.02 0.97 -29.33
N GLY A 256 -8.02 0.10 -29.39
CA GLY A 256 -9.38 0.45 -29.76
C GLY A 256 -10.00 1.49 -28.84
N ILE A 257 -9.80 1.32 -27.53
CA ILE A 257 -10.28 2.24 -26.51
C ILE A 257 -9.61 3.61 -26.67
N ALA A 258 -8.28 3.59 -26.91
CA ALA A 258 -7.52 4.81 -27.17
C ALA A 258 -8.13 5.57 -28.35
N ALA A 259 -8.42 4.86 -29.44
CA ALA A 259 -9.01 5.45 -30.64
C ALA A 259 -10.42 6.00 -30.38
N LEU A 260 -11.26 5.20 -29.71
CA LEU A 260 -12.64 5.55 -29.40
C LEU A 260 -12.74 6.80 -28.52
N TRP A 261 -11.78 6.95 -27.61
CA TRP A 261 -11.66 8.08 -26.70
C TRP A 261 -11.69 9.42 -27.45
N GLY A 262 -11.04 9.45 -28.62
CA GLY A 262 -11.06 10.60 -29.52
C GLY A 262 -12.46 11.21 -29.62
N PRO A 263 -12.61 12.53 -29.36
CA PRO A 263 -13.92 13.18 -29.43
C PRO A 263 -14.71 12.90 -30.71
N ALA A 264 -14.00 12.83 -31.85
CA ALA A 264 -14.62 12.62 -33.16
C ALA A 264 -15.30 11.24 -33.28
N HIS A 265 -14.69 10.22 -32.68
CA HIS A 265 -15.18 8.84 -32.77
C HIS A 265 -16.34 8.57 -31.81
N GLY A 266 -16.12 8.87 -30.52
CA GLY A 266 -17.07 8.55 -29.47
C GLY A 266 -17.44 9.55 -28.39
N GLY A 267 -17.85 10.76 -28.82
CA GLY A 267 -18.17 11.86 -27.92
C GLY A 267 -19.47 12.58 -28.23
N ALA A 268 -20.37 11.88 -28.94
CA ALA A 268 -21.66 12.42 -29.36
C ALA A 268 -22.58 12.55 -28.14
N ASN A 269 -22.61 11.49 -27.32
CA ASN A 269 -23.36 11.47 -26.07
C ASN A 269 -22.98 12.62 -25.15
N GLU A 270 -21.68 12.94 -25.11
CA GLU A 270 -21.16 14.07 -24.33
C GLU A 270 -21.55 15.40 -24.98
N ALA A 271 -21.41 15.47 -26.31
CA ALA A 271 -21.70 16.67 -27.08
C ALA A 271 -23.14 17.15 -26.90
N VAL A 272 -24.10 16.23 -27.05
CA VAL A 272 -25.52 16.54 -26.90
C VAL A 272 -25.84 17.09 -25.51
N LEU A 273 -25.16 16.58 -24.48
CA LEU A 273 -25.32 17.07 -23.12
C LEU A 273 -24.76 18.47 -22.93
N ARG A 274 -23.60 18.75 -23.55
CA ARG A 274 -23.01 20.09 -23.57
C ARG A 274 -23.92 21.11 -24.25
N MET A 275 -24.66 20.65 -25.27
CA MET A 275 -25.66 21.47 -25.93
C MET A 275 -26.74 21.88 -24.94
N LEU A 276 -27.28 20.90 -24.21
CA LEU A 276 -28.31 21.13 -23.20
C LEU A 276 -27.83 22.02 -22.05
N ASP A 277 -26.55 21.91 -21.71
CA ASP A 277 -25.89 22.81 -20.75
C ASP A 277 -25.88 24.23 -21.30
N GLU A 278 -25.53 24.38 -22.58
CA GLU A 278 -25.52 25.67 -23.27
C GLU A 278 -26.91 26.32 -23.32
N ILE A 279 -27.95 25.51 -23.50
CA ILE A 279 -29.33 26.00 -23.46
C ILE A 279 -29.64 26.45 -22.03
N GLY A 280 -29.44 25.53 -21.08
CA GLY A 280 -29.63 25.78 -19.67
C GLY A 280 -31.07 25.57 -19.20
N ASP A 281 -31.94 26.50 -19.60
CA ASP A 281 -33.34 26.55 -19.18
C ASP A 281 -34.27 26.36 -20.38
N VAL A 282 -35.48 25.86 -20.10
CA VAL A 282 -36.55 25.75 -21.09
C VAL A 282 -36.93 27.12 -21.66
N SER A 283 -36.98 28.13 -20.77
CA SER A 283 -37.38 29.50 -21.11
C SER A 283 -36.72 30.06 -22.37
N ASN A 284 -35.43 29.74 -22.57
CA ASN A 284 -34.65 30.20 -23.72
C ASN A 284 -34.31 29.07 -24.72
N ILE A 285 -35.28 28.19 -24.99
CA ILE A 285 -35.16 27.18 -26.03
C ILE A 285 -35.22 27.84 -27.41
N ASP A 286 -36.27 28.64 -27.65
CA ASP A 286 -36.47 29.35 -28.92
C ASP A 286 -35.24 30.16 -29.32
N LYS A 287 -34.69 30.91 -28.35
CA LYS A 287 -33.46 31.68 -28.51
C LYS A 287 -32.36 30.86 -29.19
N PHE A 288 -32.04 29.70 -28.61
CA PHE A 288 -30.99 28.82 -29.11
C PHE A 288 -31.38 28.03 -30.37
N VAL A 289 -32.69 27.90 -30.62
CA VAL A 289 -33.21 27.29 -31.84
C VAL A 289 -32.87 28.18 -33.02
N GLU A 290 -33.25 29.47 -32.92
CA GLU A 290 -32.88 30.48 -33.91
C GLU A 290 -31.36 30.67 -34.01
N LYS A 291 -30.68 30.56 -32.86
CA LYS A 291 -29.22 30.62 -32.79
C LYS A 291 -28.57 29.49 -33.59
N ALA A 292 -29.20 28.31 -33.57
CA ALA A 292 -28.77 27.15 -34.34
C ALA A 292 -29.04 27.35 -35.82
N LYS A 293 -30.29 27.72 -36.14
CA LYS A 293 -30.75 27.98 -37.50
C LYS A 293 -29.92 29.07 -38.21
N ASP A 294 -29.36 29.99 -37.41
CA ASP A 294 -28.47 31.04 -37.93
C ASP A 294 -27.18 30.43 -38.47
N LYS A 295 -27.08 30.39 -39.80
CA LYS A 295 -25.91 29.89 -40.54
C LYS A 295 -24.62 30.57 -40.08
N ASN A 296 -24.72 31.88 -39.83
CA ASN A 296 -23.61 32.70 -39.36
C ASN A 296 -23.15 32.35 -37.93
N ASP A 297 -24.09 31.88 -37.10
CA ASP A 297 -23.78 31.53 -35.70
C ASP A 297 -23.18 30.13 -35.59
N PRO A 298 -21.99 29.97 -34.96
CA PRO A 298 -21.37 28.66 -34.76
C PRO A 298 -22.21 27.61 -34.02
N PHE A 299 -23.30 28.04 -33.36
CA PHE A 299 -24.22 27.15 -32.67
C PHE A 299 -24.99 26.31 -33.68
N LYS A 300 -25.04 25.00 -33.41
CA LYS A 300 -25.87 24.03 -34.14
C LYS A 300 -26.33 22.97 -33.14
N LEU A 301 -27.49 22.37 -33.42
CA LEU A 301 -28.03 21.31 -32.57
C LEU A 301 -27.20 20.04 -32.68
N MET A 302 -26.97 19.38 -31.54
CA MET A 302 -26.22 18.14 -31.45
C MET A 302 -27.19 16.97 -31.24
N GLY A 303 -26.88 15.82 -31.86
CA GLY A 303 -27.69 14.62 -31.79
C GLY A 303 -28.91 14.64 -32.70
N PHE A 304 -28.87 15.50 -33.72
CA PHE A 304 -29.92 15.61 -34.71
C PHE A 304 -29.37 15.37 -36.12
N GLY A 305 -29.96 14.39 -36.81
CA GLY A 305 -29.47 13.94 -38.10
C GLY A 305 -28.31 12.99 -37.95
N HIS A 306 -27.72 12.59 -39.08
CA HIS A 306 -26.58 11.67 -39.11
C HIS A 306 -25.89 11.78 -40.48
N ARG A 307 -24.55 11.71 -40.47
CA ARG A 307 -23.74 11.85 -41.69
C ARG A 307 -23.82 10.61 -42.61
N VAL A 308 -24.16 9.46 -42.03
CA VAL A 308 -24.34 8.21 -42.78
C VAL A 308 -25.83 7.95 -43.04
N TYR A 309 -26.60 7.79 -41.97
CA TYR A 309 -28.04 7.52 -42.04
C TYR A 309 -28.81 8.82 -42.23
N LYS A 310 -28.73 9.36 -43.45
CA LYS A 310 -29.20 10.70 -43.78
C LYS A 310 -30.71 10.85 -43.64
N ASN A 311 -31.46 9.86 -44.18
CA ASN A 311 -32.92 9.87 -44.16
C ASN A 311 -33.48 9.47 -42.79
N PHE A 312 -33.07 8.30 -42.30
CA PHE A 312 -33.45 7.81 -40.98
C PHE A 312 -32.50 6.74 -40.48
N ASP A 313 -32.30 6.70 -39.15
CA ASP A 313 -31.54 5.67 -38.47
C ASP A 313 -32.52 4.61 -37.99
N PRO A 314 -32.35 3.32 -38.39
CA PRO A 314 -33.30 2.27 -38.00
C PRO A 314 -33.37 2.05 -36.48
N ARG A 315 -32.32 2.48 -35.77
CA ARG A 315 -32.20 2.37 -34.33
C ARG A 315 -33.01 3.45 -33.60
N ALA A 316 -33.24 4.57 -34.28
CA ALA A 316 -33.88 5.76 -33.71
C ALA A 316 -35.23 5.46 -33.05
N LYS A 317 -36.09 4.71 -33.76
CA LYS A 317 -37.43 4.35 -33.29
C LYS A 317 -37.40 3.61 -31.94
N VAL A 318 -36.59 2.56 -31.90
CA VAL A 318 -36.43 1.72 -30.71
C VAL A 318 -35.85 2.53 -29.54
N MET A 319 -34.89 3.40 -29.86
CA MET A 319 -34.26 4.29 -28.89
C MET A 319 -35.29 5.27 -28.31
N LYS A 320 -36.14 5.82 -29.17
CA LYS A 320 -37.24 6.69 -28.74
C LYS A 320 -38.15 5.93 -27.76
N GLN A 321 -38.60 4.75 -28.18
CA GLN A 321 -39.41 3.87 -27.34
C GLN A 321 -38.78 3.68 -25.95
N THR A 322 -37.48 3.33 -25.95
CA THR A 322 -36.73 3.09 -24.73
C THR A 322 -36.63 4.33 -23.83
N CYS A 323 -36.37 5.48 -24.44
CA CYS A 323 -36.27 6.76 -23.74
C CYS A 323 -37.58 7.10 -23.05
N ASP A 324 -38.67 7.08 -23.82
CA ASP A 324 -40.01 7.34 -23.29
C ASP A 324 -40.39 6.38 -22.17
N GLU A 325 -40.00 5.11 -22.34
CA GLU A 325 -40.26 4.05 -21.35
C GLU A 325 -39.48 4.25 -20.04
N VAL A 326 -38.23 4.69 -20.15
CA VAL A 326 -37.36 4.98 -19.01
C VAL A 326 -37.89 6.19 -18.23
N LEU A 327 -38.11 7.29 -18.96
CA LEU A 327 -38.63 8.53 -18.38
C LEU A 327 -40.04 8.37 -17.81
N GLN A 328 -40.78 7.38 -18.30
CA GLN A 328 -42.06 6.99 -17.70
C GLN A 328 -41.87 6.51 -16.26
N GLU A 329 -40.79 5.76 -16.02
CA GLU A 329 -40.48 5.20 -14.70
C GLU A 329 -39.83 6.21 -13.75
N LEU A 330 -38.87 6.98 -14.28
CA LEU A 330 -38.11 7.96 -13.48
C LEU A 330 -38.82 9.31 -13.31
N GLY A 331 -39.55 9.72 -14.36
CA GLY A 331 -40.48 10.84 -14.30
C GLY A 331 -39.88 12.23 -14.42
N ILE A 332 -38.99 12.40 -15.41
CA ILE A 332 -38.40 13.71 -15.77
C ILE A 332 -38.36 14.72 -14.61
N ASN A 333 -37.59 14.38 -13.57
CA ASN A 333 -37.32 15.26 -12.43
C ASN A 333 -36.37 16.41 -12.81
N ASP A 334 -35.46 16.11 -13.75
CA ASP A 334 -34.38 17.02 -14.15
C ASP A 334 -34.87 18.03 -15.19
N PRO A 335 -34.55 19.33 -15.02
CA PRO A 335 -35.00 20.37 -15.95
C PRO A 335 -34.31 20.30 -17.30
N GLN A 336 -33.10 19.71 -17.33
CA GLN A 336 -32.34 19.48 -18.55
C GLN A 336 -32.97 18.38 -19.39
N LEU A 337 -33.48 17.34 -18.72
CA LEU A 337 -34.26 16.28 -19.36
C LEU A 337 -35.58 16.82 -19.94
N GLU A 338 -36.30 17.60 -19.11
CA GLU A 338 -37.51 18.30 -19.54
C GLU A 338 -37.22 19.11 -20.81
N LEU A 339 -36.17 19.94 -20.73
CA LEU A 339 -35.68 20.74 -21.85
C LEU A 339 -35.45 19.89 -23.09
N ALA A 340 -34.76 18.76 -22.91
CA ALA A 340 -34.41 17.83 -23.98
C ALA A 340 -35.63 17.29 -24.71
N MET A 341 -36.66 16.87 -23.96
CA MET A 341 -37.87 16.32 -24.55
C MET A 341 -38.71 17.36 -25.31
N LYS A 342 -38.66 18.62 -24.85
CA LYS A 342 -39.29 19.75 -25.55
C LYS A 342 -38.57 20.05 -26.87
N LEU A 343 -37.23 20.04 -26.82
CA LEU A 343 -36.38 20.22 -27.99
C LEU A 343 -36.68 19.14 -29.05
N GLU A 344 -36.85 17.90 -28.57
CA GLU A 344 -37.26 16.75 -29.38
C GLU A 344 -38.62 16.99 -30.03
N GLU A 345 -39.60 17.37 -29.21
CA GLU A 345 -40.95 17.71 -29.70
C GLU A 345 -40.86 18.74 -30.84
N ILE A 346 -40.17 19.85 -30.59
CA ILE A 346 -39.97 20.91 -31.57
C ILE A 346 -39.38 20.37 -32.86
N ALA A 347 -38.20 19.74 -32.75
CA ALA A 347 -37.45 19.20 -33.90
C ALA A 347 -38.30 18.31 -34.80
N ARG A 348 -39.15 17.47 -34.19
CA ARG A 348 -40.00 16.52 -34.90
C ARG A 348 -41.19 17.18 -35.59
N HIS A 349 -41.82 18.16 -34.91
CA HIS A 349 -42.99 18.87 -35.44
C HIS A 349 -42.69 20.24 -36.08
N ASP A 350 -41.41 20.48 -36.43
CA ASP A 350 -40.97 21.73 -37.08
C ASP A 350 -40.57 21.50 -38.53
N PRO A 351 -41.09 22.31 -39.49
CA PRO A 351 -40.83 22.10 -40.91
C PRO A 351 -39.35 22.19 -41.33
N TYR A 352 -38.62 23.16 -40.78
CA TYR A 352 -37.20 23.35 -41.08
C TYR A 352 -36.40 22.08 -40.80
N PHE A 353 -36.53 21.56 -39.56
CA PHE A 353 -35.83 20.37 -39.12
C PHE A 353 -36.30 19.11 -39.85
N VAL A 354 -37.62 19.01 -40.09
CA VAL A 354 -38.19 17.90 -40.86
C VAL A 354 -37.57 17.82 -42.27
N GLU A 355 -37.56 18.95 -42.97
CA GLU A 355 -37.04 19.05 -44.35
C GLU A 355 -35.52 18.89 -44.43
N ARG A 356 -34.81 19.30 -43.36
CA ARG A 356 -33.36 19.15 -43.28
C ARG A 356 -32.89 17.74 -42.85
N ASN A 357 -33.85 16.85 -42.57
CA ASN A 357 -33.60 15.52 -42.01
C ASN A 357 -32.75 15.60 -40.72
N LEU A 358 -33.17 16.50 -39.83
CA LEU A 358 -32.53 16.71 -38.54
C LEU A 358 -33.42 16.08 -37.46
N TYR A 359 -33.52 14.75 -37.51
CA TYR A 359 -34.31 13.95 -36.59
C TYR A 359 -33.52 13.65 -35.33
N PRO A 360 -34.17 13.49 -34.15
CA PRO A 360 -33.46 13.12 -32.93
C PRO A 360 -32.87 11.71 -33.07
N ASN A 361 -31.54 11.60 -33.03
CA ASN A 361 -30.83 10.35 -33.32
C ASN A 361 -30.52 9.49 -32.09
N VAL A 362 -29.99 8.29 -32.37
CA VAL A 362 -29.54 7.33 -31.36
C VAL A 362 -28.70 7.95 -30.23
N ASP A 363 -27.81 8.88 -30.60
CA ASP A 363 -26.89 9.52 -29.65
C ASP A 363 -27.60 10.47 -28.69
N PHE A 364 -28.55 11.25 -29.22
CA PHE A 364 -29.42 12.12 -28.45
C PHE A 364 -30.19 11.32 -27.40
N TYR A 365 -30.92 10.30 -27.87
CA TYR A 365 -31.74 9.46 -26.98
C TYR A 365 -30.90 8.72 -25.94
N SER A 366 -29.81 8.09 -26.38
CA SER A 366 -28.93 7.32 -25.50
C SER A 366 -28.27 8.20 -24.43
N GLY A 367 -27.83 9.40 -24.83
CA GLY A 367 -27.30 10.38 -23.89
C GLY A 367 -28.29 10.67 -22.77
N ILE A 368 -29.53 10.97 -23.16
CA ILE A 368 -30.62 11.26 -22.22
C ILE A 368 -30.90 10.09 -21.27
N ILE A 369 -30.96 8.87 -21.83
CA ILE A 369 -31.21 7.66 -21.04
C ILE A 369 -30.12 7.48 -19.98
N LEU A 370 -28.88 7.37 -20.44
CA LEU A 370 -27.71 7.18 -19.59
C LEU A 370 -27.68 8.20 -18.45
N LYS A 371 -27.91 9.47 -18.78
CA LYS A 371 -27.98 10.53 -17.77
C LYS A 371 -29.12 10.26 -16.78
N ALA A 372 -30.31 9.97 -17.32
CA ALA A 372 -31.50 9.74 -16.52
C ALA A 372 -31.36 8.60 -15.51
N ILE A 373 -30.68 7.52 -15.92
CA ILE A 373 -30.48 6.35 -15.06
C ILE A 373 -29.25 6.43 -14.15
N GLY A 374 -28.55 7.59 -14.18
CA GLY A 374 -27.55 7.93 -13.19
C GLY A 374 -26.09 7.94 -13.62
N ILE A 375 -25.80 7.51 -14.85
CA ILE A 375 -24.44 7.47 -15.37
C ILE A 375 -23.97 8.91 -15.62
N PRO A 376 -22.78 9.31 -15.12
CA PRO A 376 -22.24 10.64 -15.41
C PRO A 376 -21.64 10.71 -16.80
N THR A 377 -21.63 11.92 -17.38
CA THR A 377 -21.20 12.16 -18.76
C THR A 377 -19.81 11.58 -19.07
N SER A 378 -18.90 11.69 -18.08
CA SER A 378 -17.55 11.14 -18.18
C SER A 378 -17.52 9.68 -18.62
N MET A 379 -18.48 8.88 -18.12
CA MET A 379 -18.57 7.45 -18.37
C MET A 379 -19.18 7.05 -19.72
N PHE A 380 -19.94 7.96 -20.34
CA PHE A 380 -20.67 7.69 -21.58
C PHE A 380 -19.83 6.90 -22.59
N THR A 381 -18.62 7.40 -22.85
CA THR A 381 -17.67 6.76 -23.76
C THR A 381 -17.17 5.39 -23.27
N VAL A 382 -17.13 5.19 -21.94
CA VAL A 382 -16.79 3.90 -21.35
C VAL A 382 -17.90 2.87 -21.58
N ILE A 383 -19.16 3.31 -21.50
CA ILE A 383 -20.32 2.47 -21.84
C ILE A 383 -20.26 2.07 -23.32
N PHE A 384 -19.95 3.04 -24.18
CA PHE A 384 -19.71 2.79 -25.61
C PHE A 384 -18.69 1.66 -25.75
N ALA A 385 -17.50 1.87 -25.17
CA ALA A 385 -16.40 0.89 -25.24
C ALA A 385 -16.84 -0.48 -24.77
N LEU A 386 -17.59 -0.51 -23.66
CA LEU A 386 -18.18 -1.72 -23.08
C LEU A 386 -18.97 -2.52 -24.10
N ALA A 387 -19.87 -1.83 -24.79
CA ALA A 387 -20.75 -2.43 -25.79
C ALA A 387 -19.96 -2.88 -27.02
N ARG A 388 -19.06 -2.00 -27.50
CA ARG A 388 -18.33 -2.24 -28.75
C ARG A 388 -17.27 -3.36 -28.66
N THR A 389 -16.79 -3.65 -27.44
CA THR A 389 -15.76 -4.66 -27.20
C THR A 389 -15.99 -5.94 -28.02
N VAL A 390 -17.21 -6.46 -27.97
CA VAL A 390 -17.59 -7.67 -28.69
C VAL A 390 -17.41 -7.52 -30.21
N GLY A 391 -17.74 -6.34 -30.73
CA GLY A 391 -17.54 -6.00 -32.13
C GLY A 391 -16.06 -6.04 -32.49
N TRP A 392 -15.25 -5.34 -31.70
CA TRP A 392 -13.80 -5.28 -31.91
C TRP A 392 -13.19 -6.67 -31.97
N ILE A 393 -13.46 -7.48 -30.93
CA ILE A 393 -12.88 -8.82 -30.82
C ILE A 393 -13.39 -9.77 -31.91
N SER A 394 -14.64 -9.56 -32.35
CA SER A 394 -15.22 -10.30 -33.47
C SER A 394 -14.48 -10.01 -34.78
N HIS A 395 -14.20 -8.73 -35.03
CA HIS A 395 -13.44 -8.30 -36.21
C HIS A 395 -11.98 -8.79 -36.19
N TRP A 396 -11.39 -8.81 -34.98
CA TRP A 396 -10.07 -9.36 -34.74
C TRP A 396 -10.05 -10.87 -35.01
N GLN A 397 -11.03 -11.58 -34.43
CA GLN A 397 -11.21 -13.02 -34.66
C GLN A 397 -11.33 -13.36 -36.14
N GLU A 398 -12.16 -12.60 -36.86
CA GLU A 398 -12.36 -12.79 -38.29
C GLU A 398 -11.09 -12.74 -39.14
N MET A 399 -10.36 -11.62 -39.05
CA MET A 399 -9.10 -11.44 -39.79
C MET A 399 -8.00 -12.48 -39.49
N LEU A 400 -7.93 -12.85 -38.21
CA LEU A 400 -6.96 -13.83 -37.71
C LEU A 400 -7.34 -15.21 -38.23
N SER A 401 -8.64 -15.50 -38.26
CA SER A 401 -9.17 -16.76 -38.77
C SER A 401 -8.97 -16.88 -40.29
N GLY A 402 -8.95 -15.73 -40.97
CA GLY A 402 -8.58 -15.66 -42.37
C GLY A 402 -7.07 -15.69 -42.58
N PRO A 403 -6.53 -15.54 -43.81
CA PRO A 403 -5.09 -15.50 -43.99
C PRO A 403 -4.80 -14.00 -43.95
N TYR A 404 -3.96 -13.55 -43.01
CA TYR A 404 -3.70 -12.09 -42.89
C TYR A 404 -2.23 -11.75 -43.14
N LYS A 405 -2.02 -10.54 -43.64
CA LYS A 405 -0.67 -9.98 -43.92
C LYS A 405 -0.43 -8.73 -43.08
N ILE A 406 0.73 -8.63 -42.43
CA ILE A 406 1.03 -7.46 -41.55
C ILE A 406 0.82 -6.15 -42.29
N GLY A 407 -0.10 -5.31 -41.82
CA GLY A 407 -0.49 -4.10 -42.56
C GLY A 407 0.68 -3.15 -42.55
N ARG A 408 1.04 -2.65 -43.73
CA ARG A 408 2.15 -1.67 -43.85
C ARG A 408 1.72 -0.64 -44.89
N PRO A 409 0.88 0.35 -44.53
CA PRO A 409 0.49 1.39 -45.49
C PRO A 409 1.67 2.12 -46.12
N ARG A 410 1.38 2.87 -47.20
CA ARG A 410 2.38 3.71 -47.86
C ARG A 410 2.09 5.17 -47.59
N GLN A 411 2.98 6.03 -48.07
CA GLN A 411 2.84 7.48 -47.97
C GLN A 411 3.26 8.17 -49.26
N LEU A 412 3.02 9.48 -49.32
CA LEU A 412 3.48 10.35 -50.40
C LEU A 412 4.52 11.30 -49.82
N TYR A 413 5.77 11.14 -50.25
CA TYR A 413 6.88 11.96 -49.75
C TYR A 413 6.91 13.32 -50.42
N THR A 414 6.86 14.37 -49.59
CA THR A 414 6.92 15.76 -50.02
C THR A 414 7.93 16.54 -49.16
N GLY A 415 9.03 15.88 -48.83
CA GLY A 415 10.08 16.47 -47.98
C GLY A 415 11.34 16.78 -48.75
N HIS A 416 12.36 17.25 -48.01
CA HIS A 416 13.69 17.61 -48.55
C HIS A 416 14.14 16.51 -49.50
N THR A 417 15.25 16.75 -50.21
CA THR A 417 15.85 15.77 -51.15
C THR A 417 17.24 15.45 -50.62
N GLN A 418 17.75 14.25 -50.89
CA GLN A 418 19.03 13.85 -50.34
C GLN A 418 19.94 15.06 -50.09
N ARG A 419 20.48 15.13 -48.87
CA ARG A 419 21.39 16.21 -48.47
C ARG A 419 22.36 15.73 -47.38
N ASP A 420 23.62 16.18 -47.49
CA ASP A 420 24.69 15.74 -46.59
C ASP A 420 24.53 16.34 -45.19
N PHE A 421 25.22 15.74 -44.21
CA PHE A 421 25.16 16.15 -42.81
C PHE A 421 26.08 17.35 -42.61
N THR A 422 25.53 18.49 -42.20
CA THR A 422 26.40 19.65 -41.88
C THR A 422 26.78 19.54 -40.40
N ALA A 423 28.06 19.57 -40.05
CA ALA A 423 28.49 19.41 -38.64
C ALA A 423 28.07 20.61 -37.77
N LEU A 424 27.98 20.36 -36.46
CA LEU A 424 27.47 21.35 -35.47
C LEU A 424 28.17 22.69 -35.57
N LYS A 425 29.46 22.71 -35.93
CA LYS A 425 30.18 24.01 -35.96
C LYS A 425 29.93 24.78 -37.26
N ASP A 426 29.21 24.20 -38.22
CA ASP A 426 28.93 24.88 -39.51
C ASP A 426 27.50 25.42 -39.54
N ARG A 427 26.82 25.46 -38.39
CA ARG A 427 25.43 26.00 -38.37
C ARG A 427 25.42 27.43 -37.81
N ASP B 3 -0.90 18.08 -62.22
CA ASP B 3 -0.61 18.28 -63.67
C ASP B 3 -1.15 17.12 -64.51
N LYS B 4 -0.76 15.90 -64.14
CA LYS B 4 -1.16 14.67 -64.86
C LYS B 4 -2.51 14.15 -64.37
N LYS B 5 -3.17 13.38 -65.24
CA LYS B 5 -4.46 12.74 -64.96
C LYS B 5 -4.38 11.25 -65.27
N ALA B 6 -5.28 10.47 -64.65
CA ALA B 6 -5.35 9.03 -64.85
C ALA B 6 -6.80 8.60 -65.06
N GLN B 7 -7.07 7.95 -66.19
CA GLN B 7 -8.39 7.46 -66.55
C GLN B 7 -8.58 6.04 -66.00
N LEU B 8 -9.66 5.83 -65.23
CA LEU B 8 -10.03 4.51 -64.74
C LEU B 8 -11.32 4.08 -65.44
N ILE B 9 -11.23 2.99 -66.21
CA ILE B 9 -12.40 2.41 -66.88
C ILE B 9 -12.75 1.08 -66.23
N ILE B 10 -13.91 1.06 -65.59
CA ILE B 10 -14.35 -0.08 -64.75
C ILE B 10 -15.05 -1.16 -65.60
N GLU B 11 -15.27 -0.90 -66.89
CA GLU B 11 -15.97 -1.81 -67.84
C GLU B 11 -17.50 -1.73 -67.66
N GLY B 12 -18.03 -1.96 -66.45
CA GLY B 12 -19.47 -1.81 -66.19
C GLY B 12 -19.83 -0.33 -66.16
N SER B 13 -19.17 0.45 -65.30
CA SER B 13 -19.46 1.88 -65.22
C SER B 13 -18.76 2.65 -66.36
N ALA B 14 -19.08 3.96 -66.46
CA ALA B 14 -18.44 4.86 -67.42
C ALA B 14 -17.06 5.26 -66.89
N PRO B 15 -16.13 5.75 -67.76
CA PRO B 15 -14.79 6.13 -67.30
C PRO B 15 -14.79 7.23 -66.25
N VAL B 16 -13.79 7.23 -65.36
CA VAL B 16 -13.64 8.27 -64.33
C VAL B 16 -12.23 8.86 -64.30
N GLU B 17 -12.17 10.18 -64.07
CA GLU B 17 -10.95 10.96 -64.02
C GLU B 17 -10.40 10.99 -62.60
N LEU B 18 -9.21 10.43 -62.41
CA LEU B 18 -8.51 10.41 -61.13
C LEU B 18 -7.24 11.25 -61.22
N PRO B 19 -7.09 12.32 -60.41
CA PRO B 19 -5.88 13.13 -60.46
C PRO B 19 -4.68 12.38 -59.90
N VAL B 20 -3.62 12.24 -60.72
CA VAL B 20 -2.38 11.61 -60.31
C VAL B 20 -1.39 12.63 -59.74
N LEU B 21 -1.13 12.54 -58.44
CA LEU B 21 -0.15 13.39 -57.76
C LEU B 21 1.25 12.86 -57.47
N SER B 22 2.27 13.70 -57.71
CA SER B 22 3.67 13.32 -57.57
C SER B 22 4.18 13.96 -56.29
N GLY B 23 5.36 13.52 -55.85
CA GLY B 23 6.02 14.01 -54.64
C GLY B 23 7.41 14.49 -54.94
N THR B 24 8.13 14.90 -53.89
CA THR B 24 9.51 15.37 -53.99
C THR B 24 10.44 14.26 -54.47
N MET B 25 10.15 13.02 -54.04
CA MET B 25 10.80 11.82 -54.57
C MET B 25 9.98 10.58 -54.21
N GLY B 26 10.32 9.45 -54.85
CA GLY B 26 9.53 8.24 -54.77
C GLY B 26 8.54 8.18 -55.93
N PRO B 27 7.55 7.26 -55.89
CA PRO B 27 6.60 7.10 -56.98
C PRO B 27 5.48 8.15 -56.96
N ASP B 28 4.75 8.24 -58.07
CA ASP B 28 3.55 9.06 -58.17
C ASP B 28 2.39 8.31 -57.51
N VAL B 29 1.34 9.07 -57.15
CA VAL B 29 0.18 8.53 -56.45
C VAL B 29 -1.11 8.95 -57.16
N VAL B 30 -2.06 8.02 -57.22
CA VAL B 30 -3.33 8.22 -57.92
C VAL B 30 -4.47 8.45 -56.93
N ASP B 31 -4.99 9.68 -56.90
CA ASP B 31 -6.06 10.09 -55.98
C ASP B 31 -7.35 9.29 -56.23
N VAL B 32 -7.71 8.42 -55.28
CA VAL B 32 -8.89 7.56 -55.42
C VAL B 32 -10.07 7.97 -54.52
N ARG B 33 -10.02 9.19 -53.98
CA ARG B 33 -11.10 9.70 -53.11
C ARG B 33 -12.44 9.87 -53.85
N GLY B 34 -12.37 10.03 -55.17
CA GLY B 34 -13.55 10.13 -56.02
C GLY B 34 -14.30 8.83 -56.24
N LEU B 35 -13.67 7.69 -55.90
CA LEU B 35 -14.23 6.36 -56.16
C LEU B 35 -15.61 6.12 -55.52
N THR B 36 -15.74 6.46 -54.23
CA THR B 36 -16.98 6.26 -53.48
C THR B 36 -18.16 6.99 -54.14
N ALA B 37 -17.88 8.12 -54.81
CA ALA B 37 -18.86 8.86 -55.60
C ALA B 37 -19.39 8.03 -56.77
N THR B 38 -18.49 7.30 -57.45
CA THR B 38 -18.85 6.46 -58.59
C THR B 38 -19.44 5.09 -58.18
N GLY B 39 -19.43 4.80 -56.88
CA GLY B 39 -20.02 3.59 -56.32
C GLY B 39 -19.09 2.40 -56.32
N HIS B 40 -17.80 2.64 -56.06
CA HIS B 40 -16.78 1.60 -55.98
C HIS B 40 -15.77 1.94 -54.88
N PHE B 41 -15.02 0.93 -54.44
CA PHE B 41 -13.84 1.12 -53.58
C PHE B 41 -12.62 0.49 -54.25
N THR B 42 -11.43 0.81 -53.73
CA THR B 42 -10.23 0.05 -54.03
C THR B 42 -10.18 -1.11 -53.04
N PHE B 43 -9.46 -2.18 -53.39
CA PHE B 43 -9.24 -3.31 -52.50
C PHE B 43 -7.75 -3.42 -52.22
N ASP B 44 -7.38 -3.37 -50.94
CA ASP B 44 -5.98 -3.37 -50.52
C ASP B 44 -5.75 -3.98 -49.13
N PRO B 45 -5.81 -5.32 -49.01
CA PRO B 45 -5.35 -6.01 -47.80
C PRO B 45 -3.96 -5.54 -47.35
N GLY B 46 -3.88 -5.00 -46.14
CA GLY B 46 -2.65 -4.51 -45.54
C GLY B 46 -2.17 -3.14 -46.01
N PHE B 47 -2.99 -2.48 -46.85
CA PHE B 47 -2.70 -1.15 -47.39
C PHE B 47 -1.35 -1.05 -48.12
N MET B 48 -0.88 -2.17 -48.67
CA MET B 48 0.48 -2.25 -49.24
C MET B 48 0.66 -1.46 -50.54
N SER B 49 -0.45 -1.08 -51.19
CA SER B 49 -0.45 -0.24 -52.38
C SER B 49 -1.25 1.05 -52.21
N THR B 50 -1.67 1.32 -50.96
CA THR B 50 -2.46 2.51 -50.62
C THR B 50 -1.63 3.47 -49.77
N ALA B 51 -1.59 4.74 -50.20
CA ALA B 51 -0.92 5.82 -49.51
C ALA B 51 -1.93 6.49 -48.60
N SER B 52 -1.65 6.41 -47.29
CA SER B 52 -2.53 6.95 -46.26
C SER B 52 -2.52 8.47 -46.22
N CYS B 53 -1.37 9.07 -46.57
CA CYS B 53 -1.09 10.47 -46.27
C CYS B 53 0.09 11.06 -47.04
N GLU B 54 0.25 12.38 -46.92
CA GLU B 54 1.47 13.09 -47.26
C GLU B 54 2.38 13.07 -46.04
N SER B 55 3.69 12.92 -46.27
CA SER B 55 4.70 13.01 -45.22
C SER B 55 5.99 13.59 -45.77
N LYS B 56 6.76 14.24 -44.89
CA LYS B 56 8.07 14.79 -45.23
C LYS B 56 9.08 14.47 -44.12
N ILE B 57 8.83 13.37 -43.39
CA ILE B 57 9.66 12.96 -42.26
C ILE B 57 10.74 11.99 -42.74
N THR B 58 10.31 10.77 -43.10
CA THR B 58 11.22 9.70 -43.49
C THR B 58 10.85 9.16 -44.87
N TYR B 59 11.87 9.03 -45.73
CA TYR B 59 11.75 8.41 -47.05
C TYR B 59 12.65 7.18 -47.15
N ILE B 60 12.10 6.15 -47.81
CA ILE B 60 12.73 4.85 -47.97
C ILE B 60 12.67 4.40 -49.43
N ASP B 61 13.78 3.80 -49.90
CA ASP B 61 13.86 3.11 -51.18
C ASP B 61 14.74 1.87 -50.98
N GLY B 62 14.08 0.73 -50.72
CA GLY B 62 14.75 -0.52 -50.40
C GLY B 62 15.69 -1.01 -51.48
N ASP B 63 15.23 -0.98 -52.73
CA ASP B 63 16.01 -1.40 -53.90
C ASP B 63 17.37 -0.70 -53.97
N LYS B 64 17.39 0.61 -53.70
CA LYS B 64 18.59 1.44 -53.74
C LYS B 64 19.39 1.46 -52.44
N GLY B 65 18.80 0.92 -51.37
CA GLY B 65 19.42 0.91 -50.05
C GLY B 65 19.46 2.30 -49.46
N VAL B 66 18.31 3.00 -49.50
CA VAL B 66 18.20 4.38 -49.08
C VAL B 66 17.15 4.53 -47.99
N LEU B 67 17.56 5.15 -46.87
CA LEU B 67 16.68 5.50 -45.76
C LEU B 67 17.15 6.86 -45.27
N LEU B 68 16.29 7.88 -45.40
CA LEU B 68 16.69 9.23 -44.98
C LEU B 68 15.63 10.02 -44.21
N HIS B 69 16.05 10.61 -43.09
CA HIS B 69 15.21 11.43 -42.24
C HIS B 69 15.46 12.90 -42.59
N ARG B 70 14.41 13.58 -43.06
CA ARG B 70 14.46 14.99 -43.45
C ARG B 70 15.54 15.26 -44.50
N GLY B 71 15.79 14.27 -45.37
CA GLY B 71 16.81 14.35 -46.40
C GLY B 71 18.17 13.78 -46.01
N TYR B 72 18.44 13.70 -44.70
CA TYR B 72 19.72 13.22 -44.19
C TYR B 72 19.75 11.70 -44.17
N PRO B 73 20.74 11.04 -44.82
CA PRO B 73 20.86 9.59 -44.76
C PRO B 73 21.10 9.07 -43.35
N ILE B 74 20.51 7.92 -43.04
CA ILE B 74 20.59 7.29 -41.72
C ILE B 74 22.04 7.01 -41.29
N GLU B 75 22.87 6.57 -42.24
CA GLU B 75 24.27 6.22 -41.97
C GLU B 75 25.09 7.43 -41.52
N GLN B 76 24.81 8.59 -42.11
CA GLN B 76 25.49 9.84 -41.76
C GLN B 76 25.14 10.30 -40.35
N LEU B 77 23.84 10.28 -40.04
CA LEU B 77 23.34 10.62 -38.72
C LEU B 77 23.94 9.70 -37.66
N ALA B 78 23.90 8.39 -37.93
CA ALA B 78 24.44 7.37 -37.05
C ALA B 78 25.93 7.56 -36.79
N GLU B 79 26.68 7.88 -37.86
CA GLU B 79 28.12 8.10 -37.80
C GLU B 79 28.51 9.39 -37.07
N LYS B 80 27.72 10.46 -37.27
CA LYS B 80 28.07 11.80 -36.81
C LYS B 80 27.26 12.30 -35.61
N SER B 81 25.96 12.54 -35.80
CA SER B 81 25.10 13.11 -34.76
C SER B 81 24.78 12.11 -33.64
N ASP B 82 24.03 12.57 -32.63
CA ASP B 82 23.56 11.74 -31.53
C ASP B 82 22.04 11.54 -31.62
N TYR B 83 21.49 10.79 -30.66
CA TYR B 83 20.06 10.47 -30.64
C TYR B 83 19.19 11.71 -30.47
N LEU B 84 19.54 12.58 -29.52
CA LEU B 84 18.75 13.77 -29.25
C LEU B 84 18.80 14.80 -30.38
N GLU B 85 19.93 14.88 -31.08
CA GLU B 85 20.05 15.69 -32.29
C GLU B 85 19.14 15.14 -33.38
N THR B 86 19.12 13.81 -33.53
CA THR B 86 18.24 13.12 -34.48
C THR B 86 16.76 13.30 -34.11
N CYS B 87 16.47 13.28 -32.81
CA CYS B 87 15.13 13.55 -32.29
C CYS B 87 14.69 14.94 -32.72
N TYR B 88 15.56 15.94 -32.47
CA TYR B 88 15.30 17.32 -32.88
C TYR B 88 15.02 17.41 -34.38
N LEU B 89 15.80 16.67 -35.18
CA LEU B 89 15.64 16.65 -36.63
C LEU B 89 14.25 16.13 -37.02
N LEU B 90 13.89 14.96 -36.48
CA LEU B 90 12.61 14.32 -36.75
C LEU B 90 11.41 15.18 -36.37
N LEU B 91 11.53 15.89 -35.25
CA LEU B 91 10.45 16.72 -34.71
C LEU B 91 10.29 18.06 -35.42
N ASN B 92 11.41 18.74 -35.65
CA ASN B 92 11.42 20.14 -36.12
C ASN B 92 11.71 20.33 -37.60
N GLY B 93 12.28 19.31 -38.25
CA GLY B 93 12.48 19.31 -39.69
C GLY B 93 13.87 19.69 -40.19
N GLU B 94 14.65 20.34 -39.34
CA GLU B 94 16.04 20.71 -39.65
C GLU B 94 16.92 20.37 -38.45
N LEU B 95 18.24 20.31 -38.68
CA LEU B 95 19.21 20.09 -37.62
C LEU B 95 19.30 21.34 -36.75
N PRO B 96 19.58 21.20 -35.44
CA PRO B 96 19.61 22.35 -34.54
C PRO B 96 20.94 23.11 -34.58
N THR B 97 20.88 24.40 -34.22
CA THR B 97 22.06 25.19 -33.86
C THR B 97 22.49 24.73 -32.48
N ALA B 98 23.63 25.24 -32.01
CA ALA B 98 24.10 24.96 -30.66
C ALA B 98 23.12 25.47 -29.61
N ALA B 99 22.53 26.64 -29.89
CA ALA B 99 21.51 27.26 -29.04
C ALA B 99 20.25 26.39 -28.95
N GLN B 100 19.70 26.03 -30.13
CA GLN B 100 18.54 25.16 -30.23
C GLN B 100 18.79 23.81 -29.55
N LYS B 101 19.97 23.24 -29.80
CA LYS B 101 20.40 21.98 -29.21
C LYS B 101 20.44 22.07 -27.69
N GLU B 102 21.16 23.06 -27.18
CA GLU B 102 21.26 23.29 -25.73
C GLU B 102 19.89 23.32 -25.07
N GLN B 103 19.00 24.16 -25.61
CA GLN B 103 17.65 24.33 -25.08
C GLN B 103 16.83 23.04 -25.12
N PHE B 104 16.92 22.30 -26.23
CA PHE B 104 16.19 21.05 -26.43
C PHE B 104 16.63 19.99 -25.42
N VAL B 105 17.95 19.77 -25.34
CA VAL B 105 18.53 18.82 -24.40
C VAL B 105 18.13 19.20 -22.96
N GLY B 106 18.16 20.50 -22.66
CA GLY B 106 17.74 21.02 -21.37
C GLY B 106 16.34 20.61 -20.97
N THR B 107 15.38 20.86 -21.89
CA THR B 107 13.97 20.52 -21.71
C THR B 107 13.79 19.01 -21.48
N ILE B 108 14.43 18.21 -22.33
CA ILE B 108 14.38 16.75 -22.22
C ILE B 108 14.87 16.30 -20.84
N LYS B 109 15.94 16.93 -20.35
CA LYS B 109 16.46 16.63 -19.01
C LYS B 109 15.52 17.09 -17.89
N ASN B 110 14.76 18.16 -18.15
CA ASN B 110 13.74 18.63 -17.20
C ASN B 110 12.57 17.67 -17.03
N HIS B 111 12.18 16.99 -18.11
CA HIS B 111 11.04 16.07 -18.09
C HIS B 111 11.34 14.60 -17.75
N THR B 112 12.62 14.27 -17.53
CA THR B 112 13.06 12.87 -17.32
C THR B 112 12.50 12.17 -16.09
N MET B 113 12.23 12.93 -15.02
CA MET B 113 11.68 12.38 -13.79
C MET B 113 10.21 12.03 -13.98
N VAL B 114 9.78 10.91 -13.40
CA VAL B 114 8.42 10.39 -13.52
C VAL B 114 7.66 10.62 -12.20
N HIS B 115 6.36 10.90 -12.32
CA HIS B 115 5.47 11.16 -11.19
C HIS B 115 5.41 9.95 -10.25
N GLU B 116 5.70 10.18 -8.96
CA GLU B 116 5.80 9.13 -7.95
C GLU B 116 4.60 8.18 -7.87
N GLN B 117 3.41 8.70 -8.22
CA GLN B 117 2.19 7.92 -8.27
C GLN B 117 2.34 6.67 -9.16
N LEU B 118 3.04 6.82 -10.28
CA LEU B 118 3.26 5.72 -11.23
C LEU B 118 3.95 4.49 -10.63
N LYS B 119 4.81 4.71 -9.63
CA LYS B 119 5.48 3.61 -8.94
C LYS B 119 4.48 2.55 -8.45
N THR B 120 3.35 3.02 -7.89
CA THR B 120 2.30 2.13 -7.35
C THR B 120 1.56 1.37 -8.45
N PHE B 121 1.61 1.91 -9.67
CA PHE B 121 1.06 1.27 -10.86
C PHE B 121 1.67 -0.09 -11.12
N PHE B 122 3.01 -0.13 -11.09
CA PHE B 122 3.80 -1.34 -11.32
C PHE B 122 3.42 -2.45 -10.35
N ASN B 123 3.08 -2.08 -9.11
CA ASN B 123 2.63 -3.02 -8.08
C ASN B 123 1.35 -3.76 -8.43
N GLY B 124 0.65 -3.28 -9.46
CA GLY B 124 -0.51 -3.96 -10.03
C GLY B 124 -0.18 -5.04 -11.04
N PHE B 125 1.11 -5.22 -11.34
CA PHE B 125 1.58 -6.27 -12.24
C PHE B 125 2.25 -7.39 -11.47
N ARG B 126 2.37 -8.55 -12.13
CA ARG B 126 3.22 -9.64 -11.68
C ARG B 126 4.62 -9.27 -12.16
N ARG B 127 5.63 -9.53 -11.34
CA ARG B 127 7.02 -9.20 -11.68
C ARG B 127 7.50 -9.95 -12.93
N ASP B 128 6.96 -11.15 -13.15
CA ASP B 128 7.24 -11.95 -14.35
C ASP B 128 6.42 -11.54 -15.59
N ALA B 129 5.58 -10.51 -15.45
CA ALA B 129 4.75 -10.00 -16.54
C ALA B 129 5.62 -9.48 -17.67
N HIS B 130 5.08 -9.52 -18.90
CA HIS B 130 5.83 -9.14 -20.09
C HIS B 130 6.11 -7.64 -20.10
N PRO B 131 7.38 -7.23 -20.26
CA PRO B 131 7.75 -5.81 -20.27
C PRO B 131 6.86 -4.94 -21.16
N MET B 132 6.56 -5.41 -22.37
CA MET B 132 5.72 -4.68 -23.33
C MET B 132 4.28 -4.50 -22.84
N ALA B 133 3.77 -5.48 -22.10
CA ALA B 133 2.46 -5.38 -21.46
C ALA B 133 2.53 -4.27 -20.42
N VAL B 134 3.58 -4.28 -19.59
CA VAL B 134 3.78 -3.27 -18.57
C VAL B 134 3.86 -1.87 -19.17
N MET B 135 4.65 -1.73 -20.24
CA MET B 135 4.81 -0.46 -20.97
C MET B 135 3.47 0.03 -21.51
N CYS B 136 2.76 -0.86 -22.22
CA CYS B 136 1.45 -0.60 -22.80
C CYS B 136 0.46 -0.07 -21.76
N GLY B 137 0.48 -0.67 -20.57
CA GLY B 137 -0.34 -0.23 -19.45
C GLY B 137 0.10 1.10 -18.88
N VAL B 138 1.39 1.19 -18.52
CA VAL B 138 1.95 2.33 -17.81
C VAL B 138 1.79 3.63 -18.59
N ILE B 139 2.29 3.66 -19.83
CA ILE B 139 2.23 4.88 -20.64
C ILE B 139 0.80 5.16 -21.15
N GLY B 140 -0.03 4.12 -21.16
CA GLY B 140 -1.46 4.26 -21.40
C GLY B 140 -2.13 5.01 -20.27
N ALA B 141 -1.61 4.82 -19.05
CA ALA B 141 -2.09 5.51 -17.87
C ALA B 141 -1.56 6.95 -17.73
N LEU B 142 -0.43 7.24 -18.40
CA LEU B 142 0.14 8.61 -18.42
C LEU B 142 -0.88 9.62 -18.93
N SER B 143 -1.73 9.17 -19.85
CA SER B 143 -2.85 9.96 -20.38
C SER B 143 -3.55 10.72 -19.26
N ALA B 144 -3.93 10.00 -18.21
CA ALA B 144 -4.62 10.57 -17.04
C ALA B 144 -3.88 11.73 -16.38
N PHE B 145 -2.54 11.68 -16.43
CA PHE B 145 -1.68 12.68 -15.80
C PHE B 145 -1.46 13.93 -16.65
N TYR B 146 -1.36 13.75 -17.97
CA TYR B 146 -1.20 14.88 -18.90
C TYR B 146 -2.34 14.92 -19.92
N HIS B 147 -3.53 15.34 -19.47
CA HIS B 147 -4.75 15.38 -20.32
C HIS B 147 -5.60 16.64 -20.14
N ASP B 148 -5.70 17.13 -18.90
CA ASP B 148 -6.59 18.23 -18.55
C ASP B 148 -6.22 19.54 -19.25
N SER B 149 -4.94 19.90 -19.16
CA SER B 149 -4.40 21.05 -19.89
C SER B 149 -4.39 20.77 -21.40
N LEU B 150 -3.85 19.60 -21.77
CA LEU B 150 -3.59 19.19 -23.15
C LEU B 150 -4.70 19.54 -24.14
N ASP B 151 -4.39 20.50 -25.03
CA ASP B 151 -5.19 20.85 -26.19
C ASP B 151 -4.48 20.25 -27.40
N ILE B 152 -5.03 19.14 -27.89
CA ILE B 152 -4.52 18.41 -29.05
C ILE B 152 -4.23 19.29 -30.28
N ASN B 153 -4.98 20.40 -30.44
CA ASN B 153 -4.84 21.30 -31.57
C ASN B 153 -3.80 22.41 -31.40
N ASN B 154 -3.39 22.66 -30.14
CA ASN B 154 -2.38 23.66 -29.81
C ASN B 154 -0.97 23.10 -30.00
N PRO B 155 -0.15 23.70 -30.91
CA PRO B 155 1.17 23.15 -31.21
C PRO B 155 2.16 23.18 -30.03
N LYS B 156 1.96 24.11 -29.09
CA LYS B 156 2.77 24.17 -27.87
C LYS B 156 2.55 22.93 -27.00
N HIS B 157 1.29 22.51 -26.90
CA HIS B 157 0.91 21.31 -26.15
C HIS B 157 1.45 20.04 -26.82
N ARG B 158 1.37 20.00 -28.16
CA ARG B 158 1.95 18.91 -28.94
C ARG B 158 3.46 18.79 -28.70
N GLU B 159 4.15 19.95 -28.73
CA GLU B 159 5.59 20.04 -28.52
C GLU B 159 6.01 19.52 -27.14
N VAL B 160 5.33 20.01 -26.09
CA VAL B 160 5.64 19.62 -24.72
C VAL B 160 5.30 18.14 -24.47
N SER B 161 4.24 17.65 -25.13
CA SER B 161 3.86 16.24 -25.07
C SER B 161 4.96 15.34 -25.66
N ALA B 162 5.51 15.76 -26.81
CA ALA B 162 6.62 15.04 -27.46
C ALA B 162 7.85 14.99 -26.56
N HIS B 163 8.21 16.13 -25.97
CA HIS B 163 9.34 16.23 -25.05
C HIS B 163 9.14 15.30 -23.84
N ARG B 164 7.97 15.39 -23.21
CA ARG B 164 7.60 14.54 -22.08
C ARG B 164 7.81 13.06 -22.39
N LEU B 165 7.31 12.62 -23.55
CA LEU B 165 7.43 11.24 -23.99
C LEU B 165 8.89 10.81 -24.18
N ILE B 166 9.62 11.58 -24.99
CA ILE B 166 11.03 11.30 -25.29
C ILE B 166 11.89 11.24 -24.01
N ALA B 167 11.53 12.06 -23.03
CA ALA B 167 12.26 12.17 -21.76
C ALA B 167 11.93 11.05 -20.77
N LYS B 168 10.64 10.68 -20.70
CA LYS B 168 10.14 9.74 -19.69
C LYS B 168 10.29 8.27 -20.07
N MET B 169 10.18 7.98 -21.38
CA MET B 169 10.22 6.60 -21.88
C MET B 169 11.42 5.82 -21.33
N PRO B 170 12.65 6.37 -21.34
CA PRO B 170 13.81 5.69 -20.75
C PRO B 170 13.64 5.40 -19.27
N THR B 171 13.14 6.39 -18.52
CA THR B 171 12.88 6.26 -17.10
C THR B 171 11.92 5.11 -16.82
N ILE B 172 10.84 5.04 -17.61
CA ILE B 172 9.83 3.99 -17.48
C ILE B 172 10.39 2.61 -17.85
N ALA B 173 11.05 2.52 -19.00
CA ALA B 173 11.70 1.29 -19.47
C ALA B 173 12.63 0.72 -18.40
N ALA B 174 13.40 1.61 -17.77
CA ALA B 174 14.28 1.25 -16.66
C ALA B 174 13.50 0.68 -15.48
N MET B 175 12.40 1.37 -15.12
CA MET B 175 11.54 0.93 -14.02
C MET B 175 10.97 -0.47 -14.24
N VAL B 176 10.61 -0.79 -15.49
CA VAL B 176 10.12 -2.11 -15.87
C VAL B 176 11.17 -3.16 -15.54
N TYR B 177 12.39 -2.94 -16.04
CA TYR B 177 13.50 -3.86 -15.81
C TYR B 177 13.80 -4.04 -14.32
N LYS B 178 14.00 -2.92 -13.62
CA LYS B 178 14.30 -2.92 -12.19
C LYS B 178 13.21 -3.62 -11.38
N TYR B 179 11.96 -3.50 -11.85
CA TYR B 179 10.81 -4.14 -11.20
C TYR B 179 10.81 -5.64 -11.40
N SER B 180 11.01 -6.09 -12.66
CA SER B 180 11.07 -7.51 -13.00
C SER B 180 12.13 -8.23 -12.15
N LYS B 181 13.25 -7.53 -11.93
CA LYS B 181 14.38 -8.06 -11.16
C LYS B 181 14.09 -8.13 -9.66
N GLY B 182 13.24 -7.21 -9.18
CA GLY B 182 12.96 -7.05 -7.76
C GLY B 182 14.00 -6.18 -7.09
N GLU B 183 14.68 -5.34 -7.89
CA GLU B 183 15.65 -4.36 -7.43
C GLU B 183 14.95 -3.02 -7.25
N PRO B 184 15.51 -2.09 -6.43
CA PRO B 184 14.90 -0.77 -6.24
C PRO B 184 15.06 0.11 -7.47
N MET B 185 13.99 0.81 -7.83
CA MET B 185 13.92 1.60 -9.07
C MET B 185 14.82 2.83 -8.95
N MET B 186 15.55 3.14 -10.03
CA MET B 186 16.53 4.22 -10.06
C MET B 186 15.96 5.49 -10.67
N TYR B 187 16.46 6.64 -10.20
CA TYR B 187 16.09 7.97 -10.69
C TYR B 187 17.09 8.43 -11.75
N PRO B 188 16.73 9.41 -12.61
CA PRO B 188 17.67 9.91 -13.62
C PRO B 188 18.73 10.82 -13.03
N ARG B 189 19.77 11.11 -13.81
CA ARG B 189 20.84 12.03 -13.42
C ARG B 189 21.10 13.05 -14.53
N ASN B 190 21.00 14.34 -14.18
CA ASN B 190 21.19 15.45 -15.12
C ASN B 190 22.63 15.62 -15.62
N ASP B 191 23.59 14.99 -14.91
CA ASP B 191 24.99 15.01 -15.30
C ASP B 191 25.39 13.88 -16.26
N LEU B 192 24.41 13.10 -16.72
CA LEU B 192 24.63 12.04 -17.70
C LEU B 192 23.80 12.30 -18.95
N ASN B 193 24.37 11.99 -20.12
CA ASN B 193 23.66 12.09 -21.40
C ASN B 193 22.60 10.99 -21.52
N TYR B 194 21.72 11.14 -22.52
CA TYR B 194 20.57 10.25 -22.73
C TYR B 194 20.92 8.77 -22.57
N ALA B 195 21.85 8.28 -23.40
CA ALA B 195 22.26 6.88 -23.42
C ALA B 195 22.88 6.46 -22.08
N GLU B 196 23.85 7.25 -21.60
CA GLU B 196 24.46 7.03 -20.29
C GLU B 196 23.41 6.87 -19.21
N ASN B 197 22.50 7.85 -19.14
CA ASN B 197 21.42 7.89 -18.17
C ASN B 197 20.63 6.59 -18.20
N PHE B 198 20.21 6.18 -19.41
CA PHE B 198 19.46 4.93 -19.58
C PHE B 198 20.17 3.74 -18.95
N LEU B 199 21.45 3.55 -19.32
CA LEU B 199 22.26 2.43 -18.81
C LEU B 199 22.45 2.50 -17.29
N HIS B 200 22.60 3.71 -16.77
CA HIS B 200 22.68 3.97 -15.33
C HIS B 200 21.41 3.48 -14.64
N MET B 201 20.26 4.00 -15.08
CA MET B 201 18.96 3.64 -14.53
C MET B 201 18.69 2.14 -14.62
N MET B 202 19.23 1.51 -15.68
CA MET B 202 19.06 0.09 -15.93
C MET B 202 19.84 -0.77 -14.94
N PHE B 203 21.15 -0.53 -14.85
CA PHE B 203 22.07 -1.48 -14.21
C PHE B 203 22.68 -1.04 -12.86
N ASN B 204 22.88 0.27 -12.69
CA ASN B 204 23.39 0.80 -11.41
C ASN B 204 22.34 0.64 -10.31
N THR B 205 22.82 0.74 -9.06
CA THR B 205 22.00 0.59 -7.85
C THR B 205 22.23 1.79 -6.93
N PRO B 206 21.43 1.96 -5.86
CA PRO B 206 21.79 2.86 -4.77
C PRO B 206 22.91 2.28 -3.90
N GLU B 208 25.83 0.75 -5.26
CA GLU B 208 27.02 1.36 -5.85
C GLU B 208 26.73 2.02 -7.21
N THR B 209 26.95 3.34 -7.27
CA THR B 209 26.74 4.16 -8.46
C THR B 209 28.07 4.34 -9.22
N LYS B 210 28.43 3.32 -10.01
CA LYS B 210 29.68 3.30 -10.77
C LYS B 210 29.48 3.89 -12.17
N PRO B 211 30.55 4.44 -12.80
CA PRO B 211 30.41 5.16 -14.07
C PRO B 211 30.12 4.25 -15.27
N ILE B 212 29.50 4.83 -16.31
CA ILE B 212 29.04 4.11 -17.50
C ILE B 212 30.12 4.12 -18.58
N SER B 213 30.28 2.98 -19.26
CA SER B 213 31.22 2.84 -20.37
C SER B 213 30.83 3.75 -21.53
N PRO B 214 31.76 4.60 -22.04
CA PRO B 214 31.45 5.47 -23.17
C PRO B 214 31.19 4.67 -24.45
N VAL B 215 31.86 3.51 -24.57
CA VAL B 215 31.69 2.59 -25.70
C VAL B 215 30.26 2.03 -25.72
N LEU B 216 29.81 1.50 -24.58
CA LEU B 216 28.47 0.94 -24.46
C LEU B 216 27.39 2.01 -24.65
N ALA B 217 27.58 3.16 -24.00
CA ALA B 217 26.67 4.30 -24.11
C ALA B 217 26.51 4.74 -25.56
N LYS B 218 27.63 4.89 -26.26
CA LYS B 218 27.64 5.30 -27.66
C LYS B 218 26.95 4.26 -28.56
N ALA B 219 27.23 2.98 -28.30
CA ALA B 219 26.61 1.86 -29.01
C ALA B 219 25.08 1.90 -28.85
N MET B 220 24.64 2.13 -27.62
CA MET B 220 23.23 2.22 -27.29
C MET B 220 22.58 3.39 -28.04
N ASP B 221 23.20 4.58 -27.95
CA ASP B 221 22.75 5.77 -28.66
C ASP B 221 22.54 5.55 -30.16
N ARG B 222 23.49 4.84 -30.77
CA ARG B 222 23.44 4.48 -32.19
C ARG B 222 22.24 3.56 -32.47
N ILE B 223 22.04 2.56 -31.60
CA ILE B 223 20.89 1.66 -31.69
C ILE B 223 19.59 2.48 -31.69
N PHE B 224 19.51 3.47 -30.79
CA PHE B 224 18.35 4.36 -30.73
C PHE B 224 18.18 5.13 -32.04
N ILE B 225 19.26 5.72 -32.55
CA ILE B 225 19.23 6.45 -33.82
C ILE B 225 18.70 5.56 -34.94
N LEU B 226 19.21 4.32 -35.00
CA LEU B 226 18.88 3.39 -36.09
C LEU B 226 17.48 2.77 -36.00
N HIS B 227 16.76 3.07 -34.91
CA HIS B 227 15.36 2.66 -34.73
C HIS B 227 14.40 3.84 -34.53
N ALA B 228 14.91 5.06 -34.78
CA ALA B 228 14.18 6.31 -34.49
C ALA B 228 12.84 6.40 -35.22
N ASP B 229 12.87 6.14 -36.53
CA ASP B 229 11.65 6.07 -37.35
C ASP B 229 11.92 5.23 -38.59
N HIS B 230 10.87 4.59 -39.11
CA HIS B 230 10.95 3.78 -40.32
C HIS B 230 9.67 3.94 -41.14
N GLU B 231 9.38 5.19 -41.54
CA GLU B 231 8.30 5.53 -42.46
C GLU B 231 6.96 5.04 -41.89
N GLN B 232 6.03 4.66 -42.76
CA GLN B 232 4.74 4.10 -42.36
C GLN B 232 4.87 2.60 -42.15
N ASN B 233 4.34 2.12 -41.02
CA ASN B 233 4.36 0.72 -40.63
C ASN B 233 3.21 0.45 -39.67
N ALA B 234 3.05 -0.81 -39.27
CA ALA B 234 1.96 -1.21 -38.38
C ALA B 234 1.77 -0.23 -37.22
N SER B 235 2.84 -0.02 -36.45
CA SER B 235 2.80 0.79 -35.23
C SER B 235 2.59 2.27 -35.55
N THR B 236 3.44 2.82 -36.42
CA THR B 236 3.35 4.23 -36.83
C THR B 236 1.96 4.58 -37.34
N SER B 237 1.42 3.74 -38.23
CA SER B 237 0.09 3.92 -38.81
C SER B 237 -1.04 3.72 -37.80
N THR B 238 -0.81 2.86 -36.79
CA THR B 238 -1.76 2.68 -35.69
C THR B 238 -1.88 3.98 -34.87
N VAL B 239 -0.72 4.60 -34.60
CA VAL B 239 -0.63 5.88 -33.90
C VAL B 239 -1.41 6.95 -34.67
N ARG B 240 -1.20 7.00 -35.99
CA ARG B 240 -1.90 7.95 -36.85
C ARG B 240 -3.41 7.73 -36.88
N LEU B 241 -3.82 6.46 -37.04
CA LEU B 241 -5.23 6.09 -37.14
C LEU B 241 -5.99 6.42 -35.86
N ALA B 242 -5.41 6.01 -34.71
CA ALA B 242 -5.96 6.34 -33.40
C ALA B 242 -6.03 7.86 -33.21
N GLY B 243 -4.90 8.53 -33.46
CA GLY B 243 -4.78 9.98 -33.33
C GLY B 243 -5.76 10.82 -34.14
N SER B 244 -6.19 10.29 -35.30
CA SER B 244 -7.11 10.97 -36.22
C SER B 244 -8.48 11.29 -35.61
N SER B 245 -8.88 10.52 -34.59
CA SER B 245 -10.14 10.72 -33.89
C SER B 245 -10.07 11.90 -32.90
N GLY B 246 -8.85 12.46 -32.75
CA GLY B 246 -8.57 13.52 -31.79
C GLY B 246 -8.15 12.96 -30.44
N ALA B 247 -7.58 11.76 -30.47
CA ALA B 247 -7.24 11.00 -29.26
C ALA B 247 -5.97 11.56 -28.61
N ASN B 248 -5.93 11.48 -27.28
CA ASN B 248 -4.78 11.87 -26.47
C ASN B 248 -3.49 11.24 -27.01
N PRO B 249 -2.38 12.01 -27.11
CA PRO B 249 -1.14 11.50 -27.71
C PRO B 249 -0.58 10.28 -27.01
N PHE B 250 -0.50 10.33 -25.67
CA PHE B 250 0.04 9.25 -24.86
C PHE B 250 -0.72 7.94 -25.10
N ALA B 251 -2.04 8.04 -25.18
CA ALA B 251 -2.90 6.90 -25.52
C ALA B 251 -2.54 6.32 -26.89
N CYS B 252 -2.34 7.20 -27.87
CA CYS B 252 -1.94 6.80 -29.22
C CYS B 252 -0.61 6.06 -29.24
N ILE B 253 0.35 6.54 -28.45
CA ILE B 253 1.65 5.90 -28.30
C ILE B 253 1.47 4.52 -27.69
N ALA B 254 0.55 4.42 -26.72
CA ALA B 254 0.19 3.13 -26.11
C ALA B 254 -0.34 2.15 -27.15
N SER B 255 -1.13 2.66 -28.10
CA SER B 255 -1.60 1.88 -29.25
C SER B 255 -0.43 1.38 -30.10
N GLY B 256 0.55 2.27 -30.32
CA GLY B 256 1.77 1.95 -31.04
C GLY B 256 2.57 0.83 -30.41
N ILE B 257 2.70 0.88 -29.07
CA ILE B 257 3.40 -0.14 -28.31
C ILE B 257 2.69 -1.48 -28.42
N ALA B 258 1.36 -1.45 -28.32
CA ALA B 258 0.53 -2.64 -28.50
C ALA B 258 0.80 -3.28 -29.85
N ALA B 259 0.83 -2.46 -30.91
CA ALA B 259 1.09 -2.93 -32.27
C ALA B 259 2.51 -3.50 -32.43
N LEU B 260 3.50 -2.76 -31.90
CA LEU B 260 4.92 -3.13 -31.99
C LEU B 260 5.21 -4.46 -31.28
N TRP B 261 4.49 -4.70 -30.17
CA TRP B 261 4.59 -5.92 -29.38
C TRP B 261 4.41 -7.17 -30.24
N GLY B 262 3.49 -7.09 -31.21
CA GLY B 262 3.26 -8.15 -32.18
C GLY B 262 4.58 -8.73 -32.69
N PRO B 263 4.79 -10.08 -32.60
CA PRO B 263 6.03 -10.70 -33.06
C PRO B 263 6.48 -10.30 -34.47
N ALA B 264 5.51 -10.13 -35.39
CA ALA B 264 5.79 -9.78 -36.78
C ALA B 264 6.45 -8.40 -36.93
N HIS B 265 6.08 -7.48 -36.04
CA HIS B 265 6.57 -6.08 -36.12
C HIS B 265 7.87 -5.91 -35.35
N GLY B 266 7.91 -6.28 -34.07
CA GLY B 266 9.14 -6.04 -33.30
C GLY B 266 9.60 -7.23 -32.51
N GLY B 267 9.99 -8.31 -33.19
CA GLY B 267 10.51 -9.49 -32.51
C GLY B 267 11.64 -10.16 -33.25
N ALA B 268 12.35 -9.40 -34.10
CA ALA B 268 13.48 -9.88 -34.87
C ALA B 268 14.66 -10.14 -33.95
N ASN B 269 14.93 -9.17 -33.06
CA ASN B 269 15.97 -9.28 -32.04
C ASN B 269 15.80 -10.54 -31.17
N GLU B 270 14.55 -10.85 -30.85
CA GLU B 270 14.21 -12.05 -30.08
C GLU B 270 14.38 -13.31 -30.94
N ALA B 271 13.91 -13.23 -32.18
CA ALA B 271 13.97 -14.34 -33.13
C ALA B 271 15.38 -14.83 -33.37
N VAL B 272 16.30 -13.91 -33.65
CA VAL B 272 17.71 -14.23 -33.90
C VAL B 272 18.36 -14.93 -32.71
N LEU B 273 17.97 -14.54 -31.50
CA LEU B 273 18.45 -15.18 -30.28
C LEU B 273 17.91 -16.60 -30.11
N ARG B 274 16.63 -16.80 -30.45
CA ARG B 274 16.01 -18.13 -30.45
C ARG B 274 16.69 -19.07 -31.45
N MET B 275 17.15 -18.50 -32.57
CA MET B 275 17.94 -19.24 -33.56
C MET B 275 19.21 -19.76 -32.92
N LEU B 276 19.95 -18.86 -32.25
CA LEU B 276 21.21 -19.20 -31.57
C LEU B 276 21.01 -20.22 -30.44
N ASP B 277 19.85 -20.15 -29.77
CA ASP B 277 19.43 -21.15 -28.79
C ASP B 277 19.24 -22.51 -29.46
N GLU B 278 18.57 -22.50 -30.63
CA GLU B 278 18.36 -23.71 -31.41
C GLU B 278 19.65 -24.35 -31.89
N ILE B 279 20.64 -23.53 -32.25
CA ILE B 279 21.98 -24.02 -32.61
C ILE B 279 22.62 -24.63 -31.37
N GLY B 280 22.70 -23.82 -30.31
CA GLY B 280 23.26 -24.23 -29.02
C GLY B 280 24.76 -24.08 -28.93
N ASP B 281 25.47 -24.97 -29.65
CA ASP B 281 26.93 -25.06 -29.61
C ASP B 281 27.52 -24.72 -30.99
N VAL B 282 28.78 -24.26 -30.98
CA VAL B 282 29.56 -24.03 -32.20
C VAL B 282 29.74 -25.32 -32.99
N SER B 283 30.00 -26.42 -32.27
CA SER B 283 30.26 -27.75 -32.85
C SER B 283 29.26 -28.17 -33.94
N ASN B 284 27.99 -27.83 -33.75
CA ASN B 284 26.92 -28.16 -34.71
C ASN B 284 26.36 -26.94 -35.45
N ILE B 285 27.25 -26.02 -35.87
CA ILE B 285 26.89 -24.91 -36.73
C ILE B 285 26.57 -25.41 -38.15
N ASP B 286 27.50 -26.18 -38.73
CA ASP B 286 27.35 -26.76 -40.08
C ASP B 286 26.02 -27.52 -40.23
N LYS B 287 25.73 -28.36 -39.23
CA LYS B 287 24.47 -29.11 -39.15
C LYS B 287 23.25 -28.23 -39.43
N PHE B 288 23.13 -27.14 -38.67
CA PHE B 288 22.02 -26.19 -38.79
C PHE B 288 22.11 -25.27 -40.00
N VAL B 289 23.30 -25.13 -40.58
CA VAL B 289 23.51 -24.38 -41.82
C VAL B 289 22.85 -25.14 -42.97
N GLU B 290 23.20 -26.43 -43.10
CA GLU B 290 22.55 -27.33 -44.06
C GLU B 290 21.06 -27.49 -43.77
N LYS B 291 20.70 -27.52 -42.48
CA LYS B 291 19.31 -27.57 -42.05
C LYS B 291 18.51 -26.34 -42.53
N ALA B 292 19.17 -25.19 -42.54
CA ALA B 292 18.59 -23.94 -43.04
C ALA B 292 18.47 -23.97 -44.56
N LYS B 293 19.58 -24.31 -45.23
CA LYS B 293 19.67 -24.42 -46.68
C LYS B 293 18.64 -25.40 -47.26
N ASP B 294 18.27 -26.41 -46.46
CA ASP B 294 17.25 -27.39 -46.84
C ASP B 294 15.87 -26.71 -46.95
N LYS B 295 15.43 -26.49 -48.20
CA LYS B 295 14.14 -25.90 -48.55
C LYS B 295 12.99 -26.62 -47.85
N ASN B 296 13.09 -27.96 -47.79
CA ASN B 296 12.12 -28.82 -47.14
C ASN B 296 12.06 -28.66 -45.62
N ASP B 297 13.19 -28.29 -45.00
CA ASP B 297 13.27 -28.11 -43.55
C ASP B 297 12.77 -26.73 -43.12
N PRO B 298 11.78 -26.64 -42.19
CA PRO B 298 11.28 -25.36 -41.68
C PRO B 298 12.33 -24.41 -41.07
N PHE B 299 13.54 -24.92 -40.77
CA PHE B 299 14.64 -24.11 -40.25
C PHE B 299 15.13 -23.17 -41.34
N LYS B 300 15.29 -21.90 -40.95
CA LYS B 300 15.96 -20.86 -41.76
C LYS B 300 16.68 -19.92 -40.80
N LEU B 301 17.76 -19.29 -41.30
CA LEU B 301 18.55 -18.35 -40.52
C LEU B 301 17.75 -17.06 -40.27
N MET B 302 17.85 -16.53 -39.04
CA MET B 302 17.20 -15.30 -38.64
C MET B 302 18.22 -14.17 -38.57
N GLY B 303 17.79 -12.97 -38.98
CA GLY B 303 18.64 -11.79 -38.99
C GLY B 303 19.58 -11.71 -40.16
N PHE B 304 19.27 -12.46 -41.23
CA PHE B 304 20.04 -12.45 -42.46
C PHE B 304 19.18 -12.05 -43.65
N GLY B 305 19.60 -11.01 -44.36
CA GLY B 305 18.84 -10.41 -45.44
C GLY B 305 17.77 -9.48 -44.91
N HIS B 306 16.93 -8.97 -45.83
CA HIS B 306 15.85 -8.06 -45.50
C HIS B 306 14.84 -8.04 -46.66
N ARG B 307 13.54 -7.97 -46.34
CA ARG B 307 12.49 -7.96 -47.37
C ARG B 307 12.35 -6.65 -48.13
N VAL B 308 12.83 -5.56 -47.52
CA VAL B 308 12.87 -4.23 -48.15
C VAL B 308 14.25 -3.95 -48.73
N TYR B 309 15.27 -3.89 -47.86
CA TYR B 309 16.65 -3.61 -48.25
C TYR B 309 17.31 -4.89 -48.76
N LYS B 310 16.93 -5.29 -49.98
CA LYS B 310 17.30 -6.59 -50.55
C LYS B 310 18.79 -6.73 -50.80
N ASN B 311 19.40 -5.70 -51.39
CA ASN B 311 20.82 -5.70 -51.72
C ASN B 311 21.70 -5.45 -50.50
N PHE B 312 21.45 -4.34 -49.80
CA PHE B 312 22.16 -4.00 -48.57
C PHE B 312 21.38 -2.99 -47.73
N ASP B 313 21.51 -3.11 -46.40
CA ASP B 313 20.96 -2.15 -45.44
C ASP B 313 22.06 -1.15 -45.12
N PRO B 314 21.82 0.17 -45.31
CA PRO B 314 22.86 1.17 -45.05
C PRO B 314 23.30 1.22 -43.59
N ARG B 315 22.45 0.72 -42.69
CA ARG B 315 22.70 0.67 -41.27
C ARG B 315 23.63 -0.48 -40.88
N ALA B 316 23.67 -1.53 -41.72
CA ALA B 316 24.40 -2.76 -41.45
C ALA B 316 25.87 -2.54 -41.11
N LYS B 317 26.55 -1.71 -41.92
CA LYS B 317 27.98 -1.41 -41.76
C LYS B 317 28.27 -0.81 -40.38
N VAL B 318 27.49 0.23 -40.04
CA VAL B 318 27.62 0.95 -38.78
C VAL B 318 27.37 0.01 -37.60
N MET B 319 26.33 -0.83 -37.73
CA MET B 319 25.99 -1.83 -36.72
C MET B 319 27.09 -2.87 -36.53
N LYS B 320 27.71 -3.32 -37.63
CA LYS B 320 28.85 -4.23 -37.57
C LYS B 320 29.98 -3.58 -36.77
N GLN B 321 30.35 -2.36 -37.16
CA GLN B 321 31.37 -1.58 -36.45
C GLN B 321 31.13 -1.54 -34.95
N THR B 322 29.89 -1.19 -34.56
CA THR B 322 29.50 -1.08 -33.16
C THR B 322 29.55 -2.41 -32.41
N CYS B 323 29.11 -3.48 -33.08
CA CYS B 323 29.10 -4.83 -32.52
C CYS B 323 30.55 -5.25 -32.21
N ASP B 324 31.42 -5.15 -33.21
CA ASP B 324 32.84 -5.47 -33.08
C ASP B 324 33.50 -4.62 -31.98
N GLU B 325 33.13 -3.34 -31.91
CA GLU B 325 33.64 -2.41 -30.92
C GLU B 325 33.21 -2.74 -29.49
N VAL B 326 31.96 -3.17 -29.33
CA VAL B 326 31.39 -3.57 -28.04
C VAL B 326 32.05 -4.85 -27.55
N LEU B 327 32.06 -5.87 -28.42
CA LEU B 327 32.67 -7.16 -28.13
C LEU B 327 34.18 -7.07 -27.90
N GLN B 328 34.81 -6.03 -28.47
CA GLN B 328 36.21 -5.71 -28.16
C GLN B 328 36.40 -5.39 -26.67
N GLU B 329 35.44 -4.66 -26.09
CA GLU B 329 35.48 -4.25 -24.69
C GLU B 329 35.05 -5.36 -23.72
N LEU B 330 33.92 -6.01 -24.03
CA LEU B 330 33.36 -7.14 -23.23
C LEU B 330 34.15 -8.45 -23.37
N GLY B 331 34.66 -8.78 -24.56
CA GLY B 331 35.47 -10.01 -24.71
C GLY B 331 34.76 -11.25 -25.24
N ILE B 332 33.48 -11.17 -25.61
CA ILE B 332 32.75 -12.34 -26.22
C ILE B 332 32.85 -13.51 -25.24
N ASN B 333 32.62 -13.28 -23.95
CA ASN B 333 32.70 -14.36 -22.94
C ASN B 333 31.74 -15.52 -23.29
N ASP B 334 30.50 -15.17 -23.63
CA ASP B 334 29.42 -16.08 -23.95
C ASP B 334 29.61 -16.98 -25.18
N PRO B 335 29.31 -18.30 -25.07
CA PRO B 335 29.51 -19.23 -26.19
C PRO B 335 28.50 -19.02 -27.31
N GLN B 336 27.34 -18.44 -26.98
CA GLN B 336 26.30 -18.08 -27.94
C GLN B 336 26.73 -16.89 -28.79
N LEU B 337 27.41 -15.93 -28.16
CA LEU B 337 28.04 -14.79 -28.87
C LEU B 337 29.16 -15.27 -29.80
N GLU B 338 30.04 -16.13 -29.27
CA GLU B 338 31.08 -16.78 -30.06
C GLU B 338 30.47 -17.46 -31.29
N LEU B 339 29.45 -18.29 -31.05
CA LEU B 339 28.67 -18.96 -32.08
C LEU B 339 28.16 -17.99 -33.13
N ALA B 340 27.57 -16.88 -32.66
CA ALA B 340 26.99 -15.84 -33.51
C ALA B 340 28.01 -15.22 -34.46
N MET B 341 29.19 -14.88 -33.94
CA MET B 341 30.24 -14.27 -34.77
C MET B 341 30.83 -15.23 -35.82
N LYS B 342 30.85 -16.53 -35.49
CA LYS B 342 31.25 -17.57 -36.44
C LYS B 342 30.22 -17.74 -37.56
N LEU B 343 28.94 -17.73 -37.18
CA LEU B 343 27.82 -17.79 -38.12
C LEU B 343 27.87 -16.59 -39.08
N GLU B 344 28.19 -15.41 -38.53
CA GLU B 344 28.42 -14.19 -39.30
C GLU B 344 29.57 -14.37 -40.31
N GLU B 345 30.72 -14.83 -39.80
CA GLU B 345 31.89 -15.13 -40.64
C GLU B 345 31.49 -16.02 -41.82
N ILE B 346 30.84 -17.15 -41.51
CA ILE B 346 30.37 -18.10 -42.52
C ILE B 346 29.49 -17.43 -43.57
N ALA B 347 28.40 -16.80 -43.10
CA ALA B 347 27.41 -16.15 -43.95
C ALA B 347 28.04 -15.16 -44.95
N ARG B 348 29.03 -14.40 -44.48
CA ARG B 348 29.70 -13.38 -45.29
C ARG B 348 30.67 -13.98 -46.31
N HIS B 349 31.42 -15.02 -45.92
CA HIS B 349 32.39 -15.68 -46.80
C HIS B 349 31.89 -16.97 -47.48
N ASP B 350 30.56 -17.16 -47.52
CA ASP B 350 29.94 -18.33 -48.16
C ASP B 350 29.20 -17.94 -49.44
N PRO B 351 29.43 -18.66 -50.57
CA PRO B 351 28.84 -18.28 -51.86
C PRO B 351 27.31 -18.31 -51.90
N TYR B 352 26.69 -19.33 -51.29
CA TYR B 352 25.24 -19.46 -51.25
C TYR B 352 24.57 -18.23 -50.64
N PHE B 353 25.03 -17.86 -49.44
CA PHE B 353 24.50 -16.71 -48.70
C PHE B 353 24.83 -15.39 -49.40
N VAL B 354 26.04 -15.27 -49.95
CA VAL B 354 26.45 -14.08 -50.71
C VAL B 354 25.51 -13.84 -51.90
N GLU B 355 25.27 -14.89 -52.70
CA GLU B 355 24.43 -14.83 -53.89
C GLU B 355 22.95 -14.64 -53.57
N ARG B 356 22.51 -15.17 -52.41
CA ARG B 356 21.13 -15.01 -51.95
C ARG B 356 20.84 -13.66 -51.27
N ASN B 357 21.88 -12.81 -51.16
CA ASN B 357 21.82 -11.55 -50.41
C ASN B 357 21.32 -11.76 -48.97
N LEU B 358 21.90 -12.77 -48.31
CA LEU B 358 21.60 -13.12 -46.92
C LEU B 358 22.74 -12.62 -46.03
N TYR B 359 22.86 -11.29 -45.97
CA TYR B 359 23.88 -10.60 -45.19
C TYR B 359 23.43 -10.45 -43.74
N PRO B 360 24.35 -10.41 -42.75
CA PRO B 360 23.97 -10.17 -41.36
C PRO B 360 23.41 -8.75 -41.20
N ASN B 361 22.14 -8.66 -40.80
CA ASN B 361 21.42 -7.38 -40.78
C ASN B 361 21.44 -6.66 -39.43
N VAL B 362 20.90 -5.43 -39.44
CA VAL B 362 20.74 -4.59 -38.26
C VAL B 362 20.18 -5.32 -37.04
N ASP B 363 19.20 -6.21 -37.26
CA ASP B 363 18.52 -6.95 -36.19
C ASP B 363 19.43 -8.00 -35.53
N PHE B 364 20.20 -8.71 -36.37
CA PHE B 364 21.21 -9.67 -35.93
C PHE B 364 22.24 -8.99 -35.03
N TYR B 365 22.85 -7.92 -35.55
CA TYR B 365 23.88 -7.19 -34.81
C TYR B 365 23.34 -6.56 -33.52
N SER B 366 22.19 -5.88 -33.60
CA SER B 366 21.58 -5.21 -32.46
C SER B 366 21.18 -6.20 -31.36
N GLY B 367 20.64 -7.35 -31.76
CA GLY B 367 20.33 -8.43 -30.82
C GLY B 367 21.55 -8.83 -30.01
N ILE B 368 22.66 -9.09 -30.74
CA ILE B 368 23.93 -9.47 -30.13
C ILE B 368 24.46 -8.41 -29.16
N ILE B 369 24.42 -7.14 -29.59
CA ILE B 369 24.89 -6.01 -28.77
C ILE B 369 24.10 -5.93 -27.46
N LEU B 370 22.78 -5.79 -27.58
CA LEU B 370 21.87 -5.68 -26.45
C LEU B 370 22.09 -6.81 -25.44
N LYS B 371 22.20 -8.05 -25.95
CA LYS B 371 22.50 -9.20 -25.10
C LYS B 371 23.84 -9.04 -24.39
N ALA B 372 24.87 -8.68 -25.18
CA ALA B 372 26.24 -8.54 -24.70
C ALA B 372 26.37 -7.51 -23.56
N ILE B 373 25.65 -6.39 -23.69
CA ILE B 373 25.71 -5.32 -22.69
C ILE B 373 24.74 -5.49 -21.52
N GLY B 374 24.03 -6.64 -21.49
CA GLY B 374 23.30 -7.07 -20.31
C GLY B 374 21.77 -7.03 -20.34
N ILE B 375 21.20 -6.49 -21.43
CA ILE B 375 19.76 -6.40 -21.58
C ILE B 375 19.20 -7.80 -21.85
N PRO B 376 18.16 -8.25 -21.10
CA PRO B 376 17.55 -9.55 -21.36
C PRO B 376 16.62 -9.49 -22.57
N THR B 377 16.44 -10.64 -23.24
CA THR B 377 15.67 -10.73 -24.49
C THR B 377 14.26 -10.13 -24.38
N SER B 378 13.63 -10.34 -23.22
CA SER B 378 12.31 -9.78 -22.93
C SER B 378 12.20 -8.27 -23.20
N MET B 379 13.28 -7.54 -22.88
CA MET B 379 13.34 -6.08 -22.99
C MET B 379 13.61 -5.55 -24.41
N PHE B 380 14.17 -6.40 -25.29
CA PHE B 380 14.57 -6.00 -26.64
C PHE B 380 13.54 -5.11 -27.32
N THR B 381 12.28 -5.58 -27.32
CA THR B 381 11.15 -4.86 -27.89
C THR B 381 10.82 -3.55 -27.17
N VAL B 382 11.11 -3.49 -25.86
CA VAL B 382 10.95 -2.27 -25.07
C VAL B 382 11.99 -1.22 -25.47
N ILE B 383 13.22 -1.66 -25.76
CA ILE B 383 14.27 -0.78 -26.29
C ILE B 383 13.86 -0.23 -27.65
N PHE B 384 13.33 -1.11 -28.52
CA PHE B 384 12.75 -0.72 -29.80
C PHE B 384 11.74 0.42 -29.58
N ALA B 385 10.73 0.15 -28.74
CA ALA B 385 9.67 1.11 -28.44
C ALA B 385 10.24 2.45 -27.96
N LEU B 386 11.24 2.36 -27.08
CA LEU B 386 11.97 3.50 -26.54
C LEU B 386 12.50 4.41 -27.65
N ALA B 387 13.20 3.79 -28.61
CA ALA B 387 13.80 4.50 -29.72
C ALA B 387 12.75 5.06 -30.67
N ARG B 388 11.74 4.25 -31.00
CA ARG B 388 10.73 4.59 -32.00
C ARG B 388 9.75 5.69 -31.55
N THR B 389 9.59 5.85 -30.22
CA THR B 389 8.67 6.84 -29.63
C THR B 389 8.70 8.18 -30.35
N VAL B 390 9.92 8.71 -30.56
CA VAL B 390 10.13 9.99 -31.23
C VAL B 390 9.57 9.98 -32.66
N GLY B 391 9.74 8.86 -33.36
CA GLY B 391 9.19 8.67 -34.70
C GLY B 391 7.68 8.75 -34.67
N TRP B 392 7.07 7.94 -33.78
CA TRP B 392 5.61 7.90 -33.63
C TRP B 392 5.04 9.29 -33.40
N ILE B 393 5.56 10.00 -32.38
CA ILE B 393 5.05 11.31 -32.01
C ILE B 393 5.29 12.37 -33.10
N SER B 394 6.39 12.21 -33.84
CA SER B 394 6.69 13.07 -34.99
C SER B 394 5.64 12.92 -36.09
N HIS B 395 5.29 11.66 -36.40
CA HIS B 395 4.25 11.33 -37.39
C HIS B 395 2.86 11.81 -36.96
N TRP B 396 2.59 11.72 -35.66
CA TRP B 396 1.36 12.22 -35.04
C TRP B 396 1.31 13.74 -35.15
N GLN B 397 2.40 14.41 -34.77
CA GLN B 397 2.55 15.86 -34.89
C GLN B 397 2.30 16.35 -36.31
N GLU B 398 2.92 15.66 -37.28
CA GLU B 398 2.76 16.00 -38.70
C GLU B 398 1.29 15.88 -39.11
N MET B 399 0.69 14.72 -38.81
CA MET B 399 -0.70 14.45 -39.15
C MET B 399 -1.63 15.56 -38.64
N LEU B 400 -1.48 15.91 -37.35
CA LEU B 400 -2.32 16.92 -36.71
C LEU B 400 -2.05 18.36 -37.17
N SER B 401 -0.79 18.67 -37.49
CA SER B 401 -0.39 19.97 -37.99
C SER B 401 -0.96 20.23 -39.39
N GLY B 402 -1.16 19.16 -40.15
CA GLY B 402 -1.87 19.22 -41.43
C GLY B 402 -3.39 19.27 -41.24
N PRO B 403 -4.20 19.34 -42.30
CA PRO B 403 -5.65 19.34 -42.12
C PRO B 403 -6.05 17.87 -42.21
N TYR B 404 -6.32 17.22 -41.07
CA TYR B 404 -6.60 15.76 -41.09
C TYR B 404 -8.12 15.57 -41.22
N LYS B 405 -8.51 14.29 -41.19
CA LYS B 405 -9.90 13.78 -41.26
C LYS B 405 -9.93 12.50 -40.44
N ILE B 406 -11.05 12.18 -39.80
CA ILE B 406 -11.17 11.00 -38.90
C ILE B 406 -10.57 9.70 -39.43
N GLY B 407 -11.12 9.18 -40.51
CA GLY B 407 -10.49 8.04 -41.19
C GLY B 407 -11.31 6.79 -41.03
N ARG B 408 -12.30 6.59 -41.89
CA ARG B 408 -13.15 5.38 -41.81
C ARG B 408 -12.87 4.36 -42.92
N PRO B 409 -12.00 3.35 -42.72
CA PRO B 409 -11.72 2.35 -43.76
C PRO B 409 -12.99 1.60 -44.19
N ARG B 410 -13.04 1.15 -45.46
CA ARG B 410 -14.19 0.43 -46.00
C ARG B 410 -13.85 -1.06 -45.95
N GLN B 411 -14.83 -1.89 -46.31
CA GLN B 411 -14.67 -3.34 -46.39
C GLN B 411 -15.38 -3.90 -47.62
N LEU B 412 -15.17 -5.20 -47.86
CA LEU B 412 -15.89 -5.97 -48.86
C LEU B 412 -16.77 -6.99 -48.13
N TYR B 413 -18.08 -6.80 -48.23
CA TYR B 413 -19.03 -7.67 -47.53
C TYR B 413 -19.25 -8.97 -48.29
N THR B 414 -19.01 -10.09 -47.61
CA THR B 414 -19.21 -11.43 -48.15
C THR B 414 -19.99 -12.30 -47.16
N GLY B 415 -20.88 -11.65 -46.41
CA GLY B 415 -21.73 -12.32 -45.41
C GLY B 415 -23.08 -12.66 -45.97
N HIS B 416 -24.08 -12.90 -45.12
CA HIS B 416 -25.42 -13.24 -45.65
C HIS B 416 -26.24 -12.05 -46.13
N THR B 417 -27.28 -12.33 -46.90
CA THR B 417 -28.22 -11.28 -47.36
C THR B 417 -29.23 -10.97 -46.26
N GLN B 418 -29.86 -9.79 -46.28
CA GLN B 418 -30.79 -9.33 -45.20
C GLN B 418 -31.77 -10.47 -44.96
N ARG B 419 -31.99 -10.79 -43.69
CA ARG B 419 -32.84 -11.88 -43.23
C ARG B 419 -33.51 -11.55 -41.90
N ASP B 420 -34.77 -11.98 -41.75
CA ASP B 420 -35.54 -11.81 -40.53
C ASP B 420 -35.01 -12.67 -39.39
N PHE B 421 -35.39 -12.30 -38.18
CA PHE B 421 -34.93 -12.96 -36.94
C PHE B 421 -35.59 -14.32 -36.79
N THR B 422 -34.81 -15.39 -36.92
CA THR B 422 -35.32 -16.78 -36.80
C THR B 422 -35.56 -17.13 -35.34
N ALA B 423 -36.81 -17.38 -34.96
CA ALA B 423 -37.20 -17.67 -33.56
C ALA B 423 -36.49 -18.90 -32.99
N LEU B 424 -36.28 -18.87 -31.68
CA LEU B 424 -35.55 -19.93 -30.95
C LEU B 424 -35.92 -21.31 -31.50
N LYS B 425 -37.15 -21.50 -31.96
CA LYS B 425 -37.62 -22.83 -32.47
C LYS B 425 -36.88 -23.19 -33.77
N ASP B 426 -36.77 -22.24 -34.69
CA ASP B 426 -36.11 -22.53 -35.99
C ASP B 426 -34.63 -22.88 -35.83
N ARG B 427 -33.91 -22.14 -34.99
CA ARG B 427 -32.47 -22.41 -34.78
C ARG B 427 -32.19 -23.84 -34.33
N ASP C 3 -1.47 47.29 43.93
CA ASP C 3 -1.38 48.56 44.71
C ASP C 3 -2.67 49.39 44.58
N LYS C 4 -3.07 49.63 43.32
CA LYS C 4 -4.26 50.42 43.01
C LYS C 4 -5.53 49.57 42.99
N LYS C 5 -6.67 50.24 43.18
CA LYS C 5 -8.00 49.63 43.13
C LYS C 5 -8.89 50.39 42.16
N ALA C 6 -9.95 49.71 41.69
CA ALA C 6 -10.91 50.29 40.74
C ALA C 6 -12.33 49.94 41.17
N GLN C 7 -13.16 50.98 41.35
CA GLN C 7 -14.55 50.83 41.74
C GLN C 7 -15.42 50.68 40.50
N LEU C 8 -16.23 49.62 40.45
CA LEU C 8 -17.24 49.44 39.43
C LEU C 8 -18.61 49.55 40.08
N ILE C 9 -19.40 50.51 39.63
CA ILE C 9 -20.77 50.72 40.19
C ILE C 9 -21.73 50.42 39.05
N ILE C 10 -22.70 49.54 39.30
CA ILE C 10 -23.65 49.09 38.23
C ILE C 10 -24.98 49.85 38.31
N GLU C 11 -25.37 50.18 39.54
CA GLU C 11 -26.64 50.84 40.02
C GLU C 11 -27.65 49.71 40.29
N GLY C 12 -27.29 48.50 39.86
CA GLY C 12 -28.12 47.31 40.15
C GLY C 12 -27.85 46.86 41.57
N SER C 13 -26.60 46.99 41.99
CA SER C 13 -26.10 46.55 43.32
C SER C 13 -25.13 47.60 43.88
N ALA C 14 -24.23 47.22 44.80
CA ALA C 14 -23.28 48.21 45.34
C ALA C 14 -22.02 48.18 44.48
N PRO C 15 -21.28 49.30 44.33
CA PRO C 15 -20.05 49.33 43.53
C PRO C 15 -19.10 48.23 44.01
N VAL C 16 -18.52 47.48 43.07
CA VAL C 16 -17.64 46.36 43.47
C VAL C 16 -16.18 46.78 43.36
N GLU C 17 -15.36 46.25 44.26
CA GLU C 17 -13.92 46.54 44.27
C GLU C 17 -13.18 45.56 43.37
N LEU C 18 -12.57 46.10 42.30
CA LEU C 18 -11.81 45.33 41.34
C LEU C 18 -10.33 45.72 41.41
N PRO C 19 -9.42 44.78 41.72
CA PRO C 19 -7.99 45.11 41.79
C PRO C 19 -7.43 45.41 40.40
N VAL C 20 -6.85 46.61 40.23
CA VAL C 20 -6.20 47.00 39.00
C VAL C 20 -4.71 46.66 39.02
N LEU C 21 -4.31 45.70 38.18
CA LEU C 21 -2.90 45.32 38.03
C LEU C 21 -2.09 45.85 36.85
N SER C 22 -0.86 46.29 37.12
CA SER C 22 0.02 46.89 36.12
C SER C 22 1.06 45.83 35.75
N GLY C 23 1.79 46.11 34.65
CA GLY C 23 2.83 45.24 34.15
C GLY C 23 4.16 45.96 34.03
N THR C 24 5.17 45.26 33.52
CA THR C 24 6.50 45.83 33.28
C THR C 24 6.45 46.95 32.24
N MET C 25 5.56 46.79 31.25
CA MET C 25 5.24 47.86 30.30
C MET C 25 3.93 47.55 29.59
N GLY C 26 3.38 48.56 28.90
CA GLY C 26 2.06 48.50 28.31
C GLY C 26 1.02 49.05 29.28
N PRO C 27 -0.29 48.85 29.02
CA PRO C 27 -1.34 49.42 29.88
C PRO C 27 -1.57 48.63 31.16
N ASP C 28 -2.31 49.24 32.10
CA ASP C 28 -2.77 48.55 33.31
C ASP C 28 -3.98 47.70 32.96
N VAL C 29 -4.27 46.72 33.83
CA VAL C 29 -5.36 45.77 33.62
C VAL C 29 -6.23 45.70 34.88
N VAL C 30 -7.55 45.60 34.66
CA VAL C 30 -8.54 45.58 35.74
C VAL C 30 -9.09 44.16 35.93
N ASP C 31 -8.74 43.54 37.07
CA ASP C 31 -9.15 42.17 37.39
C ASP C 31 -10.67 42.05 37.51
N VAL C 32 -11.29 41.34 36.57
CA VAL C 32 -12.76 41.19 36.55
C VAL C 32 -13.25 39.79 36.94
N ARG C 33 -12.38 38.98 37.56
CA ARG C 33 -12.72 37.63 38.00
C ARG C 33 -13.79 37.61 39.09
N GLY C 34 -13.90 38.72 39.85
CA GLY C 34 -14.92 38.88 40.87
C GLY C 34 -16.33 39.11 40.35
N LEU C 35 -16.46 39.44 39.06
CA LEU C 35 -17.75 39.80 38.45
C LEU C 35 -18.84 38.72 38.58
N THR C 36 -18.47 37.47 38.26
CA THR C 36 -19.42 36.35 38.30
C THR C 36 -20.02 36.16 39.70
N ALA C 37 -19.25 36.53 40.73
CA ALA C 37 -19.72 36.54 42.12
C ALA C 37 -20.86 37.54 42.33
N THR C 38 -20.73 38.73 41.72
CA THR C 38 -21.74 39.79 41.83
C THR C 38 -22.94 39.59 40.88
N GLY C 39 -22.86 38.57 40.02
CA GLY C 39 -23.94 38.20 39.11
C GLY C 39 -23.94 38.97 37.81
N HIS C 40 -22.74 39.25 37.28
CA HIS C 40 -22.56 39.93 36.00
C HIS C 40 -21.37 39.34 35.24
N PHE C 41 -21.31 39.60 33.94
CA PHE C 41 -20.13 39.33 33.12
C PHE C 41 -19.71 40.62 32.41
N THR C 42 -18.50 40.60 31.85
CA THR C 42 -18.07 41.61 30.89
C THR C 42 -18.56 41.14 29.52
N PHE C 43 -18.72 42.08 28.58
CA PHE C 43 -19.06 41.76 27.19
C PHE C 43 -17.92 42.23 26.31
N ASP C 44 -17.36 41.30 25.53
CA ASP C 44 -16.20 41.59 24.69
C ASP C 44 -16.14 40.71 23.44
N PRO C 45 -16.96 40.99 22.41
CA PRO C 45 -16.80 40.37 21.09
C PRO C 45 -15.35 40.45 20.57
N GLY C 46 -14.75 39.27 20.35
CA GLY C 46 -13.39 39.16 19.85
C GLY C 46 -12.28 39.34 20.88
N PHE C 47 -12.68 39.52 22.15
CA PHE C 47 -11.75 39.69 23.28
C PHE C 47 -10.77 40.86 23.11
N MET C 48 -11.17 41.86 22.32
CA MET C 48 -10.27 42.96 21.91
C MET C 48 -9.89 43.92 23.05
N SER C 49 -10.64 43.88 24.14
CA SER C 49 -10.37 44.65 25.35
C SER C 49 -10.17 43.79 26.60
N THR C 50 -10.11 42.46 26.39
CA THR C 50 -9.93 41.50 27.47
C THR C 50 -8.54 40.85 27.38
N ALA C 51 -7.83 40.88 28.51
CA ALA C 51 -6.53 40.27 28.69
C ALA C 51 -6.73 38.86 29.22
N SER C 52 -6.33 37.88 28.41
CA SER C 52 -6.48 36.47 28.75
C SER C 52 -5.55 36.03 29.87
N CYS C 53 -4.37 36.65 29.95
CA CYS C 53 -3.26 36.11 30.74
C CYS C 53 -2.12 37.09 30.98
N GLU C 54 -1.19 36.68 31.85
CA GLU C 54 0.13 37.29 31.98
C GLU C 54 1.06 36.62 30.98
N SER C 55 1.96 37.42 30.40
CA SER C 55 3.02 36.90 29.52
C SER C 55 4.26 37.75 29.65
N LYS C 56 5.42 37.13 29.36
CA LYS C 56 6.70 37.83 29.33
C LYS C 56 7.52 37.41 28.11
N ILE C 57 6.82 36.99 27.05
CA ILE C 57 7.43 36.49 25.82
C ILE C 57 7.60 37.64 24.82
N THR C 58 6.48 38.13 24.29
CA THR C 58 6.49 39.17 23.25
C THR C 58 5.61 40.35 23.68
N TYR C 59 6.17 41.55 23.52
CA TYR C 59 5.46 42.81 23.75
C TYR C 59 5.41 43.65 22.47
N ILE C 60 4.26 44.27 22.25
CA ILE C 60 3.96 45.07 21.06
C ILE C 60 3.36 46.42 21.45
N ASP C 61 3.80 47.46 20.73
CA ASP C 61 3.21 48.80 20.78
C ASP C 61 3.21 49.36 19.35
N GLY C 62 2.08 49.20 18.65
CA GLY C 62 1.93 49.57 17.26
C GLY C 62 2.17 51.05 16.99
N ASP C 63 1.59 51.91 17.83
CA ASP C 63 1.74 53.36 17.71
C ASP C 63 3.21 53.80 17.67
N LYS C 64 4.03 53.19 18.52
CA LYS C 64 5.46 53.50 18.64
C LYS C 64 6.36 52.71 17.66
N GLY C 65 5.78 51.70 17.01
CA GLY C 65 6.51 50.83 16.10
C GLY C 65 7.48 49.94 16.84
N VAL C 66 6.98 49.29 17.90
CA VAL C 66 7.77 48.47 18.81
C VAL C 66 7.23 47.04 18.85
N LEU C 67 8.13 46.08 18.61
CA LEU C 67 7.86 44.66 18.73
C LEU C 67 9.11 44.04 19.30
N LEU C 68 9.02 43.48 20.51
CA LEU C 68 10.21 42.90 21.15
C LEU C 68 9.99 41.57 21.86
N HIS C 69 10.89 40.62 21.56
CA HIS C 69 10.88 39.28 22.16
C HIS C 69 11.88 39.24 23.31
N ARG C 70 11.37 39.01 24.51
CA ARG C 70 12.17 38.95 25.74
C ARG C 70 12.97 40.24 25.96
N GLY C 71 12.41 41.37 25.52
CA GLY C 71 13.06 42.67 25.62
C GLY C 71 13.86 43.08 24.39
N TYR C 72 14.28 42.11 23.58
CA TYR C 72 15.10 42.36 22.40
C TYR C 72 14.22 42.79 21.24
N PRO C 73 14.49 43.96 20.62
CA PRO C 73 13.74 44.39 19.43
C PRO C 73 13.90 43.43 18.25
N ILE C 74 12.80 43.26 17.50
CA ILE C 74 12.76 42.35 16.37
C ILE C 74 13.80 42.67 15.30
N GLU C 75 14.01 43.97 15.04
CA GLU C 75 14.96 44.45 14.02
C GLU C 75 16.41 44.04 14.33
N GLN C 76 16.77 44.07 15.63
CA GLN C 76 18.11 43.71 16.09
C GLN C 76 18.35 42.21 15.91
N LEU C 77 17.37 41.40 16.33
CA LEU C 77 17.43 39.96 16.18
C LEU C 77 17.55 39.57 14.70
N ALA C 78 16.70 40.17 13.87
CA ALA C 78 16.67 39.95 12.43
C ALA C 78 18.01 40.30 11.78
N GLU C 79 18.59 41.44 12.20
CA GLU C 79 19.86 41.92 11.66
C GLU C 79 21.11 41.08 11.92
N LYS C 80 21.21 40.49 13.12
CA LYS C 80 22.34 39.72 13.58
C LYS C 80 22.22 38.22 13.96
N SER C 81 21.29 37.95 14.88
CA SER C 81 21.03 36.56 15.35
C SER C 81 20.28 35.79 14.25
N ASP C 82 20.25 34.46 14.39
CA ASP C 82 19.59 33.55 13.44
C ASP C 82 18.26 33.05 14.03
N TYR C 83 17.56 32.21 13.26
CA TYR C 83 16.25 31.68 13.66
C TYR C 83 16.32 30.81 14.90
N LEU C 84 17.29 29.88 14.94
CA LEU C 84 17.44 28.96 16.06
C LEU C 84 17.87 29.65 17.36
N GLU C 85 18.69 30.71 17.23
CA GLU C 85 19.04 31.56 18.37
C GLU C 85 17.79 32.27 18.89
N THR C 86 16.97 32.78 17.97
CA THR C 86 15.70 33.42 18.32
C THR C 86 14.71 32.43 18.94
N CYS C 87 14.71 31.19 18.44
CA CYS C 87 13.91 30.10 19.00
C CYS C 87 14.32 29.88 20.45
N TYR C 88 15.63 29.74 20.68
CA TYR C 88 16.18 29.58 22.03
C TYR C 88 15.74 30.71 22.95
N LEU C 89 15.75 31.94 22.43
CA LEU C 89 15.34 33.13 23.18
C LEU C 89 13.88 33.02 23.61
N LEU C 90 13.00 32.75 22.63
CA LEU C 90 11.57 32.63 22.87
C LEU C 90 11.21 31.54 23.88
N LEU C 91 11.94 30.41 23.82
CA LEU C 91 11.69 29.26 24.67
C LEU C 91 12.23 29.40 26.09
N ASN C 92 13.47 29.88 26.20
CA ASN C 92 14.22 29.88 27.46
C ASN C 92 14.28 31.22 28.19
N GLY C 93 14.00 32.32 27.48
CA GLY C 93 13.89 33.65 28.08
C GLY C 93 15.11 34.54 27.98
N GLU C 94 16.28 33.95 27.69
CA GLU C 94 17.51 34.69 27.46
C GLU C 94 18.24 34.14 26.25
N LEU C 95 19.18 34.91 25.71
CA LEU C 95 20.01 34.49 24.59
C LEU C 95 20.99 33.42 25.07
N PRO C 96 21.36 32.45 24.21
CA PRO C 96 22.24 31.34 24.63
C PRO C 96 23.72 31.71 24.61
N THR C 97 24.51 31.02 25.44
CA THR C 97 25.96 30.97 25.31
C THR C 97 26.29 30.10 24.11
N ALA C 98 27.57 30.02 23.75
CA ALA C 98 28.02 29.14 22.69
C ALA C 98 27.73 27.67 23.03
N ALA C 99 27.92 27.32 24.31
CA ALA C 99 27.63 25.98 24.82
C ALA C 99 26.15 25.63 24.71
N GLN C 100 25.29 26.53 25.24
CA GLN C 100 23.84 26.39 25.17
C GLN C 100 23.37 26.29 23.72
N LYS C 101 23.91 27.16 22.86
CA LYS C 101 23.62 27.21 21.44
C LYS C 101 23.98 25.90 20.76
N GLU C 102 25.24 25.46 20.93
CA GLU C 102 25.73 24.21 20.37
C GLU C 102 24.77 23.05 20.69
N GLN C 103 24.46 22.89 21.98
CA GLN C 103 23.60 21.82 22.47
C GLN C 103 22.18 21.88 21.89
N PHE C 104 21.62 23.09 21.83
CA PHE C 104 20.27 23.32 21.32
C PHE C 104 20.17 22.97 19.83
N VAL C 105 21.10 23.51 19.03
CA VAL C 105 21.16 23.24 17.61
C VAL C 105 21.33 21.73 17.37
N GLY C 106 22.18 21.10 18.20
CA GLY C 106 22.41 19.66 18.15
C GLY C 106 21.13 18.85 18.29
N THR C 107 20.36 19.16 19.34
CA THR C 107 19.09 18.50 19.63
C THR C 107 18.10 18.66 18.48
N ILE C 108 17.97 19.90 18.00
CA ILE C 108 17.08 20.22 16.88
C ILE C 108 17.46 19.38 15.65
N LYS C 109 18.76 19.22 15.40
CA LYS C 109 19.24 18.39 14.29
C LYS C 109 18.98 16.90 14.52
N ASN C 110 18.97 16.47 15.79
CA ASN C 110 18.64 15.10 16.15
C ASN C 110 17.19 14.74 15.86
N HIS C 111 16.27 15.69 16.07
CA HIS C 111 14.83 15.45 15.89
C HIS C 111 14.26 15.72 14.49
N THR C 112 15.11 16.17 13.55
CA THR C 112 14.66 16.60 12.21
C THR C 112 14.03 15.50 11.34
N MET C 113 14.48 14.25 11.52
CA MET C 113 13.93 13.12 10.75
C MET C 113 12.54 12.76 11.27
N VAL C 114 11.64 12.41 10.33
CA VAL C 114 10.26 12.08 10.62
C VAL C 114 10.05 10.57 10.49
N HIS C 115 9.18 10.03 11.36
CA HIS C 115 8.85 8.60 11.41
C HIS C 115 8.25 8.12 10.08
N GLU C 116 8.87 7.08 9.50
CA GLU C 116 8.51 6.56 8.17
C GLU C 116 7.02 6.25 7.97
N GLN C 117 6.33 5.89 9.07
CA GLN C 117 4.90 5.64 9.06
C GLN C 117 4.12 6.83 8.47
N LEU C 118 4.54 8.05 8.81
CA LEU C 118 3.87 9.27 8.35
C LEU C 118 3.81 9.41 6.83
N LYS C 119 4.81 8.88 6.12
CA LYS C 119 4.81 8.89 4.65
C LYS C 119 3.50 8.35 4.07
N THR C 120 2.99 7.25 4.65
CA THR C 120 1.76 6.59 4.20
C THR C 120 0.51 7.43 4.49
N PHE C 121 0.62 8.34 5.46
CA PHE C 121 -0.41 9.29 5.83
C PHE C 121 -0.78 10.20 4.66
N PHE C 122 0.25 10.76 4.02
CA PHE C 122 0.10 11.65 2.88
C PHE C 122 -0.68 10.99 1.74
N ASN C 123 -0.48 9.69 1.56
CA ASN C 123 -1.18 8.89 0.55
C ASN C 123 -2.70 8.85 0.75
N GLY C 124 -3.16 9.30 1.93
CA GLY C 124 -4.58 9.47 2.22
C GLY C 124 -5.16 10.80 1.76
N PHE C 125 -4.32 11.67 1.19
CA PHE C 125 -4.74 12.95 0.62
C PHE C 125 -4.74 12.91 -0.89
N ARG C 126 -5.47 13.86 -1.48
CA ARG C 126 -5.37 14.16 -2.90
C ARG C 126 -4.16 15.06 -3.04
N ARG C 127 -3.37 14.87 -4.09
CA ARG C 127 -2.16 15.67 -4.31
C ARG C 127 -2.46 17.17 -4.47
N ASP C 128 -3.64 17.48 -5.02
CA ASP C 128 -4.12 18.85 -5.17
C ASP C 128 -4.75 19.44 -3.88
N ALA C 129 -4.76 18.66 -2.80
CA ALA C 129 -5.30 19.09 -1.51
C ALA C 129 -4.53 20.29 -0.98
N HIS C 130 -5.20 21.12 -0.17
CA HIS C 130 -4.61 22.34 0.35
C HIS C 130 -3.50 22.02 1.34
N PRO C 131 -2.29 22.60 1.16
CA PRO C 131 -1.16 22.35 2.05
C PRO C 131 -1.50 22.47 3.54
N MET C 132 -2.25 23.50 3.91
CA MET C 132 -2.63 23.74 5.31
C MET C 132 -3.56 22.66 5.86
N ALA C 133 -4.41 22.09 5.00
CA ALA C 133 -5.24 20.95 5.36
C ALA C 133 -4.33 19.77 5.66
N VAL C 134 -3.37 19.52 4.76
CA VAL C 134 -2.42 18.43 4.92
C VAL C 134 -1.64 18.57 6.23
N MET C 135 -1.13 19.79 6.49
CA MET C 135 -0.39 20.10 7.72
C MET C 135 -1.24 19.84 8.96
N CYS C 136 -2.46 20.40 8.96
CA CYS C 136 -3.44 20.25 10.03
C CYS C 136 -3.69 18.79 10.37
N GLY C 137 -3.82 17.95 9.33
CA GLY C 137 -3.99 16.52 9.50
C GLY C 137 -2.74 15.83 10.02
N VAL C 138 -1.62 16.05 9.33
CA VAL C 138 -0.36 15.35 9.58
C VAL C 138 0.15 15.57 11.00
N ILE C 139 0.32 16.84 11.40
CA ILE C 139 0.85 17.14 12.73
C ILE C 139 -0.19 16.89 13.83
N GLY C 140 -1.47 16.84 13.44
CA GLY C 140 -2.54 16.40 14.31
C GLY C 140 -2.40 14.92 14.63
N ALA C 141 -1.88 14.16 13.66
CA ALA C 141 -1.61 12.73 13.83
C ALA C 141 -0.33 12.43 14.60
N LEU C 142 0.60 13.40 14.64
CA LEU C 142 1.85 13.26 15.40
C LEU C 142 1.56 12.96 16.88
N SER C 143 0.45 13.51 17.37
CA SER C 143 -0.05 13.27 18.72
C SER C 143 0.06 11.79 19.08
N ALA C 144 -0.47 10.93 18.20
CA ALA C 144 -0.46 9.47 18.37
C ALA C 144 0.95 8.89 18.58
N PHE C 145 1.96 9.51 17.97
CA PHE C 145 3.34 9.05 18.03
C PHE C 145 4.10 9.51 19.27
N TYR C 146 3.83 10.73 19.73
CA TYR C 146 4.44 11.26 20.95
C TYR C 146 3.38 11.64 21.99
N HIS C 147 2.78 10.62 22.63
CA HIS C 147 1.71 10.81 23.62
C HIS C 147 1.82 9.94 24.86
N ASP C 148 2.25 8.68 24.69
CA ASP C 148 2.27 7.68 25.77
C ASP C 148 3.21 8.06 26.91
N SER C 149 4.45 8.42 26.57
CA SER C 149 5.41 8.93 27.54
C SER C 149 4.98 10.31 28.03
N LEU C 150 4.65 11.20 27.08
CA LEU C 150 4.37 12.61 27.31
C LEU C 150 3.52 12.89 28.56
N ASP C 151 4.16 13.51 29.55
CA ASP C 151 3.52 14.06 30.74
C ASP C 151 3.49 15.57 30.56
N ILE C 152 2.30 16.08 30.22
CA ILE C 152 2.07 17.51 30.00
C ILE C 152 2.57 18.42 31.13
N ASN C 153 2.61 17.91 32.36
CA ASN C 153 3.06 18.68 33.53
C ASN C 153 4.56 18.64 33.80
N ASN C 154 5.26 17.68 33.20
CA ASN C 154 6.71 17.54 33.34
C ASN C 154 7.44 18.47 32.37
N PRO C 155 8.26 19.42 32.88
CA PRO C 155 8.91 20.41 32.01
C PRO C 155 9.92 19.82 31.03
N LYS C 156 10.50 18.65 31.35
CA LYS C 156 11.40 17.93 30.43
C LYS C 156 10.66 17.46 29.19
N HIS C 157 9.43 16.96 29.39
CA HIS C 157 8.56 16.50 28.31
C HIS C 157 8.10 17.69 27.44
N ARG C 158 7.76 18.79 28.09
CA ARG C 158 7.43 20.04 27.39
C ARG C 158 8.58 20.52 26.50
N GLU C 159 9.79 20.49 27.06
CA GLU C 159 11.02 20.89 26.38
C GLU C 159 11.28 20.05 25.13
N VAL C 160 11.24 18.72 25.29
CA VAL C 160 11.51 17.79 24.20
C VAL C 160 10.40 17.86 23.13
N SER C 161 9.17 18.13 23.57
CA SER C 161 8.04 18.32 22.64
C SER C 161 8.25 19.56 21.77
N ALA C 162 8.72 20.66 22.37
CA ALA C 162 9.04 21.88 21.65
C ALA C 162 10.13 21.66 20.61
N HIS C 163 11.21 20.98 21.03
CA HIS C 163 12.32 20.64 20.14
C HIS C 163 11.84 19.80 18.95
N ARG C 164 11.09 18.73 19.25
CA ARG C 164 10.51 17.85 18.24
C ARG C 164 9.73 18.64 17.18
N LEU C 165 8.87 19.55 17.64
CA LEU C 165 8.05 20.38 16.76
C LEU C 165 8.90 21.29 15.88
N ILE C 166 9.78 22.07 16.50
CA ILE C 166 10.66 23.01 15.79
C ILE C 166 11.52 22.30 14.74
N ALA C 167 11.92 21.06 15.04
CA ALA C 167 12.78 20.26 14.19
C ALA C 167 12.04 19.58 13.02
N LYS C 168 10.83 19.09 13.30
CA LYS C 168 10.06 18.29 12.33
C LYS C 168 9.24 19.12 11.35
N MET C 169 8.74 20.27 11.81
CA MET C 169 7.87 21.12 11.00
C MET C 169 8.43 21.39 9.61
N PRO C 170 9.73 21.76 9.47
CA PRO C 170 10.34 21.94 8.15
C PRO C 170 10.30 20.72 7.26
N THR C 171 10.65 19.56 7.83
CA THR C 171 10.63 18.28 7.14
C THR C 171 9.23 17.96 6.62
N ILE C 172 8.21 18.21 7.45
CA ILE C 172 6.81 17.97 7.10
C ILE C 172 6.36 18.92 5.99
N ALA C 173 6.61 20.22 6.19
CA ALA C 173 6.30 21.26 5.20
C ALA C 173 6.89 20.91 3.84
N ALA C 174 8.15 20.44 3.84
CA ALA C 174 8.83 19.97 2.64
C ALA C 174 8.09 18.81 2.00
N MET C 175 7.70 17.82 2.82
CA MET C 175 6.97 16.64 2.36
C MET C 175 5.66 16.99 1.68
N VAL C 176 4.96 18.01 2.21
CA VAL C 176 3.71 18.51 1.63
C VAL C 176 3.97 18.99 0.20
N TYR C 177 4.96 19.86 0.05
CA TYR C 177 5.33 20.42 -1.25
C TYR C 177 5.73 19.33 -2.24
N LYS C 178 6.68 18.48 -1.82
CA LYS C 178 7.18 17.39 -2.67
C LYS C 178 6.06 16.43 -3.07
N TYR C 179 5.07 16.27 -2.20
CA TYR C 179 3.91 15.42 -2.46
C TYR C 179 2.97 16.03 -3.49
N SER C 180 2.63 17.31 -3.30
CA SER C 180 1.77 18.04 -4.24
C SER C 180 2.33 17.98 -5.66
N LYS C 181 3.66 18.06 -5.76
CA LYS C 181 4.38 18.04 -7.03
C LYS C 181 4.39 16.66 -7.68
N GLY C 182 4.35 15.62 -6.84
CA GLY C 182 4.50 14.24 -7.28
C GLY C 182 5.95 13.84 -7.42
N GLU C 183 6.83 14.57 -6.71
CA GLU C 183 8.25 14.29 -6.64
C GLU C 183 8.54 13.45 -5.40
N PRO C 184 9.67 12.72 -5.34
CA PRO C 184 10.00 11.91 -4.17
C PRO C 184 10.43 12.78 -3.00
N MET C 185 9.94 12.44 -1.80
CA MET C 185 10.13 13.23 -0.59
C MET C 185 11.58 13.14 -0.14
N MET C 186 12.15 14.29 0.28
CA MET C 186 13.56 14.39 0.66
C MET C 186 13.76 14.30 2.18
N TYR C 187 14.92 13.78 2.58
CA TYR C 187 15.32 13.64 3.98
C TYR C 187 16.18 14.84 4.38
N PRO C 188 16.35 15.12 5.69
CA PRO C 188 17.20 16.23 6.13
C PRO C 188 18.70 15.91 6.01
N ARG C 189 19.53 16.94 6.14
CA ARG C 189 20.98 16.80 6.15
C ARG C 189 21.59 17.55 7.34
N ASN C 190 22.34 16.82 8.18
CA ASN C 190 22.97 17.38 9.37
C ASN C 190 24.10 18.37 9.08
N ASP C 191 24.60 18.37 7.84
CA ASP C 191 25.65 19.30 7.41
C ASP C 191 25.12 20.63 6.85
N LEU C 192 23.80 20.83 6.93
CA LEU C 192 23.14 22.07 6.52
C LEU C 192 22.42 22.70 7.70
N ASN C 193 22.47 24.04 7.78
CA ASN C 193 21.74 24.80 8.80
C ASN C 193 20.23 24.78 8.51
N TYR C 194 19.44 25.21 9.51
CA TYR C 194 17.98 25.17 9.47
C TYR C 194 17.39 25.61 8.12
N ALA C 195 17.68 26.86 7.74
CA ALA C 195 17.17 27.46 6.51
C ALA C 195 17.65 26.70 5.27
N GLU C 196 18.96 26.46 5.19
CA GLU C 196 19.55 25.68 4.11
C GLU C 196 18.84 24.35 3.95
N ASN C 197 18.72 23.62 5.07
CA ASN C 197 18.08 22.32 5.11
C ASN C 197 16.68 22.39 4.52
N PHE C 198 15.88 23.37 4.97
CA PHE C 198 14.53 23.56 4.47
C PHE C 198 14.48 23.68 2.94
N LEU C 199 15.30 24.59 2.40
CA LEU C 199 15.37 24.83 0.96
C LEU C 199 15.84 23.60 0.18
N HIS C 200 16.78 22.85 0.77
CA HIS C 200 17.26 21.58 0.22
C HIS C 200 16.10 20.59 0.10
N MET C 201 15.43 20.32 1.22
CA MET C 201 14.30 19.40 1.27
C MET C 201 13.18 19.81 0.32
N MET C 202 13.04 21.13 0.12
CA MET C 202 12.01 21.70 -0.74
C MET C 202 12.29 21.44 -2.22
N PHE C 203 13.48 21.85 -2.68
CA PHE C 203 13.75 21.96 -4.11
C PHE C 203 14.74 20.95 -4.71
N ASN C 204 15.71 20.50 -3.92
CA ASN C 204 16.64 19.46 -4.36
C ASN C 204 15.93 18.12 -4.55
N THR C 205 16.59 17.22 -5.28
CA THR C 205 16.07 15.89 -5.60
C THR C 205 17.14 14.84 -5.27
N PRO C 206 16.80 13.54 -5.29
CA PRO C 206 17.82 12.49 -5.32
C PRO C 206 18.49 12.41 -6.71
N CYS C 207 17.86 13.01 -7.72
CA CYS C 207 18.41 13.20 -9.06
C CYS C 207 19.71 14.03 -9.05
N GLU C 208 19.64 15.25 -8.50
CA GLU C 208 20.82 16.10 -8.30
C GLU C 208 20.74 16.92 -7.01
N THR C 209 21.70 16.68 -6.10
CA THR C 209 21.80 17.36 -4.81
C THR C 209 22.81 18.52 -4.93
N LYS C 210 22.35 19.66 -5.46
CA LYS C 210 23.18 20.85 -5.67
C LYS C 210 23.12 21.78 -4.47
N PRO C 211 24.17 22.60 -4.22
CA PRO C 211 24.25 23.41 -3.00
C PRO C 211 23.27 24.58 -2.96
N ILE C 212 22.94 25.03 -1.75
CA ILE C 212 21.95 26.06 -1.50
C ILE C 212 22.59 27.44 -1.45
N SER C 213 21.92 28.42 -2.05
CA SER C 213 22.37 29.81 -2.05
C SER C 213 22.39 30.38 -0.63
N PRO C 214 23.52 30.96 -0.16
CA PRO C 214 23.58 31.55 1.17
C PRO C 214 22.67 32.77 1.30
N VAL C 215 22.49 33.49 0.18
CA VAL C 215 21.60 34.64 0.11
C VAL C 215 20.15 34.24 0.35
N LEU C 216 19.69 33.22 -0.40
CA LEU C 216 18.32 32.72 -0.25
C LEU C 216 18.08 32.11 1.12
N ALA C 217 19.04 31.29 1.58
CA ALA C 217 18.96 30.67 2.90
C ALA C 217 18.77 31.66 4.05
N LYS C 218 19.60 32.70 4.06
CA LYS C 218 19.53 33.74 5.10
C LYS C 218 18.26 34.60 4.99
N ALA C 219 17.82 34.84 3.75
CA ALA C 219 16.57 35.56 3.45
C ALA C 219 15.43 34.77 4.10
N MET C 220 15.45 33.45 3.88
CA MET C 220 14.46 32.56 4.44
C MET C 220 14.49 32.59 5.96
N ASP C 221 15.70 32.43 6.53
CA ASP C 221 15.93 32.48 7.97
C ASP C 221 15.35 33.73 8.62
N ARG C 222 15.57 34.89 7.98
CA ARG C 222 15.04 36.17 8.42
C ARG C 222 13.50 36.19 8.40
N ILE C 223 12.93 35.65 7.31
CA ILE C 223 11.47 35.51 7.18
C ILE C 223 10.95 34.73 8.39
N PHE C 224 11.63 33.63 8.74
CA PHE C 224 11.26 32.82 9.90
C PHE C 224 11.34 33.64 11.19
N ILE C 225 12.46 34.36 11.38
CA ILE C 225 12.64 35.23 12.55
C ILE C 225 11.48 36.22 12.67
N LEU C 226 11.14 36.86 11.55
CA LEU C 226 10.13 37.92 11.52
C LEU C 226 8.68 37.43 11.65
N HIS C 227 8.49 36.10 11.68
CA HIS C 227 7.19 35.48 11.91
C HIS C 227 7.18 34.56 13.14
N ALA C 228 8.24 34.62 13.95
CA ALA C 228 8.47 33.70 15.06
C ALA C 228 7.34 33.72 16.08
N ASP C 229 6.95 34.92 16.52
CA ASP C 229 5.81 35.13 17.40
C ASP C 229 5.30 36.56 17.24
N HIS C 230 3.99 36.74 17.50
CA HIS C 230 3.36 38.05 17.43
C HIS C 230 2.29 38.17 18.52
N GLU C 231 2.74 38.02 19.77
CA GLU C 231 1.92 38.25 20.95
C GLU C 231 0.69 37.33 20.93
N GLN C 232 -0.43 37.80 21.50
CA GLN C 232 -1.69 37.07 21.48
C GLN C 232 -2.45 37.37 20.19
N ASN C 233 -2.94 36.31 19.54
CA ASN C 233 -3.69 36.40 18.30
C ASN C 233 -4.57 35.16 18.16
N ALA C 234 -5.38 35.11 17.10
CA ALA C 234 -6.31 34.00 16.86
C ALA C 234 -5.65 32.64 17.13
N SER C 235 -4.54 32.37 16.43
CA SER C 235 -3.86 31.08 16.46
C SER C 235 -3.20 30.83 17.81
N THR C 236 -2.38 31.78 18.27
CA THR C 236 -1.67 31.68 19.54
C THR C 236 -2.66 31.41 20.69
N SER C 237 -3.74 32.20 20.73
CA SER C 237 -4.77 32.07 21.77
C SER C 237 -5.59 30.79 21.64
N THR C 238 -5.74 30.26 20.40
CA THR C 238 -6.39 28.97 20.17
C THR C 238 -5.55 27.86 20.80
N VAL C 239 -4.23 27.92 20.60
CA VAL C 239 -3.27 26.98 21.19
C VAL C 239 -3.38 26.99 22.71
N ARG C 240 -3.44 28.19 23.29
CA ARG C 240 -3.56 28.37 24.73
C ARG C 240 -4.89 27.80 25.27
N LEU C 241 -5.99 28.14 24.59
CA LEU C 241 -7.33 27.73 25.00
C LEU C 241 -7.48 26.22 24.97
N ALA C 242 -7.07 25.60 23.86
CA ALA C 242 -7.06 24.14 23.71
C ALA C 242 -6.18 23.51 24.79
N GLY C 243 -4.94 24.01 24.90
CA GLY C 243 -3.96 23.53 25.86
C GLY C 243 -4.40 23.57 27.32
N SER C 244 -5.29 24.52 27.64
CA SER C 244 -5.79 24.74 29.01
C SER C 244 -6.53 23.53 29.60
N SER C 245 -7.11 22.70 28.73
CA SER C 245 -7.81 21.48 29.13
C SER C 245 -6.86 20.33 29.51
N GLY C 246 -5.55 20.55 29.29
CA GLY C 246 -4.53 19.54 29.50
C GLY C 246 -4.28 18.73 28.24
N ALA C 247 -4.56 19.35 27.08
CA ALA C 247 -4.52 18.68 25.79
C ALA C 247 -3.07 18.52 25.31
N ASN C 248 -2.84 17.42 24.58
CA ASN C 248 -1.56 17.10 23.97
C ASN C 248 -1.03 18.29 23.17
N PRO C 249 0.28 18.63 23.29
CA PRO C 249 0.83 19.82 22.64
C PRO C 249 0.68 19.82 21.13
N PHE C 250 1.02 18.69 20.48
CA PHE C 250 0.95 18.54 19.03
C PHE C 250 -0.46 18.82 18.51
N ALA C 251 -1.46 18.29 19.23
CA ALA C 251 -2.87 18.54 18.93
C ALA C 251 -3.19 20.03 18.99
N CYS C 252 -2.69 20.70 20.03
CA CYS C 252 -2.88 22.15 20.21
C CYS C 252 -2.27 22.95 19.05
N ILE C 253 -1.08 22.54 18.60
CA ILE C 253 -0.43 23.17 17.45
C ILE C 253 -1.28 22.96 16.21
N ALA C 254 -1.88 21.77 16.08
CA ALA C 254 -2.81 21.47 14.99
C ALA C 254 -4.00 22.42 15.01
N SER C 255 -4.49 22.75 16.21
CA SER C 255 -5.54 23.76 16.39
C SER C 255 -5.08 25.13 15.89
N GLY C 256 -3.82 25.47 16.22
CA GLY C 256 -3.19 26.71 15.77
C GLY C 256 -3.12 26.84 14.27
N ILE C 257 -2.74 25.74 13.60
CA ILE C 257 -2.65 25.68 12.15
C ILE C 257 -4.04 25.87 11.53
N ALA C 258 -5.04 25.20 12.11
CA ALA C 258 -6.44 25.35 11.69
C ALA C 258 -6.86 26.82 11.73
N ALA C 259 -6.54 27.49 12.84
CA ALA C 259 -6.86 28.90 13.02
C ALA C 259 -6.12 29.80 12.03
N LEU C 260 -4.81 29.57 11.87
CA LEU C 260 -3.95 30.36 10.99
C LEU C 260 -4.39 30.26 9.54
N TRP C 261 -4.87 29.08 9.14
CA TRP C 261 -5.38 28.80 7.80
C TRP C 261 -6.43 29.83 7.37
N GLY C 262 -7.28 30.24 8.32
CA GLY C 262 -8.27 31.28 8.10
C GLY C 262 -7.69 32.45 7.30
N PRO C 263 -8.32 32.85 6.17
CA PRO C 263 -7.81 33.96 5.36
C PRO C 263 -7.49 35.24 6.15
N ALA C 264 -8.31 35.55 7.16
CA ALA C 264 -8.14 36.76 7.96
C ALA C 264 -6.83 36.77 8.76
N HIS C 265 -6.46 35.61 9.29
CA HIS C 265 -5.26 35.51 10.15
C HIS C 265 -3.98 35.47 9.31
N GLY C 266 -3.82 34.44 8.49
CA GLY C 266 -2.62 34.30 7.64
C GLY C 266 -2.99 34.15 6.17
N GLY C 267 -3.20 35.26 5.49
CA GLY C 267 -3.57 35.25 4.06
C GLY C 267 -3.20 36.55 3.40
N ALA C 268 -2.22 37.24 3.98
CA ALA C 268 -1.75 38.53 3.48
C ALA C 268 -0.81 38.32 2.29
N ASN C 269 0.11 37.37 2.45
CA ASN C 269 1.03 36.97 1.39
C ASN C 269 0.31 36.54 0.13
N GLU C 270 -0.82 35.83 0.29
CA GLU C 270 -1.67 35.43 -0.82
C GLU C 270 -2.42 36.62 -1.41
N ALA C 271 -2.96 37.47 -0.53
CA ALA C 271 -3.72 38.66 -0.92
C ALA C 271 -2.93 39.61 -1.82
N VAL C 272 -1.70 39.94 -1.40
CA VAL C 272 -0.83 40.83 -2.16
C VAL C 272 -0.54 40.29 -3.57
N LEU C 273 -0.42 38.96 -3.69
CA LEU C 273 -0.21 38.30 -4.98
C LEU C 273 -1.46 38.38 -5.88
N ARG C 274 -2.64 38.22 -5.28
CA ARG C 274 -3.92 38.39 -5.96
C ARG C 274 -4.10 39.82 -6.49
N MET C 275 -3.57 40.79 -5.74
CA MET C 275 -3.54 42.19 -6.17
C MET C 275 -2.74 42.32 -7.46
N LEU C 276 -1.53 41.75 -7.47
CA LEU C 276 -0.64 41.77 -8.63
C LEU C 276 -1.24 41.05 -9.84
N ASP C 277 -1.99 39.98 -9.58
CA ASP C 277 -2.79 39.29 -10.60
C ASP C 277 -3.84 40.14 -11.34
N GLU C 278 -4.66 40.88 -10.57
CA GLU C 278 -5.63 41.83 -11.14
C GLU C 278 -5.04 43.12 -11.81
N ILE C 279 -3.80 43.44 -11.40
CA ILE C 279 -3.03 44.50 -12.04
C ILE C 279 -2.72 43.88 -13.40
N GLY C 280 -2.03 42.72 -13.35
CA GLY C 280 -1.69 41.93 -14.54
C GLY C 280 -0.38 42.37 -15.17
N ASP C 281 -0.43 43.52 -15.83
CA ASP C 281 0.68 44.07 -16.61
C ASP C 281 1.16 45.39 -16.02
N VAL C 282 2.44 45.71 -16.28
CA VAL C 282 3.03 47.00 -15.92
C VAL C 282 2.29 48.16 -16.61
N SER C 283 1.93 47.95 -17.88
CA SER C 283 1.26 48.96 -18.71
C SER C 283 0.09 49.68 -18.04
N ASN C 284 -0.69 48.87 -17.31
CA ASN C 284 -1.96 49.28 -16.65
C ASN C 284 -1.72 49.58 -15.17
N ILE C 285 -0.51 49.94 -14.75
CA ILE C 285 -0.34 50.22 -13.29
C ILE C 285 -1.12 51.47 -12.94
N ASP C 286 -0.69 52.59 -13.50
CA ASP C 286 -1.32 53.89 -13.25
C ASP C 286 -2.84 53.78 -13.09
N LYS C 287 -3.46 53.05 -14.02
CA LYS C 287 -4.89 52.74 -13.99
C LYS C 287 -5.36 52.29 -12.61
N PHE C 288 -4.71 51.24 -12.09
CA PHE C 288 -5.05 50.66 -10.79
C PHE C 288 -4.58 51.49 -9.59
N VAL C 289 -3.59 52.38 -9.81
CA VAL C 289 -3.13 53.32 -8.80
C VAL C 289 -4.22 54.34 -8.53
N GLU C 290 -4.74 54.97 -9.59
CA GLU C 290 -5.89 55.87 -9.49
C GLU C 290 -7.14 55.14 -9.01
N LYS C 291 -7.30 53.87 -9.43
CA LYS C 291 -8.40 53.02 -8.98
C LYS C 291 -8.35 52.80 -7.45
N ALA C 292 -7.13 52.69 -6.91
CA ALA C 292 -6.89 52.55 -5.48
C ALA C 292 -7.16 53.87 -4.75
N LYS C 293 -6.54 54.95 -5.26
CA LYS C 293 -6.69 56.30 -4.73
C LYS C 293 -8.15 56.77 -4.69
N ASP C 294 -8.98 56.23 -5.61
CA ASP C 294 -10.41 56.51 -5.63
C ASP C 294 -11.10 55.92 -4.40
N LYS C 295 -11.44 56.81 -3.45
CA LYS C 295 -12.13 56.48 -2.21
C LYS C 295 -13.40 55.68 -2.47
N ASN C 296 -14.12 56.08 -3.52
CA ASN C 296 -15.35 55.44 -3.97
C ASN C 296 -15.15 54.02 -4.52
N ASP C 297 -14.05 53.85 -5.25
CA ASP C 297 -13.73 52.57 -5.95
C ASP C 297 -12.73 51.77 -5.12
N PRO C 298 -13.16 51.05 -4.07
CA PRO C 298 -12.25 50.29 -3.24
C PRO C 298 -11.46 49.13 -3.87
N PHE C 299 -10.51 49.44 -4.75
CA PHE C 299 -9.59 48.41 -5.30
C PHE C 299 -8.23 48.70 -4.68
N LYS C 300 -8.27 49.02 -3.38
CA LYS C 300 -7.16 49.43 -2.48
C LYS C 300 -5.96 48.47 -2.55
N LEU C 301 -4.77 49.01 -2.32
CA LEU C 301 -3.54 48.22 -2.43
C LEU C 301 -3.45 47.27 -1.25
N MET C 302 -2.95 46.06 -1.52
CA MET C 302 -2.67 45.04 -0.51
C MET C 302 -1.17 45.00 -0.18
N GLY C 303 -0.87 44.82 1.11
CA GLY C 303 0.49 44.83 1.62
C GLY C 303 1.08 46.23 1.80
N PHE C 304 0.20 47.23 1.88
CA PHE C 304 0.61 48.62 2.09
C PHE C 304 -0.07 49.17 3.35
N GLY C 305 0.75 49.65 4.29
CA GLY C 305 0.29 50.08 5.60
C GLY C 305 0.10 48.88 6.51
N HIS C 306 -0.43 49.14 7.72
CA HIS C 306 -0.70 48.12 8.72
C HIS C 306 -1.69 48.65 9.75
N ARG C 307 -2.61 47.80 10.20
CA ARG C 307 -3.65 48.19 11.17
C ARG C 307 -3.11 48.41 12.59
N VAL C 308 -1.97 47.78 12.91
CA VAL C 308 -1.29 47.94 14.20
C VAL C 308 -0.15 48.95 14.08
N TYR C 309 0.84 48.63 13.24
CA TYR C 309 2.03 49.46 13.04
C TYR C 309 1.71 50.56 12.03
N LYS C 310 0.94 51.55 12.48
CA LYS C 310 0.35 52.58 11.62
C LYS C 310 1.39 53.48 10.97
N ASN C 311 2.38 53.93 11.77
CA ASN C 311 3.43 54.83 11.30
C ASN C 311 4.50 54.09 10.51
N PHE C 312 5.09 53.05 11.12
CA PHE C 312 6.08 52.20 10.46
C PHE C 312 6.21 50.85 11.16
N ASP C 313 6.50 49.80 10.37
CA ASP C 313 6.80 48.47 10.87
C ASP C 313 8.31 48.35 10.98
N PRO C 314 8.88 48.03 12.16
CA PRO C 314 10.33 47.96 12.33
C PRO C 314 10.98 46.87 11.46
N ARG C 315 10.17 45.89 11.05
CA ARG C 315 10.61 44.78 10.20
C ARG C 315 10.74 45.19 8.72
N ALA C 316 10.00 46.24 8.34
CA ALA C 316 9.89 46.68 6.94
C ALA C 316 11.25 46.94 6.27
N LYS C 317 12.12 47.66 6.96
CA LYS C 317 13.45 48.04 6.47
C LYS C 317 14.28 46.79 6.15
N VAL C 318 14.33 45.88 7.11
CA VAL C 318 15.08 44.63 7.01
C VAL C 318 14.55 43.79 5.85
N MET C 319 13.21 43.72 5.74
CA MET C 319 12.55 43.00 4.65
C MET C 319 12.84 43.59 3.28
N LYS C 320 12.85 44.93 3.19
CA LYS C 320 13.23 45.63 1.96
C LYS C 320 14.64 45.22 1.54
N GLN C 321 15.58 45.35 2.48
CA GLN C 321 16.98 44.94 2.26
C GLN C 321 17.05 43.53 1.69
N THR C 322 16.35 42.59 2.35
CA THR C 322 16.32 41.19 1.96
C THR C 322 15.74 40.96 0.57
N CYS C 323 14.64 41.65 0.26
CA CYS C 323 13.98 41.58 -1.04
C CYS C 323 14.90 42.02 -2.16
N ASP C 324 15.46 43.23 -2.00
CA ASP C 324 16.41 43.80 -2.96
C ASP C 324 17.63 42.88 -3.16
N GLU C 325 18.11 42.29 -2.06
CA GLU C 325 19.25 41.38 -2.07
C GLU C 325 18.96 40.06 -2.80
N VAL C 326 17.75 39.52 -2.62
CA VAL C 326 17.30 38.30 -3.28
C VAL C 326 17.14 38.53 -4.78
N LEU C 327 16.39 39.59 -5.14
CA LEU C 327 16.15 39.96 -6.52
C LEU C 327 17.43 40.37 -7.26
N GLN C 328 18.44 40.81 -6.49
CA GLN C 328 19.78 41.04 -7.05
C GLN C 328 20.37 39.74 -7.61
N GLU C 329 20.15 38.63 -6.89
CA GLU C 329 20.68 37.32 -7.28
C GLU C 329 19.86 36.63 -8.36
N LEU C 330 18.52 36.69 -8.24
CA LEU C 330 17.61 36.01 -9.17
C LEU C 330 17.30 36.85 -10.42
N GLY C 331 17.33 38.17 -10.30
CA GLY C 331 17.22 39.01 -11.52
C GLY C 331 15.83 39.27 -12.06
N ILE C 332 14.78 39.03 -11.28
CA ILE C 332 13.39 39.37 -11.69
C ILE C 332 13.06 38.82 -13.08
N ASN C 333 13.03 37.50 -13.24
CA ASN C 333 12.66 36.98 -14.58
C ASN C 333 11.13 37.00 -14.70
N ASP C 334 10.43 37.55 -13.70
CA ASP C 334 8.98 37.53 -13.71
C ASP C 334 8.40 38.95 -13.89
N PRO C 335 7.42 39.13 -14.81
CA PRO C 335 6.82 40.44 -15.06
C PRO C 335 5.94 40.93 -13.89
N GLN C 336 5.44 39.99 -13.09
CA GLN C 336 4.68 40.30 -11.89
C GLN C 336 5.58 40.86 -10.78
N LEU C 337 6.80 40.31 -10.68
CA LEU C 337 7.84 40.85 -9.78
C LEU C 337 8.28 42.24 -10.22
N GLU C 338 8.55 42.39 -11.52
CA GLU C 338 8.86 43.70 -12.12
C GLU C 338 7.77 44.71 -11.75
N LEU C 339 6.51 44.33 -12.01
CA LEU C 339 5.33 45.11 -11.68
C LEU C 339 5.34 45.53 -10.20
N ALA C 340 5.60 44.55 -9.33
CA ALA C 340 5.61 44.74 -7.88
C ALA C 340 6.62 45.79 -7.43
N MET C 341 7.85 45.72 -7.98
CA MET C 341 8.91 46.67 -7.61
C MET C 341 8.64 48.10 -8.09
N LYS C 342 7.95 48.22 -9.23
CA LYS C 342 7.50 49.52 -9.76
C LYS C 342 6.42 50.12 -8.85
N LEU C 343 5.45 49.27 -8.45
CA LEU C 343 4.39 49.65 -7.54
C LEU C 343 4.98 50.14 -6.20
N GLU C 344 6.01 49.45 -5.72
CA GLU C 344 6.78 49.81 -4.53
C GLU C 344 7.43 51.18 -4.71
N GLU C 345 8.15 51.36 -5.83
CA GLU C 345 8.77 52.64 -6.17
C GLU C 345 7.76 53.77 -6.08
N ILE C 346 6.62 53.60 -6.79
CA ILE C 346 5.54 54.59 -6.80
C ILE C 346 5.07 54.92 -5.38
N ALA C 347 4.63 53.88 -4.66
CA ALA C 347 4.09 54.02 -3.30
C ALA C 347 5.01 54.82 -2.36
N ARG C 348 6.32 54.57 -2.47
CA ARG C 348 7.32 55.22 -1.62
C ARG C 348 7.59 56.68 -2.01
N HIS C 349 7.64 56.96 -3.31
CA HIS C 349 7.91 58.31 -3.82
C HIS C 349 6.66 59.10 -4.25
N ASP C 350 5.48 58.68 -3.78
CA ASP C 350 4.21 59.36 -4.05
C ASP C 350 3.65 60.03 -2.80
N PRO C 351 3.26 61.32 -2.89
CA PRO C 351 2.80 62.08 -1.71
C PRO C 351 1.55 61.52 -1.03
N TYR C 352 0.56 61.09 -1.83
CA TYR C 352 -0.69 60.52 -1.31
C TYR C 352 -0.42 59.33 -0.38
N PHE C 353 0.35 58.36 -0.89
CA PHE C 353 0.69 57.15 -0.15
C PHE C 353 1.60 57.45 1.05
N VAL C 354 2.56 58.37 0.86
CA VAL C 354 3.44 58.80 1.95
C VAL C 354 2.63 59.37 3.13
N GLU C 355 1.73 60.31 2.83
CA GLU C 355 0.88 60.98 3.82
C GLU C 355 -0.16 60.07 4.45
N ARG C 356 -0.62 59.06 3.69
CA ARG C 356 -1.58 58.07 4.19
C ARG C 356 -0.94 56.94 5.02
N ASN C 357 0.40 56.97 5.14
CA ASN C 357 1.18 55.91 5.78
C ASN C 357 0.89 54.54 5.14
N LEU C 358 0.89 54.52 3.81
CA LEU C 358 0.67 53.31 3.01
C LEU C 358 2.02 52.84 2.46
N TYR C 359 2.90 52.45 3.38
CA TYR C 359 4.25 51.98 3.06
C TYR C 359 4.22 50.51 2.70
N PRO C 360 5.16 50.02 1.84
CA PRO C 360 5.23 48.59 1.53
C PRO C 360 5.65 47.81 2.77
N ASN C 361 4.77 46.92 3.24
CA ASN C 361 4.96 46.22 4.52
C ASN C 361 5.64 44.84 4.39
N VAL C 362 5.93 44.26 5.56
CA VAL C 362 6.52 42.93 5.71
C VAL C 362 5.86 41.87 4.83
N ASP C 363 4.52 41.92 4.71
CA ASP C 363 3.73 40.94 3.95
C ASP C 363 3.94 41.06 2.44
N PHE C 364 3.98 42.31 1.96
CA PHE C 364 4.30 42.64 0.57
C PHE C 364 5.66 42.08 0.18
N TYR C 365 6.68 42.46 0.96
CA TYR C 365 8.06 42.04 0.68
C TYR C 365 8.23 40.52 0.76
N SER C 366 7.71 39.92 1.84
CA SER C 366 7.83 38.48 2.08
C SER C 366 7.12 37.66 1.00
N GLY C 367 5.94 38.12 0.56
CA GLY C 367 5.21 37.51 -0.55
C GLY C 367 6.08 37.44 -1.80
N ILE C 368 6.67 38.59 -2.15
CA ILE C 368 7.56 38.71 -3.31
C ILE C 368 8.78 37.79 -3.21
N ILE C 369 9.41 37.77 -2.04
CA ILE C 369 10.60 36.93 -1.80
C ILE C 369 10.26 35.46 -2.01
N LEU C 370 9.28 34.96 -1.24
CA LEU C 370 8.83 33.57 -1.30
C LEU C 370 8.52 33.14 -2.73
N LYS C 371 7.78 33.99 -3.46
CA LYS C 371 7.48 33.72 -4.86
C LYS C 371 8.75 33.62 -5.68
N ALA C 372 9.63 34.63 -5.52
CA ALA C 372 10.88 34.74 -6.27
C ALA C 372 11.80 33.53 -6.11
N ILE C 373 11.87 33.00 -4.88
CA ILE C 373 12.74 31.86 -4.57
C ILE C 373 12.08 30.49 -4.83
N GLY C 374 10.85 30.51 -5.36
CA GLY C 374 10.23 29.32 -5.93
C GLY C 374 9.07 28.69 -5.17
N ILE C 375 8.74 29.23 -3.99
CA ILE C 375 7.62 28.73 -3.19
C ILE C 375 6.31 29.14 -3.87
N PRO C 376 5.36 28.20 -4.09
CA PRO C 376 4.07 28.55 -4.67
C PRO C 376 3.15 29.19 -3.62
N THR C 377 2.21 30.02 -4.07
CA THR C 377 1.33 30.80 -3.19
C THR C 377 0.60 29.93 -2.16
N SER C 378 0.18 28.73 -2.58
CA SER C 378 -0.47 27.75 -1.70
C SER C 378 0.29 27.50 -0.40
N MET C 379 1.63 27.45 -0.49
CA MET C 379 2.53 27.14 0.62
C MET C 379 2.80 28.32 1.59
N PHE C 380 2.57 29.55 1.12
CA PHE C 380 2.87 30.77 1.89
C PHE C 380 2.47 30.65 3.36
N THR C 381 1.21 30.25 3.57
CA THR C 381 0.64 30.05 4.91
C THR C 381 1.30 28.89 5.69
N VAL C 382 1.81 27.89 4.97
CA VAL C 382 2.55 26.78 5.57
C VAL C 382 3.93 27.26 6.08
N ILE C 383 4.56 28.15 5.32
CA ILE C 383 5.82 28.79 5.75
C ILE C 383 5.58 29.63 7.01
N PHE C 384 4.48 30.39 7.01
CA PHE C 384 4.03 31.14 8.18
C PHE C 384 3.95 30.19 9.39
N ALA C 385 3.15 29.12 9.26
CA ALA C 385 2.96 28.12 10.31
C ALA C 385 4.28 27.56 10.81
N LEU C 386 5.18 27.26 9.86
CA LEU C 386 6.53 26.78 10.13
C LEU C 386 7.29 27.68 11.10
N ALA C 387 7.28 28.98 10.79
CA ALA C 387 7.97 29.99 11.57
C ALA C 387 7.31 30.18 12.94
N ARG C 388 5.97 30.28 12.93
CA ARG C 388 5.20 30.60 14.14
C ARG C 388 5.18 29.46 15.19
N THR C 389 5.39 28.22 14.74
CA THR C 389 5.37 27.03 15.61
C THR C 389 6.06 27.27 16.95
N VAL C 390 7.28 27.81 16.90
CA VAL C 390 8.08 28.10 18.09
C VAL C 390 7.38 29.09 19.02
N GLY C 391 6.71 30.09 18.45
CA GLY C 391 5.93 31.06 19.19
C GLY C 391 4.79 30.37 19.91
N TRP C 392 4.00 29.58 19.18
CA TRP C 392 2.87 28.85 19.73
C TRP C 392 3.29 27.99 20.92
N ILE C 393 4.30 27.15 20.72
CA ILE C 393 4.76 26.22 21.76
C ILE C 393 5.38 26.94 22.96
N SER C 394 6.00 28.10 22.71
CA SER C 394 6.53 28.95 23.76
C SER C 394 5.41 29.51 24.65
N HIS C 395 4.33 29.98 24.02
CA HIS C 395 3.14 30.48 24.73
C HIS C 395 2.41 29.38 25.52
N TRP C 396 2.39 28.17 24.94
CA TRP C 396 1.85 26.98 25.58
C TRP C 396 2.70 26.60 26.79
N GLN C 397 4.02 26.55 26.60
CA GLN C 397 4.98 26.29 27.68
C GLN C 397 4.81 27.26 28.84
N GLU C 398 4.70 28.56 28.52
CA GLU C 398 4.52 29.61 29.52
C GLU C 398 3.33 29.44 30.47
N MET C 399 2.13 29.34 29.89
CA MET C 399 0.90 29.14 30.68
C MET C 399 0.83 27.84 31.52
N LEU C 400 1.42 26.78 30.95
CA LEU C 400 1.48 25.47 31.59
C LEU C 400 2.45 25.56 32.76
N SER C 401 3.57 26.28 32.55
CA SER C 401 4.57 26.50 33.60
C SER C 401 4.02 27.38 34.72
N GLY C 402 2.99 28.16 34.39
CA GLY C 402 2.27 28.94 35.41
C GLY C 402 1.24 28.03 36.08
N PRO C 403 0.12 28.52 36.64
CA PRO C 403 -0.96 27.65 37.11
C PRO C 403 -2.09 27.76 36.08
N TYR C 404 -2.25 26.78 35.18
CA TYR C 404 -3.21 26.92 34.05
C TYR C 404 -4.65 26.76 34.55
N LYS C 405 -4.97 25.73 35.35
CA LYS C 405 -6.39 25.54 35.78
C LYS C 405 -7.53 25.83 34.75
N ILE C 406 -7.83 24.81 33.93
CA ILE C 406 -8.75 24.80 32.73
C ILE C 406 -9.38 26.08 32.13
N GLY C 407 -10.62 26.41 32.49
CA GLY C 407 -11.21 27.70 32.09
C GLY C 407 -12.07 27.52 30.85
N ARG C 408 -13.20 28.22 30.85
CA ARG C 408 -14.25 28.27 29.79
C ARG C 408 -14.90 29.67 29.81
N PRO C 409 -15.21 30.30 28.68
CA PRO C 409 -15.82 31.64 28.67
C PRO C 409 -17.34 31.63 28.86
N ARG C 410 -17.97 32.81 28.83
CA ARG C 410 -19.41 32.94 29.02
C ARG C 410 -20.04 33.47 27.75
N GLN C 411 -21.37 33.60 27.75
CA GLN C 411 -22.14 34.15 26.65
C GLN C 411 -23.26 35.05 27.17
N LEU C 412 -23.93 35.72 26.23
CA LEU C 412 -25.15 36.47 26.46
C LEU C 412 -26.25 35.75 25.70
N TYR C 413 -27.19 35.14 26.44
CA TYR C 413 -28.27 34.37 25.83
C TYR C 413 -29.38 35.30 25.39
N THR C 414 -29.82 35.08 24.15
CA THR C 414 -30.97 35.79 23.55
C THR C 414 -31.83 34.71 22.91
N GLY C 415 -31.86 33.51 23.53
CA GLY C 415 -32.57 32.33 23.03
C GLY C 415 -33.97 32.24 23.58
N HIS C 416 -34.76 31.29 23.09
CA HIS C 416 -36.19 31.13 23.51
C HIS C 416 -36.33 30.82 25.00
N THR C 417 -37.48 31.14 25.58
CA THR C 417 -37.64 30.92 27.03
C THR C 417 -38.27 29.54 27.25
N GLN C 418 -37.86 28.89 28.33
CA GLN C 418 -38.22 27.48 28.68
C GLN C 418 -39.45 26.85 28.00
N ARG C 419 -39.50 26.70 26.66
CA ARG C 419 -40.69 26.05 26.04
C ARG C 419 -40.84 24.56 26.36
N ASP C 420 -42.07 24.06 26.47
CA ASP C 420 -42.38 22.63 26.81
C ASP C 420 -42.22 21.87 25.49
N PHE C 421 -42.12 20.54 25.51
CA PHE C 421 -41.82 19.80 24.25
C PHE C 421 -43.12 19.45 23.53
N THR C 422 -43.29 19.98 22.31
CA THR C 422 -44.50 19.70 21.48
C THR C 422 -44.25 18.38 20.75
N ALA C 423 -45.08 17.38 21.00
CA ALA C 423 -44.91 16.04 20.40
C ALA C 423 -45.04 16.08 18.88
N LEU C 424 -44.32 15.19 18.18
CA LEU C 424 -44.29 15.14 16.70
C LEU C 424 -45.70 15.19 16.09
N LYS C 425 -46.63 14.46 16.68
CA LYS C 425 -47.97 14.21 16.09
C LYS C 425 -48.65 15.53 15.75
N ASP C 426 -48.32 16.62 16.45
CA ASP C 426 -49.01 17.88 16.14
C ASP C 426 -48.05 19.04 15.91
N ARG C 427 -47.33 19.02 14.79
CA ARG C 427 -46.45 20.11 14.34
C ARG C 427 -46.33 20.21 12.80
N GLY C 428 -46.72 19.13 12.11
CA GLY C 428 -46.59 19.02 10.65
C GLY C 428 -47.37 20.18 10.08
N ASP D 3 -30.66 50.31 27.87
CA ASP D 3 -31.36 51.23 28.82
C ASP D 3 -30.45 51.64 29.98
N LYS D 4 -29.86 50.63 30.65
CA LYS D 4 -29.03 50.85 31.83
C LYS D 4 -27.58 51.15 31.48
N LYS D 5 -26.90 51.82 32.40
CA LYS D 5 -25.50 52.24 32.27
C LYS D 5 -24.72 51.80 33.50
N ALA D 6 -23.40 51.67 33.34
CA ALA D 6 -22.49 51.28 34.42
C ALA D 6 -21.25 52.17 34.41
N GLN D 7 -20.99 52.83 35.55
CA GLN D 7 -19.84 53.71 35.71
C GLN D 7 -18.66 52.90 36.23
N LEU D 8 -17.53 52.98 35.51
CA LEU D 8 -16.26 52.40 35.97
C LEU D 8 -15.31 53.53 36.35
N ILE D 9 -14.93 53.58 37.63
CA ILE D 9 -13.93 54.54 38.11
C ILE D 9 -12.66 53.80 38.48
N ILE D 10 -11.56 54.07 37.75
CA ILE D 10 -10.26 53.46 37.97
C ILE D 10 -9.47 54.65 38.46
N GLU D 11 -9.06 54.58 39.72
CA GLU D 11 -8.33 55.63 40.48
C GLU D 11 -7.48 56.59 39.62
N GLY D 12 -6.67 55.99 38.75
CA GLY D 12 -5.64 56.72 38.01
C GLY D 12 -6.22 57.57 36.90
N SER D 13 -7.30 57.10 36.28
CA SER D 13 -8.00 57.79 35.19
C SER D 13 -9.35 58.35 35.64
N ALA D 14 -9.98 59.12 34.77
CA ALA D 14 -11.31 59.68 34.98
C ALA D 14 -12.38 58.61 34.76
N PRO D 15 -13.61 58.78 35.28
CA PRO D 15 -14.65 57.76 35.14
C PRO D 15 -15.02 57.47 33.68
N VAL D 16 -15.46 56.24 33.40
CA VAL D 16 -15.90 55.85 32.06
C VAL D 16 -17.28 55.17 32.07
N GLU D 17 -18.07 55.50 31.05
CA GLU D 17 -19.44 55.01 30.86
C GLU D 17 -19.43 53.73 30.04
N LEU D 18 -19.87 52.63 30.66
CA LEU D 18 -19.96 51.32 30.02
C LEU D 18 -21.42 50.91 29.91
N PRO D 19 -21.94 50.67 28.69
CA PRO D 19 -23.34 50.24 28.54
C PRO D 19 -23.54 48.82 29.05
N VAL D 20 -24.46 48.66 30.00
CA VAL D 20 -24.82 47.34 30.54
C VAL D 20 -25.99 46.73 29.77
N LEU D 21 -25.69 45.65 29.02
CA LEU D 21 -26.72 44.90 28.29
C LEU D 21 -27.28 43.61 28.85
N SER D 22 -28.61 43.44 28.75
CA SER D 22 -29.32 42.29 29.29
C SER D 22 -29.66 41.37 28.13
N GLY D 23 -30.08 40.14 28.46
CA GLY D 23 -30.48 39.14 27.50
C GLY D 23 -31.88 38.63 27.78
N THR D 24 -32.31 37.61 27.02
CA THR D 24 -33.61 36.98 27.18
C THR D 24 -33.74 36.31 28.54
N MET D 25 -32.63 35.75 29.04
CA MET D 25 -32.54 35.27 30.41
C MET D 25 -31.07 35.10 30.83
N GLY D 26 -30.85 34.90 32.12
CA GLY D 26 -29.52 34.85 32.71
C GLY D 26 -29.14 36.24 33.23
N PRO D 27 -27.84 36.46 33.56
CA PRO D 27 -27.41 37.75 34.10
C PRO D 27 -27.24 38.82 33.04
N ASP D 28 -27.12 40.08 33.48
CA ASP D 28 -26.80 41.20 32.61
C ASP D 28 -25.29 41.20 32.35
N VAL D 29 -24.89 41.90 31.28
CA VAL D 29 -23.50 41.95 30.84
C VAL D 29 -23.06 43.40 30.63
N VAL D 30 -21.82 43.70 31.00
CA VAL D 30 -21.26 45.04 30.96
C VAL D 30 -20.29 45.18 29.79
N ASP D 31 -20.68 45.97 28.78
CA ASP D 31 -19.89 46.18 27.56
C ASP D 31 -18.56 46.86 27.87
N VAL D 32 -17.45 46.12 27.71
CA VAL D 32 -16.11 46.64 28.02
C VAL D 32 -15.25 46.94 26.78
N ARG D 33 -15.88 47.00 25.61
CA ARG D 33 -15.19 47.30 24.35
C ARG D 33 -14.59 48.71 24.32
N GLY D 34 -15.16 49.62 25.12
CA GLY D 34 -14.65 50.98 25.26
C GLY D 34 -13.34 51.11 26.04
N LEU D 35 -12.97 50.05 26.78
CA LEU D 35 -11.79 50.07 27.66
C LEU D 35 -10.47 50.41 26.96
N THR D 36 -10.22 49.75 25.82
CA THR D 36 -8.99 49.94 25.05
C THR D 36 -8.81 51.40 24.62
N ALA D 37 -9.93 52.10 24.41
CA ALA D 37 -9.94 53.54 24.12
C ALA D 37 -9.39 54.36 25.29
N THR D 38 -9.76 53.98 26.52
CA THR D 38 -9.31 54.67 27.73
C THR D 38 -7.89 54.25 28.19
N GLY D 39 -7.33 53.25 27.52
CA GLY D 39 -5.97 52.78 27.76
C GLY D 39 -5.87 51.75 28.87
N HIS D 40 -6.85 50.86 28.94
CA HIS D 40 -6.89 49.76 29.91
C HIS D 40 -7.49 48.51 29.27
N PHE D 41 -7.25 47.35 29.91
CA PHE D 41 -7.93 46.10 29.58
C PHE D 41 -8.59 45.54 30.83
N THR D 42 -9.49 44.56 30.63
CA THR D 42 -9.97 43.71 31.71
C THR D 42 -8.96 42.57 31.85
N PHE D 43 -8.90 41.94 33.03
CA PHE D 43 -8.06 40.77 33.27
C PHE D 43 -8.97 39.60 33.62
N ASP D 44 -8.85 38.52 32.84
CA ASP D 44 -9.71 37.35 33.02
C ASP D 44 -9.04 36.04 32.57
N PRO D 45 -8.11 35.49 33.38
CA PRO D 45 -7.62 34.13 33.18
C PRO D 45 -8.74 33.10 32.99
N GLY D 46 -8.76 32.45 31.82
CA GLY D 46 -9.75 31.45 31.48
C GLY D 46 -11.11 31.98 31.01
N PHE D 47 -11.22 33.31 30.88
CA PHE D 47 -12.43 33.99 30.43
C PHE D 47 -13.69 33.65 31.26
N MET D 48 -13.48 33.29 32.53
CA MET D 48 -14.56 32.78 33.38
C MET D 48 -15.61 33.82 33.78
N SER D 49 -15.27 35.11 33.62
CA SER D 49 -16.18 36.23 33.86
C SER D 49 -16.39 37.11 32.63
N THR D 50 -15.87 36.66 31.48
CA THR D 50 -15.96 37.36 30.20
C THR D 50 -16.89 36.63 29.24
N ALA D 51 -17.85 37.39 28.69
CA ALA D 51 -18.80 36.91 27.70
C ALA D 51 -18.23 37.15 26.30
N SER D 52 -17.98 36.04 25.60
CA SER D 52 -17.37 36.08 24.28
C SER D 52 -18.32 36.61 23.21
N CYS D 53 -19.63 36.35 23.39
CA CYS D 53 -20.60 36.48 22.30
C CYS D 53 -22.05 36.46 22.76
N GLU D 54 -22.95 36.76 21.80
CA GLU D 54 -24.38 36.48 21.92
C GLU D 54 -24.62 35.06 21.42
N SER D 55 -25.55 34.36 22.07
CA SER D 55 -25.99 33.03 21.62
C SER D 55 -27.45 32.82 21.97
N LYS D 56 -28.12 31.97 21.18
CA LYS D 56 -29.51 31.59 21.42
C LYS D 56 -29.69 30.07 21.24
N ILE D 57 -28.60 29.32 21.45
CA ILE D 57 -28.57 27.88 21.27
C ILE D 57 -28.88 27.18 22.58
N THR D 58 -27.94 27.27 23.53
CA THR D 58 -28.05 26.59 24.82
C THR D 58 -27.89 27.57 25.97
N TYR D 59 -28.81 27.48 26.94
CA TYR D 59 -28.78 28.25 28.17
C TYR D 59 -28.68 27.32 29.38
N ILE D 60 -27.87 27.73 30.35
CA ILE D 60 -27.57 26.97 31.57
C ILE D 60 -27.72 27.86 32.81
N ASP D 61 -28.29 27.28 33.86
CA ASP D 61 -28.32 27.86 35.20
C ASP D 61 -28.12 26.72 36.21
N GLY D 62 -26.87 26.53 36.63
CA GLY D 62 -26.45 25.45 37.50
C GLY D 62 -27.17 25.43 38.84
N ASP D 63 -27.27 26.61 39.49
CA ASP D 63 -27.94 26.76 40.77
C ASP D 63 -29.36 26.20 40.77
N LYS D 64 -30.10 26.48 39.68
CA LYS D 64 -31.50 26.06 39.51
C LYS D 64 -31.66 24.67 38.90
N GLY D 65 -30.56 24.10 38.39
CA GLY D 65 -30.57 22.80 37.74
C GLY D 65 -31.29 22.87 36.40
N VAL D 66 -30.91 23.87 35.59
CA VAL D 66 -31.55 24.17 34.31
C VAL D 66 -30.53 24.10 33.18
N LEU D 67 -30.84 23.31 32.15
CA LEU D 67 -30.07 23.23 30.92
C LEU D 67 -31.09 23.08 29.79
N LEU D 68 -31.16 24.08 28.90
CA LEU D 68 -32.14 24.03 27.81
C LEU D 68 -31.64 24.45 26.45
N HIS D 69 -31.94 23.62 25.45
CA HIS D 69 -31.58 23.83 24.06
C HIS D 69 -32.77 24.44 23.32
N ARG D 70 -32.59 25.67 22.83
CA ARG D 70 -33.63 26.42 22.12
C ARG D 70 -34.91 26.57 22.94
N GLY D 71 -34.74 26.66 24.27
CA GLY D 71 -35.86 26.77 25.20
C GLY D 71 -36.34 25.46 25.78
N TYR D 72 -36.08 24.35 25.07
CA TYR D 72 -36.54 23.03 25.48
C TYR D 72 -35.60 22.45 26.53
N PRO D 73 -36.12 22.05 27.73
CA PRO D 73 -35.28 21.39 28.74
C PRO D 73 -34.68 20.07 28.26
N ILE D 74 -33.44 19.81 28.68
CA ILE D 74 -32.70 18.63 28.28
C ILE D 74 -33.42 17.32 28.66
N GLU D 75 -34.04 17.30 29.84
CA GLU D 75 -34.74 16.12 30.34
C GLU D 75 -35.93 15.72 29.47
N GLN D 76 -36.64 16.73 28.94
CA GLN D 76 -37.79 16.51 28.07
C GLN D 76 -37.36 15.92 26.73
N LEU D 77 -36.33 16.51 26.13
CA LEU D 77 -35.75 16.04 24.88
C LEU D 77 -35.27 14.59 25.03
N ALA D 78 -34.51 14.33 26.10
CA ALA D 78 -33.98 13.01 26.41
C ALA D 78 -35.09 11.98 26.58
N GLU D 79 -36.17 12.36 27.28
CA GLU D 79 -37.31 11.49 27.54
C GLU D 79 -38.15 11.21 26.29
N LYS D 80 -38.32 12.24 25.43
CA LYS D 80 -39.25 12.18 24.31
C LYS D 80 -38.59 12.03 22.94
N SER D 81 -37.88 13.08 22.49
CA SER D 81 -37.28 13.10 21.15
C SER D 81 -36.07 12.17 21.03
N ASP D 82 -35.49 12.10 19.82
CA ASP D 82 -34.28 11.32 19.54
C ASP D 82 -33.11 12.26 19.26
N TYR D 83 -31.93 11.68 18.99
CA TYR D 83 -30.71 12.45 18.75
C TYR D 83 -30.80 13.32 17.51
N LEU D 84 -31.28 12.76 16.39
CA LEU D 84 -31.37 13.48 15.13
C LEU D 84 -32.37 14.65 15.12
N GLU D 85 -33.49 14.50 15.83
CA GLU D 85 -34.42 15.61 16.04
C GLU D 85 -33.80 16.71 16.92
N THR D 86 -33.02 16.28 17.92
CA THR D 86 -32.30 17.19 18.80
C THR D 86 -31.23 17.93 17.98
N CYS D 87 -30.59 17.20 17.06
CA CYS D 87 -29.64 17.78 16.11
C CYS D 87 -30.32 18.85 15.28
N TYR D 88 -31.48 18.50 14.70
CA TYR D 88 -32.29 19.44 13.93
C TYR D 88 -32.62 20.69 14.73
N LEU D 89 -32.97 20.49 16.01
CA LEU D 89 -33.30 21.59 16.92
C LEU D 89 -32.13 22.53 17.10
N LEU D 90 -30.97 21.96 17.44
CA LEU D 90 -29.74 22.72 17.68
C LEU D 90 -29.29 23.51 16.44
N LEU D 91 -29.46 22.92 15.25
CA LEU D 91 -29.04 23.53 13.99
C LEU D 91 -29.99 24.60 13.47
N ASN D 92 -31.29 24.30 13.49
CA ASN D 92 -32.31 25.12 12.84
C ASN D 92 -33.11 26.05 13.76
N GLY D 93 -33.10 25.76 15.07
CA GLY D 93 -33.68 26.63 16.07
C GLY D 93 -35.07 26.25 16.57
N GLU D 94 -35.77 25.40 15.80
CA GLU D 94 -37.08 24.88 16.18
C GLU D 94 -37.13 23.38 15.91
N LEU D 95 -38.10 22.70 16.53
CA LEU D 95 -38.32 21.28 16.29
C LEU D 95 -38.89 21.08 14.89
N PRO D 96 -38.58 19.95 14.22
CA PRO D 96 -39.03 19.73 12.85
C PRO D 96 -40.46 19.21 12.76
N THR D 97 -41.10 19.47 11.61
CA THR D 97 -42.32 18.76 11.21
C THR D 97 -41.90 17.38 10.77
N ALA D 98 -42.88 16.52 10.48
CA ALA D 98 -42.62 15.18 9.96
C ALA D 98 -41.88 15.25 8.62
N ALA D 99 -42.29 16.23 7.78
CA ALA D 99 -41.67 16.49 6.48
C ALA D 99 -40.21 16.90 6.64
N GLN D 100 -39.97 17.92 7.47
CA GLN D 100 -38.62 18.41 7.78
C GLN D 100 -37.74 17.31 8.35
N LYS D 101 -38.32 16.54 9.28
CA LYS D 101 -37.64 15.41 9.93
C LYS D 101 -37.24 14.35 8.91
N GLU D 102 -38.22 13.90 8.12
CA GLU D 102 -37.97 12.92 7.06
C GLU D 102 -36.79 13.32 6.18
N GLN D 103 -36.85 14.54 5.66
CA GLN D 103 -35.82 15.08 4.77
C GLN D 103 -34.44 15.14 5.42
N PHE D 104 -34.41 15.60 6.68
CA PHE D 104 -33.16 15.74 7.45
C PHE D 104 -32.50 14.40 7.69
N VAL D 105 -33.29 13.44 8.21
CA VAL D 105 -32.80 12.09 8.45
C VAL D 105 -32.30 11.46 7.15
N GLY D 106 -33.03 11.70 6.05
CA GLY D 106 -32.65 11.24 4.73
C GLY D 106 -31.26 11.71 4.30
N THR D 107 -31.02 13.02 4.42
CA THR D 107 -29.74 13.65 4.08
C THR D 107 -28.60 13.07 4.93
N ILE D 108 -28.84 12.97 6.24
CA ILE D 108 -27.87 12.40 7.17
C ILE D 108 -27.49 10.98 6.75
N LYS D 109 -28.49 10.19 6.34
CA LYS D 109 -28.25 8.83 5.85
C LYS D 109 -27.50 8.80 4.51
N ASN D 110 -27.70 9.84 3.68
CA ASN D 110 -26.97 9.99 2.41
C ASN D 110 -25.49 10.26 2.61
N HIS D 111 -25.13 11.01 3.65
CA HIS D 111 -23.73 11.38 3.90
C HIS D 111 -22.93 10.42 4.81
N THR D 112 -23.56 9.35 5.31
CA THR D 112 -22.94 8.45 6.29
C THR D 112 -21.71 7.68 5.79
N MET D 113 -21.66 7.37 4.49
CA MET D 113 -20.52 6.67 3.92
C MET D 113 -19.33 7.62 3.79
N VAL D 114 -18.14 7.09 4.07
CA VAL D 114 -16.89 7.85 4.07
C VAL D 114 -16.07 7.47 2.84
N HIS D 115 -15.37 8.45 2.28
CA HIS D 115 -14.53 8.30 1.09
C HIS D 115 -13.43 7.26 1.30
N GLU D 116 -13.36 6.28 0.40
CA GLU D 116 -12.45 5.13 0.51
C GLU D 116 -10.98 5.50 0.72
N GLN D 117 -10.58 6.67 0.21
CA GLN D 117 -9.22 7.21 0.40
C GLN D 117 -8.84 7.27 1.88
N LEU D 118 -9.79 7.65 2.74
CA LEU D 118 -9.56 7.79 4.19
C LEU D 118 -9.10 6.50 4.86
N LYS D 119 -9.53 5.34 4.35
CA LYS D 119 -9.10 4.03 4.87
C LYS D 119 -7.57 3.94 4.96
N THR D 120 -6.88 4.43 3.93
CA THR D 120 -5.41 4.39 3.85
C THR D 120 -4.74 5.34 4.85
N PHE D 121 -5.51 6.34 5.29
CA PHE D 121 -5.08 7.29 6.31
C PHE D 121 -4.77 6.60 7.63
N PHE D 122 -5.69 5.73 8.06
CA PHE D 122 -5.57 4.96 9.30
C PHE D 122 -4.30 4.13 9.33
N ASN D 123 -3.89 3.61 8.16
CA ASN D 123 -2.67 2.83 8.01
C ASN D 123 -1.39 3.61 8.34
N GLY D 124 -1.52 4.95 8.45
CA GLY D 124 -0.46 5.82 8.92
C GLY D 124 -0.34 5.93 10.42
N PHE D 125 -1.24 5.26 11.16
CA PHE D 125 -1.20 5.22 12.62
C PHE D 125 -0.73 3.87 13.12
N ARG D 126 -0.30 3.85 14.38
CA ARG D 126 -0.09 2.62 15.13
C ARG D 126 -1.47 2.21 15.63
N ARG D 127 -1.76 0.90 15.59
CA ARG D 127 -3.06 0.40 16.03
C ARG D 127 -3.34 0.69 17.51
N ASP D 128 -2.27 0.75 18.31
CA ASP D 128 -2.35 1.11 19.73
C ASP D 128 -2.42 2.63 19.99
N ALA D 129 -2.41 3.43 18.91
CA ALA D 129 -2.50 4.89 19.01
C ALA D 129 -3.81 5.31 19.67
N HIS D 130 -3.80 6.48 20.30
CA HIS D 130 -4.95 6.97 21.05
C HIS D 130 -6.10 7.33 20.10
N PRO D 131 -7.32 6.79 20.33
CA PRO D 131 -8.47 7.09 19.47
C PRO D 131 -8.66 8.57 19.15
N MET D 132 -8.53 9.44 20.17
CA MET D 132 -8.70 10.88 20.00
C MET D 132 -7.64 11.50 19.11
N ALA D 133 -6.41 10.96 19.16
CA ALA D 133 -5.34 11.36 18.24
C ALA D 133 -5.75 11.01 16.82
N VAL D 134 -6.23 9.77 16.64
CA VAL D 134 -6.67 9.29 15.34
C VAL D 134 -7.79 10.17 14.78
N MET D 135 -8.79 10.47 15.63
CA MET D 135 -9.92 11.34 15.27
C MET D 135 -9.44 12.73 14.86
N CYS D 136 -8.61 13.33 15.71
CA CYS D 136 -8.02 14.65 15.48
C CYS D 136 -7.33 14.73 14.12
N GLY D 137 -6.58 13.68 13.78
CA GLY D 137 -5.91 13.58 12.49
C GLY D 137 -6.87 13.39 11.33
N VAL D 138 -7.74 12.37 11.46
CA VAL D 138 -8.62 11.94 10.38
C VAL D 138 -9.57 13.05 9.94
N ILE D 139 -10.34 13.61 10.88
CA ILE D 139 -11.31 14.65 10.53
C ILE D 139 -10.64 15.99 10.22
N GLY D 140 -9.39 16.15 10.68
CA GLY D 140 -8.54 17.26 10.29
C GLY D 140 -8.18 17.16 8.82
N ALA D 141 -8.03 15.92 8.33
CA ALA D 141 -7.75 15.65 6.93
C ALA D 141 -8.98 15.76 6.02
N LEU D 142 -10.18 15.63 6.59
CA LEU D 142 -11.44 15.77 5.85
C LEU D 142 -11.52 17.13 5.16
N SER D 143 -10.90 18.13 5.79
CA SER D 143 -10.77 19.48 5.23
C SER D 143 -10.40 19.43 3.77
N ALA D 144 -9.33 18.68 3.46
CA ALA D 144 -8.83 18.50 2.09
C ALA D 144 -9.86 17.99 1.10
N PHE D 145 -10.81 17.17 1.57
CA PHE D 145 -11.84 16.56 0.75
C PHE D 145 -13.06 17.46 0.51
N TYR D 146 -13.44 18.26 1.52
CA TYR D 146 -14.55 19.21 1.39
C TYR D 146 -14.08 20.64 1.66
N HIS D 147 -13.35 21.22 0.70
CA HIS D 147 -12.79 22.58 0.83
C HIS D 147 -12.92 23.45 -0.43
N ASP D 148 -12.73 22.84 -1.60
CA ASP D 148 -12.70 23.55 -2.88
C ASP D 148 -14.01 24.26 -3.22
N SER D 149 -15.12 23.52 -3.11
CA SER D 149 -16.46 24.08 -3.27
C SER D 149 -16.78 25.02 -2.09
N LEU D 150 -16.55 24.51 -0.87
CA LEU D 150 -16.91 25.16 0.39
C LEU D 150 -16.66 26.67 0.44
N ASP D 151 -17.76 27.43 0.46
CA ASP D 151 -17.79 28.86 0.70
C ASP D 151 -18.30 29.05 2.12
N ILE D 152 -17.36 29.34 3.04
CA ILE D 152 -17.63 29.54 4.45
C ILE D 152 -18.78 30.54 4.73
N ASN D 153 -18.98 31.51 3.83
CA ASN D 153 -20.02 32.54 4.00
C ASN D 153 -21.40 32.16 3.45
N ASN D 154 -21.45 31.14 2.59
CA ASN D 154 -22.69 30.64 2.01
C ASN D 154 -23.42 29.69 2.97
N PRO D 155 -24.65 30.02 3.42
CA PRO D 155 -25.35 29.20 4.41
C PRO D 155 -25.69 27.78 3.93
N LYS D 156 -25.84 27.59 2.61
CA LYS D 156 -26.07 26.26 2.04
C LYS D 156 -24.86 25.34 2.26
N HIS D 157 -23.66 25.91 2.08
CA HIS D 157 -22.40 25.20 2.30
C HIS D 157 -22.20 24.87 3.79
N ARG D 158 -22.54 25.82 4.65
CA ARG D 158 -22.53 25.62 6.11
C ARG D 158 -23.44 24.46 6.52
N GLU D 159 -24.66 24.46 5.95
CA GLU D 159 -25.68 23.44 6.20
C GLU D 159 -25.20 22.04 5.81
N VAL D 160 -24.70 21.91 4.57
CA VAL D 160 -24.23 20.64 4.05
C VAL D 160 -22.99 20.16 4.80
N SER D 161 -22.14 21.10 5.24
CA SER D 161 -20.96 20.79 6.06
C SER D 161 -21.37 20.18 7.40
N ALA D 162 -22.40 20.77 8.03
CA ALA D 162 -22.95 20.27 9.29
C ALA D 162 -23.49 18.86 9.14
N HIS D 163 -24.28 18.64 8.08
CA HIS D 163 -24.84 17.32 7.77
C HIS D 163 -23.75 16.28 7.57
N ARG D 164 -22.76 16.61 6.72
CA ARG D 164 -21.60 15.75 6.46
C ARG D 164 -20.93 15.30 7.76
N LEU D 165 -20.67 16.26 8.65
CA LEU D 165 -20.03 15.98 9.93
C LEU D 165 -20.87 15.06 10.81
N ILE D 166 -22.13 15.44 11.04
CA ILE D 166 -23.05 14.65 11.88
C ILE D 166 -23.22 13.22 11.37
N ALA D 167 -23.16 13.06 10.04
CA ALA D 167 -23.34 11.77 9.38
C ALA D 167 -22.09 10.88 9.41
N LYS D 168 -20.92 11.50 9.22
CA LYS D 168 -19.66 10.79 9.05
C LYS D 168 -18.97 10.43 10.37
N MET D 169 -19.13 11.29 11.38
CA MET D 169 -18.46 11.12 12.66
C MET D 169 -18.65 9.71 13.24
N PRO D 170 -19.88 9.14 13.26
CA PRO D 170 -20.09 7.76 13.72
C PRO D 170 -19.31 6.72 12.92
N THR D 171 -19.34 6.86 11.59
CA THR D 171 -18.62 5.98 10.70
C THR D 171 -17.11 5.98 10.99
N ILE D 172 -16.57 7.19 11.21
CA ILE D 172 -15.15 7.36 11.53
C ILE D 172 -14.81 6.77 12.89
N ALA D 173 -15.59 7.14 13.91
CA ALA D 173 -15.44 6.61 15.28
C ALA D 173 -15.41 5.08 15.28
N ALA D 174 -16.31 4.49 14.50
CA ALA D 174 -16.36 3.04 14.31
C ALA D 174 -15.07 2.51 13.71
N MET D 175 -14.59 3.17 12.65
CA MET D 175 -13.36 2.80 11.97
C MET D 175 -12.15 2.80 12.91
N VAL D 176 -12.10 3.78 13.82
CA VAL D 176 -11.04 3.88 14.82
C VAL D 176 -11.03 2.62 15.68
N TYR D 177 -12.20 2.28 16.23
CA TYR D 177 -12.34 1.10 17.09
C TYR D 177 -11.98 -0.17 16.33
N LYS D 178 -12.59 -0.36 15.15
CA LYS D 178 -12.35 -1.55 14.32
C LYS D 178 -10.88 -1.69 13.95
N TYR D 179 -10.20 -0.55 13.76
CA TYR D 179 -8.78 -0.52 13.43
C TYR D 179 -7.90 -0.91 14.61
N SER D 180 -8.16 -0.32 15.79
CA SER D 180 -7.42 -0.63 17.02
C SER D 180 -7.45 -2.13 17.31
N LYS D 181 -8.61 -2.75 17.05
CA LYS D 181 -8.85 -4.16 17.29
C LYS D 181 -8.12 -5.05 16.28
N GLY D 182 -7.93 -4.54 15.06
CA GLY D 182 -7.39 -5.29 13.95
C GLY D 182 -8.47 -6.10 13.24
N GLU D 183 -9.71 -5.67 13.40
CA GLU D 183 -10.88 -6.25 12.73
C GLU D 183 -11.17 -5.46 11.46
N PRO D 184 -11.90 -6.04 10.48
CA PRO D 184 -12.22 -5.34 9.25
C PRO D 184 -13.28 -4.26 9.46
N MET D 185 -13.06 -3.09 8.86
CA MET D 185 -13.89 -1.91 9.08
C MET D 185 -15.26 -2.11 8.44
N MET D 186 -16.32 -1.69 9.15
CA MET D 186 -17.70 -1.89 8.73
C MET D 186 -18.28 -0.65 8.05
N TYR D 187 -19.21 -0.87 7.11
CA TYR D 187 -19.92 0.17 6.39
C TYR D 187 -21.25 0.46 7.06
N PRO D 188 -21.89 1.62 6.83
CA PRO D 188 -23.19 1.93 7.42
C PRO D 188 -24.33 1.17 6.74
N ARG D 189 -25.51 1.17 7.37
CA ARG D 189 -26.72 0.56 6.82
C ARG D 189 -27.89 1.54 6.91
N ASN D 190 -28.51 1.82 5.75
CA ASN D 190 -29.63 2.75 5.63
C ASN D 190 -30.92 2.26 6.30
N ASP D 191 -30.98 0.95 6.59
CA ASP D 191 -32.13 0.35 7.26
C ASP D 191 -32.03 0.37 8.80
N LEU D 192 -30.98 1.01 9.33
CA LEU D 192 -30.80 1.18 10.77
C LEU D 192 -30.77 2.66 11.13
N ASN D 193 -31.36 3.01 12.28
CA ASN D 193 -31.32 4.36 12.81
C ASN D 193 -29.91 4.72 13.32
N TYR D 194 -29.70 6.01 13.58
CA TYR D 194 -28.39 6.56 13.97
C TYR D 194 -27.66 5.70 15.01
N ALA D 195 -28.30 5.52 16.17
CA ALA D 195 -27.72 4.78 17.28
C ALA D 195 -27.48 3.31 16.91
N GLU D 196 -28.50 2.66 16.35
CA GLU D 196 -28.39 1.28 15.87
C GLU D 196 -27.19 1.13 14.95
N ASN D 197 -27.13 2.00 13.94
CA ASN D 197 -26.07 2.00 12.95
C ASN D 197 -24.72 2.06 13.62
N PHE D 198 -24.54 3.01 14.55
CA PHE D 198 -23.29 3.15 15.29
C PHE D 198 -22.85 1.85 15.95
N LEU D 199 -23.75 1.23 16.71
CA LEU D 199 -23.48 -0.02 17.43
C LEU D 199 -23.17 -1.17 16.45
N HIS D 200 -23.87 -1.19 15.32
CA HIS D 200 -23.62 -2.16 14.25
C HIS D 200 -22.19 -2.02 13.74
N MET D 201 -21.84 -0.81 13.29
CA MET D 201 -20.50 -0.50 12.77
C MET D 201 -19.40 -0.81 13.80
N MET D 202 -19.74 -0.65 15.08
CA MET D 202 -18.82 -0.87 16.18
C MET D 202 -18.52 -2.35 16.38
N PHE D 203 -19.58 -3.15 16.58
CA PHE D 203 -19.43 -4.51 17.11
C PHE D 203 -19.72 -5.66 16.14
N ASN D 204 -20.62 -5.45 15.18
CA ASN D 204 -20.90 -6.45 14.14
C ASN D 204 -19.70 -6.63 13.21
N THR D 205 -19.69 -7.75 12.48
CA THR D 205 -18.63 -8.12 11.55
C THR D 205 -19.25 -8.48 10.20
N PRO D 206 -18.44 -8.65 9.13
CA PRO D 206 -18.91 -9.32 7.92
C PRO D 206 -19.05 -10.84 8.13
N CYS D 207 -18.44 -11.34 9.20
CA CYS D 207 -18.59 -12.72 9.69
C CYS D 207 -20.04 -13.07 10.06
N GLU D 208 -20.63 -12.28 10.97
CA GLU D 208 -22.05 -12.38 11.31
C GLU D 208 -22.69 -11.01 11.63
N THR D 209 -23.69 -10.64 10.84
CA THR D 209 -24.44 -9.39 10.97
C THR D 209 -25.74 -9.64 11.76
N LYS D 210 -25.61 -9.69 13.09
CA LYS D 210 -26.72 -9.96 14.01
C LYS D 210 -27.40 -8.67 14.45
N PRO D 211 -28.70 -8.69 14.81
CA PRO D 211 -29.46 -7.46 15.07
C PRO D 211 -29.07 -6.76 16.37
N ILE D 212 -29.32 -5.44 16.42
CA ILE D 212 -28.95 -4.58 17.53
C ILE D 212 -30.08 -4.48 18.55
N SER D 213 -29.72 -4.52 19.84
CA SER D 213 -30.67 -4.39 20.93
C SER D 213 -31.31 -3.01 20.93
N PRO D 214 -32.67 -2.92 20.95
CA PRO D 214 -33.34 -1.62 20.97
C PRO D 214 -33.08 -0.87 22.28
N VAL D 215 -32.88 -1.62 23.37
CA VAL D 215 -32.55 -1.06 24.68
C VAL D 215 -31.19 -0.36 24.64
N LEU D 216 -30.17 -1.07 24.14
CA LEU D 216 -28.82 -0.52 24.03
C LEU D 216 -28.78 0.67 23.08
N ALA D 217 -29.41 0.51 21.91
CA ALA D 217 -29.50 1.57 20.90
C ALA D 217 -30.12 2.83 21.48
N LYS D 218 -31.25 2.67 22.18
CA LYS D 218 -31.96 3.80 22.80
C LYS D 218 -31.11 4.47 23.88
N ALA D 219 -30.43 3.65 24.70
CA ALA D 219 -29.52 4.13 25.74
C ALA D 219 -28.40 4.98 25.13
N MET D 220 -27.82 4.48 24.03
CA MET D 220 -26.77 5.18 23.31
C MET D 220 -27.27 6.52 22.78
N ASP D 221 -28.42 6.50 22.10
CA ASP D 221 -29.07 7.70 21.58
C ASP D 221 -29.25 8.89 22.51
N ARG D 222 -29.73 8.61 23.73
CA ARG D 222 -29.85 9.62 24.79
C ARG D 222 -28.51 10.11 25.40
N ILE D 223 -27.54 9.18 25.43
CA ILE D 223 -26.17 9.48 25.82
C ILE D 223 -25.75 10.58 24.84
N PHE D 224 -26.01 10.37 23.54
CA PHE D 224 -25.72 11.38 22.52
C PHE D 224 -26.50 12.67 22.78
N ILE D 225 -27.80 12.55 23.03
CA ILE D 225 -28.64 13.71 23.34
C ILE D 225 -28.07 14.50 24.50
N LEU D 226 -27.69 13.79 25.57
CA LEU D 226 -27.22 14.40 26.81
C LEU D 226 -25.81 14.99 26.74
N HIS D 227 -25.12 14.80 25.61
CA HIS D 227 -23.81 15.39 25.33
C HIS D 227 -23.80 16.28 24.08
N ALA D 228 -25.00 16.58 23.56
CA ALA D 228 -25.16 17.28 22.29
C ALA D 228 -24.49 18.65 22.27
N ASP D 229 -24.77 19.43 23.31
CA ASP D 229 -24.22 20.80 23.49
C ASP D 229 -24.21 21.15 24.98
N HIS D 230 -23.27 21.97 25.44
CA HIS D 230 -23.22 22.46 26.83
C HIS D 230 -22.79 23.92 26.83
N GLU D 231 -23.60 24.80 26.26
CA GLU D 231 -23.31 26.26 26.23
C GLU D 231 -21.91 26.47 25.64
N GLN D 232 -21.08 27.24 26.35
CA GLN D 232 -19.71 27.56 25.92
C GLN D 232 -18.74 26.87 26.86
N ASN D 233 -17.62 26.43 26.33
CA ASN D 233 -16.63 25.64 27.07
C ASN D 233 -15.34 25.60 26.26
N ALA D 234 -14.30 24.97 26.82
CA ALA D 234 -12.98 24.89 26.18
C ALA D 234 -13.10 24.56 24.68
N SER D 235 -13.74 23.44 24.38
CA SER D 235 -13.83 22.91 23.01
C SER D 235 -14.70 23.80 22.13
N THR D 236 -15.93 24.07 22.58
CA THR D 236 -16.88 24.91 21.84
C THR D 236 -16.25 26.27 21.48
N SER D 237 -15.63 26.91 22.48
CA SER D 237 -14.99 28.20 22.30
C SER D 237 -13.73 28.14 21.43
N THR D 238 -13.04 27.00 21.45
CA THR D 238 -11.89 26.76 20.57
C THR D 238 -12.36 26.73 19.10
N VAL D 239 -13.48 26.05 18.85
CA VAL D 239 -14.11 25.97 17.54
C VAL D 239 -14.47 27.37 17.04
N ARG D 240 -15.07 28.18 17.93
CA ARG D 240 -15.44 29.56 17.62
C ARG D 240 -14.24 30.44 17.31
N LEU D 241 -13.21 30.35 18.16
CA LEU D 241 -11.99 31.17 18.04
C LEU D 241 -11.25 30.87 16.75
N ALA D 242 -11.05 29.58 16.47
CA ALA D 242 -10.44 29.12 15.21
C ALA D 242 -11.27 29.59 14.02
N GLY D 243 -12.57 29.30 14.07
CA GLY D 243 -13.53 29.66 13.03
C GLY D 243 -13.58 31.15 12.69
N SER D 244 -13.27 32.00 13.67
CA SER D 244 -13.33 33.46 13.54
C SER D 244 -12.39 34.02 12.47
N SER D 245 -11.30 33.29 12.20
CA SER D 245 -10.33 33.66 11.16
C SER D 245 -10.83 33.36 9.73
N GLY D 246 -11.98 32.69 9.63
CA GLY D 246 -12.55 32.24 8.37
C GLY D 246 -12.06 30.84 8.02
N ALA D 247 -11.73 30.06 9.05
CA ALA D 247 -11.12 28.74 8.90
C ALA D 247 -12.15 27.71 8.48
N ASN D 248 -11.71 26.73 7.70
CA ASN D 248 -12.53 25.60 7.26
C ASN D 248 -13.22 24.94 8.45
N PRO D 249 -14.52 24.59 8.33
CA PRO D 249 -15.29 24.05 9.46
C PRO D 249 -14.71 22.76 10.03
N PHE D 250 -14.36 21.81 9.15
CA PHE D 250 -13.82 20.52 9.55
C PHE D 250 -12.55 20.69 10.38
N ALA D 251 -11.68 21.60 9.93
CA ALA D 251 -10.47 21.96 10.68
C ALA D 251 -10.79 22.47 12.08
N CYS D 252 -11.80 23.34 12.17
CA CYS D 252 -12.27 23.89 13.45
C CYS D 252 -12.76 22.80 14.40
N ILE D 253 -13.51 21.83 13.85
CA ILE D 253 -13.99 20.68 14.61
C ILE D 253 -12.80 19.87 15.11
N ALA D 254 -11.77 19.74 14.27
CA ALA D 254 -10.52 19.08 14.65
C ALA D 254 -9.85 19.77 15.84
N SER D 255 -9.92 21.12 15.85
CA SER D 255 -9.46 21.92 16.99
C SER D 255 -10.26 21.59 18.25
N GLY D 256 -11.58 21.45 18.09
CA GLY D 256 -12.48 21.08 19.16
C GLY D 256 -12.15 19.74 19.77
N ILE D 257 -11.85 18.74 18.92
CA ILE D 257 -11.47 17.41 19.35
C ILE D 257 -10.15 17.45 20.13
N ALA D 258 -9.19 18.22 19.62
CA ALA D 258 -7.92 18.44 20.30
C ALA D 258 -8.15 18.97 21.71
N ALA D 259 -9.01 19.98 21.84
CA ALA D 259 -9.34 20.58 23.13
C ALA D 259 -10.05 19.61 24.07
N LEU D 260 -11.05 18.89 23.54
CA LEU D 260 -11.85 17.93 24.30
C LEU D 260 -11.00 16.79 24.85
N TRP D 261 -10.00 16.37 24.07
CA TRP D 261 -9.05 15.31 24.44
C TRP D 261 -8.41 15.58 25.80
N GLY D 262 -8.11 16.85 26.08
CA GLY D 262 -7.61 17.29 27.37
C GLY D 262 -8.34 16.61 28.52
N PRO D 263 -7.62 15.94 29.46
CA PRO D 263 -8.26 15.26 30.59
C PRO D 263 -9.27 16.10 31.35
N ALA D 264 -8.99 17.40 31.52
CA ALA D 264 -9.86 18.31 32.27
C ALA D 264 -11.24 18.50 31.63
N HIS D 265 -11.23 18.58 30.30
CA HIS D 265 -12.45 18.87 29.49
C HIS D 265 -13.25 17.61 29.20
N GLY D 266 -12.60 16.48 28.90
CA GLY D 266 -13.37 15.27 28.59
C GLY D 266 -12.67 14.01 29.06
N GLY D 267 -12.68 13.77 30.37
CA GLY D 267 -12.03 12.59 30.94
C GLY D 267 -12.69 12.18 32.23
N ALA D 268 -13.98 12.51 32.38
CA ALA D 268 -14.74 12.16 33.56
C ALA D 268 -15.13 10.69 33.53
N ASN D 269 -15.63 10.25 32.37
CA ASN D 269 -15.96 8.85 32.11
C ASN D 269 -14.79 7.92 32.38
N GLU D 270 -13.58 8.36 31.99
CA GLU D 270 -12.36 7.61 32.23
C GLU D 270 -11.98 7.64 33.71
N ALA D 271 -12.10 8.83 34.32
CA ALA D 271 -11.75 9.05 35.73
C ALA D 271 -12.54 8.15 36.67
N VAL D 272 -13.87 8.10 36.48
CA VAL D 272 -14.75 7.29 37.32
C VAL D 272 -14.40 5.80 37.25
N LEU D 273 -13.97 5.34 36.05
CA LEU D 273 -13.52 3.96 35.86
C LEU D 273 -12.20 3.67 36.58
N ARG D 274 -11.27 4.64 36.54
CA ARG D 274 -10.00 4.56 37.28
C ARG D 274 -10.22 4.48 38.78
N MET D 275 -11.28 5.17 39.26
CA MET D 275 -11.71 5.10 40.65
C MET D 275 -12.08 3.67 41.01
N LEU D 276 -12.94 3.06 40.18
CA LEU D 276 -13.40 1.69 40.37
C LEU D 276 -12.26 0.67 40.29
N ASP D 277 -11.27 0.94 39.44
CA ASP D 277 -10.02 0.18 39.38
C ASP D 277 -9.26 0.27 40.69
N GLU D 278 -9.17 1.50 41.24
CA GLU D 278 -8.52 1.76 42.52
C GLU D 278 -9.20 1.04 43.68
N ILE D 279 -10.54 0.95 43.64
CA ILE D 279 -11.29 0.20 44.65
C ILE D 279 -10.97 -1.29 44.47
N GLY D 280 -11.18 -1.79 43.25
CA GLY D 280 -10.90 -3.16 42.87
C GLY D 280 -12.03 -4.12 43.17
N ASP D 281 -12.23 -4.39 44.48
CA ASP D 281 -13.19 -5.37 44.97
C ASP D 281 -14.27 -4.67 45.81
N VAL D 282 -15.44 -5.30 45.88
CA VAL D 282 -16.54 -4.87 46.75
C VAL D 282 -16.12 -4.90 48.22
N SER D 283 -15.38 -5.96 48.59
CA SER D 283 -14.93 -6.19 49.97
C SER D 283 -14.33 -4.97 50.66
N ASN D 284 -13.57 -4.16 49.91
CA ASN D 284 -12.91 -2.96 50.42
C ASN D 284 -13.52 -1.65 49.87
N ILE D 285 -14.85 -1.60 49.79
CA ILE D 285 -15.58 -0.38 49.47
C ILE D 285 -15.51 0.63 50.63
N ASP D 286 -15.86 0.17 51.83
CA ASP D 286 -15.85 0.98 53.06
C ASP D 286 -14.48 1.65 53.27
N LYS D 287 -13.42 0.85 53.11
CA LYS D 287 -12.03 1.31 53.19
C LYS D 287 -11.82 2.59 52.38
N PHE D 288 -12.16 2.52 51.08
CA PHE D 288 -11.99 3.64 50.16
C PHE D 288 -13.02 4.77 50.32
N VAL D 289 -14.16 4.45 50.96
CA VAL D 289 -15.17 5.45 51.31
C VAL D 289 -14.61 6.38 52.37
N GLU D 290 -14.10 5.80 53.47
CA GLU D 290 -13.40 6.55 54.51
C GLU D 290 -12.14 7.23 53.97
N LYS D 291 -11.45 6.56 53.06
CA LYS D 291 -10.27 7.12 52.38
C LYS D 291 -10.64 8.39 51.58
N ALA D 292 -11.82 8.39 50.98
CA ALA D 292 -12.35 9.54 50.26
C ALA D 292 -12.75 10.66 51.21
N LYS D 293 -13.55 10.29 52.22
CA LYS D 293 -14.02 11.22 53.26
C LYS D 293 -12.87 11.90 54.01
N ASP D 294 -11.71 11.23 54.08
CA ASP D 294 -10.51 11.80 54.68
C ASP D 294 -9.99 12.99 53.84
N LYS D 295 -10.23 14.20 54.35
CA LYS D 295 -9.79 15.46 53.74
C LYS D 295 -8.29 15.45 53.44
N ASN D 296 -7.52 14.87 54.38
CA ASN D 296 -6.08 14.74 54.28
C ASN D 296 -5.63 13.79 53.17
N ASP D 297 -6.45 12.77 52.87
CA ASP D 297 -6.14 11.77 51.83
C ASP D 297 -6.50 12.27 50.43
N PRO D 298 -5.54 12.28 49.48
CA PRO D 298 -5.81 12.69 48.10
C PRO D 298 -6.94 11.95 47.37
N PHE D 299 -7.38 10.81 47.90
CA PHE D 299 -8.50 10.05 47.35
C PHE D 299 -9.80 10.81 47.55
N LYS D 300 -10.58 10.90 46.46
CA LYS D 300 -11.94 11.43 46.46
C LYS D 300 -12.74 10.65 45.42
N LEU D 301 -14.06 10.55 45.63
CA LEU D 301 -14.96 9.85 44.71
C LEU D 301 -15.10 10.64 43.42
N MET D 302 -15.10 9.91 42.29
CA MET D 302 -15.26 10.49 40.97
C MET D 302 -16.68 10.20 40.45
N GLY D 303 -17.24 11.18 39.74
CA GLY D 303 -18.58 11.09 39.19
C GLY D 303 -19.70 11.33 40.20
N PHE D 304 -19.35 11.99 41.31
CA PHE D 304 -20.31 12.35 42.34
C PHE D 304 -20.31 13.86 42.57
N GLY D 305 -21.50 14.47 42.43
CA GLY D 305 -21.68 15.91 42.48
C GLY D 305 -21.31 16.54 41.15
N HIS D 306 -21.32 17.88 41.12
CA HIS D 306 -20.99 18.67 39.93
C HIS D 306 -20.67 20.10 40.34
N ARG D 307 -19.67 20.70 39.68
CA ARG D 307 -19.22 22.07 39.99
C ARG D 307 -20.21 23.16 39.53
N VAL D 308 -21.05 22.83 38.54
CA VAL D 308 -22.08 23.73 38.04
C VAL D 308 -23.44 23.37 38.65
N TYR D 309 -23.92 22.16 38.37
CA TYR D 309 -25.20 21.66 38.85
C TYR D 309 -25.06 21.14 40.28
N LYS D 310 -24.92 22.08 41.23
CA LYS D 310 -24.56 21.79 42.61
C LYS D 310 -25.62 20.97 43.35
N ASN D 311 -26.89 21.38 43.18
CA ASN D 311 -28.02 20.72 43.86
C ASN D 311 -28.40 19.41 43.17
N PHE D 312 -28.70 19.48 41.87
CA PHE D 312 -29.02 18.31 41.06
C PHE D 312 -28.81 18.58 39.57
N ASP D 313 -28.40 17.53 38.84
CA ASP D 313 -28.29 17.56 37.39
C ASP D 313 -29.59 17.00 36.81
N PRO D 314 -30.31 17.76 35.95
CA PRO D 314 -31.59 17.30 35.41
C PRO D 314 -31.46 16.03 34.56
N ARG D 315 -30.25 15.76 34.07
CA ARG D 315 -29.94 14.59 33.25
C ARG D 315 -29.77 13.32 34.10
N ALA D 316 -29.42 13.51 35.38
CA ALA D 316 -29.09 12.42 36.30
C ALA D 316 -30.17 11.35 36.40
N LYS D 317 -31.43 11.78 36.55
CA LYS D 317 -32.59 10.89 36.68
C LYS D 317 -32.72 9.99 35.45
N VAL D 318 -32.69 10.62 34.28
CA VAL D 318 -32.82 9.95 32.99
C VAL D 318 -31.69 8.93 32.82
N MET D 319 -30.46 9.36 33.16
CA MET D 319 -29.28 8.50 33.10
C MET D 319 -29.37 7.30 34.04
N LYS D 320 -29.88 7.51 35.25
CA LYS D 320 -30.11 6.43 36.21
C LYS D 320 -31.06 5.41 35.60
N GLN D 321 -32.21 5.88 35.11
CA GLN D 321 -33.20 5.05 34.42
C GLN D 321 -32.54 4.19 33.34
N THR D 322 -31.76 4.85 32.48
CA THR D 322 -31.06 4.20 31.37
C THR D 322 -30.07 3.13 31.83
N CYS D 323 -29.29 3.45 32.87
CA CYS D 323 -28.30 2.56 33.44
C CYS D 323 -28.97 1.29 33.98
N ASP D 324 -29.98 1.48 34.83
CA ASP D 324 -30.75 0.38 35.42
C ASP D 324 -31.41 -0.49 34.32
N GLU D 325 -31.90 0.17 33.27
CA GLU D 325 -32.54 -0.49 32.13
C GLU D 325 -31.56 -1.34 31.30
N VAL D 326 -30.35 -0.82 31.10
CA VAL D 326 -29.28 -1.51 30.38
C VAL D 326 -28.80 -2.73 31.16
N LEU D 327 -28.46 -2.50 32.43
CA LEU D 327 -28.00 -3.56 33.34
C LEU D 327 -29.08 -4.62 33.58
N GLN D 328 -30.36 -4.24 33.42
CA GLN D 328 -31.46 -5.21 33.42
C GLN D 328 -31.31 -6.24 32.30
N GLU D 329 -30.88 -5.77 31.12
CA GLU D 329 -30.73 -6.61 29.94
C GLU D 329 -29.43 -7.41 29.94
N LEU D 330 -28.32 -6.77 30.33
CA LEU D 330 -26.99 -7.39 30.32
C LEU D 330 -26.70 -8.19 31.59
N GLY D 331 -27.20 -7.71 32.74
CA GLY D 331 -26.95 -8.30 34.04
C GLY D 331 -25.58 -7.93 34.60
N ILE D 332 -25.47 -7.90 35.92
CA ILE D 332 -24.22 -7.49 36.61
C ILE D 332 -23.19 -8.64 36.64
N ASN D 333 -22.66 -8.99 35.46
CA ASN D 333 -21.67 -10.03 35.28
C ASN D 333 -20.29 -9.55 35.74
N ASP D 334 -20.02 -8.24 35.56
CA ASP D 334 -18.73 -7.64 35.88
C ASP D 334 -18.69 -7.24 37.36
N PRO D 335 -17.61 -7.57 38.10
CA PRO D 335 -17.53 -7.25 39.53
C PRO D 335 -17.32 -5.75 39.78
N GLN D 336 -16.76 -5.06 38.79
CA GLN D 336 -16.56 -3.61 38.83
C GLN D 336 -17.89 -2.87 38.69
N LEU D 337 -18.77 -3.41 37.83
CA LEU D 337 -20.16 -2.92 37.70
C LEU D 337 -20.95 -3.14 38.99
N GLU D 338 -20.85 -4.37 39.53
CA GLU D 338 -21.44 -4.70 40.83
C GLU D 338 -21.00 -3.70 41.89
N LEU D 339 -19.67 -3.51 41.98
CA LEU D 339 -19.04 -2.54 42.87
C LEU D 339 -19.63 -1.16 42.70
N ALA D 340 -19.74 -0.72 41.45
CA ALA D 340 -20.25 0.60 41.08
C ALA D 340 -21.67 0.84 41.59
N MET D 341 -22.56 -0.14 41.39
CA MET D 341 -23.96 -0.02 41.82
C MET D 341 -24.13 0.00 43.35
N LYS D 342 -23.24 -0.70 44.06
CA LYS D 342 -23.17 -0.67 45.52
C LYS D 342 -22.70 0.70 46.02
N LEU D 343 -21.66 1.23 45.38
CA LEU D 343 -21.14 2.58 45.67
C LEU D 343 -22.24 3.63 45.48
N GLU D 344 -23.03 3.48 44.40
CA GLU D 344 -24.19 4.30 44.12
C GLU D 344 -25.23 4.20 45.24
N GLU D 345 -25.60 2.98 45.60
CA GLU D 345 -26.51 2.72 46.71
C GLU D 345 -26.07 3.46 47.97
N ILE D 346 -24.81 3.25 48.36
CA ILE D 346 -24.22 3.90 49.53
C ILE D 346 -24.34 5.41 49.45
N ALA D 347 -23.79 6.00 48.37
CA ALA D 347 -23.78 7.45 48.17
C ALA D 347 -25.16 8.09 48.32
N ARG D 348 -26.19 7.43 47.79
CA ARG D 348 -27.56 7.92 47.81
C ARG D 348 -28.22 7.81 49.19
N HIS D 349 -27.98 6.70 49.89
CA HIS D 349 -28.55 6.45 51.22
C HIS D 349 -27.62 6.77 52.41
N ASP D 350 -26.57 7.57 52.16
CA ASP D 350 -25.61 7.98 53.20
C ASP D 350 -25.73 9.47 53.52
N PRO D 351 -25.83 9.84 54.82
CA PRO D 351 -26.05 11.24 55.21
C PRO D 351 -24.95 12.22 54.77
N TYR D 352 -23.68 11.82 54.91
CA TYR D 352 -22.54 12.65 54.52
C TYR D 352 -22.64 13.08 53.06
N PHE D 353 -22.80 12.10 52.17
CA PHE D 353 -22.90 12.33 50.73
C PHE D 353 -24.18 13.09 50.35
N VAL D 354 -25.29 12.75 51.00
CA VAL D 354 -26.56 13.46 50.80
C VAL D 354 -26.43 14.96 51.10
N GLU D 355 -25.88 15.27 52.29
CA GLU D 355 -25.70 16.65 52.75
C GLU D 355 -24.64 17.42 51.95
N ARG D 356 -23.63 16.71 51.43
CA ARG D 356 -22.60 17.31 50.59
C ARG D 356 -23.00 17.51 49.12
N ASN D 357 -24.23 17.08 48.78
CA ASN D 357 -24.72 17.06 47.40
C ASN D 357 -23.76 16.30 46.46
N LEU D 358 -23.35 15.11 46.91
CA LEU D 358 -22.45 14.23 46.17
C LEU D 358 -23.29 13.08 45.61
N TYR D 359 -24.18 13.43 44.68
CA TYR D 359 -25.09 12.50 44.01
C TYR D 359 -24.38 11.84 42.82
N PRO D 360 -24.74 10.59 42.45
CA PRO D 360 -24.17 9.95 41.26
C PRO D 360 -24.59 10.71 40.00
N ASN D 361 -23.61 11.27 39.28
CA ASN D 361 -23.89 12.16 38.16
C ASN D 361 -23.91 11.47 36.77
N VAL D 362 -24.29 12.26 35.77
CA VAL D 362 -24.32 11.86 34.36
C VAL D 362 -23.06 11.09 33.91
N ASP D 363 -21.89 11.55 34.37
CA ASP D 363 -20.59 10.97 33.99
C ASP D 363 -20.38 9.57 34.57
N PHE D 364 -20.76 9.41 35.84
CA PHE D 364 -20.74 8.12 36.54
C PHE D 364 -21.61 7.10 35.81
N TYR D 365 -22.88 7.47 35.59
CA TYR D 365 -23.83 6.57 34.92
C TYR D 365 -23.41 6.23 33.48
N SER D 366 -23.04 7.26 32.71
CA SER D 366 -22.66 7.09 31.32
C SER D 366 -21.40 6.23 31.16
N GLY D 367 -20.42 6.42 32.06
CA GLY D 367 -19.23 5.59 32.10
C GLY D 367 -19.59 4.12 32.25
N ILE D 368 -20.45 3.84 33.23
CA ILE D 368 -20.92 2.48 33.52
C ILE D 368 -21.65 1.87 32.32
N ILE D 369 -22.55 2.64 31.70
CA ILE D 369 -23.32 2.18 30.53
C ILE D 369 -22.38 1.79 29.39
N LEU D 370 -21.57 2.77 28.94
CA LEU D 370 -20.61 2.58 27.85
C LEU D 370 -19.75 1.33 28.06
N LYS D 371 -19.23 1.17 29.29
CA LYS D 371 -18.44 -0.01 29.64
C LYS D 371 -19.28 -1.28 29.49
N ALA D 372 -20.49 -1.26 30.08
CA ALA D 372 -21.40 -2.40 30.10
C ALA D 372 -21.77 -2.89 28.70
N ILE D 373 -21.99 -1.95 27.77
CA ILE D 373 -22.38 -2.29 26.39
C ILE D 373 -21.19 -2.56 25.45
N GLY D 374 -19.97 -2.55 26.00
CA GLY D 374 -18.79 -3.06 25.33
C GLY D 374 -17.75 -2.07 24.84
N ILE D 375 -18.02 -0.76 24.97
CA ILE D 375 -17.09 0.28 24.55
C ILE D 375 -15.91 0.31 25.52
N PRO D 376 -14.65 0.27 25.03
CA PRO D 376 -13.49 0.38 25.91
C PRO D 376 -13.25 1.82 26.35
N THR D 377 -12.62 1.99 27.52
CA THR D 377 -12.42 3.30 28.14
C THR D 377 -11.75 4.31 27.21
N SER D 378 -10.80 3.84 26.40
CA SER D 378 -10.10 4.66 25.41
C SER D 378 -11.06 5.45 24.51
N MET D 379 -12.18 4.82 24.13
CA MET D 379 -13.16 5.38 23.21
C MET D 379 -14.13 6.39 23.83
N PHE D 380 -14.29 6.35 25.16
CA PHE D 380 -15.26 7.18 25.89
C PHE D 380 -15.29 8.62 25.39
N THR D 381 -14.10 9.23 25.32
CA THR D 381 -13.91 10.59 24.82
C THR D 381 -14.27 10.77 23.34
N VAL D 382 -14.10 9.69 22.54
CA VAL D 382 -14.49 9.69 21.13
C VAL D 382 -16.02 9.70 20.98
N ILE D 383 -16.71 8.97 21.87
CA ILE D 383 -18.18 8.98 21.93
C ILE D 383 -18.67 10.39 22.31
N PHE D 384 -18.00 11.00 23.31
CA PHE D 384 -18.25 12.40 23.68
C PHE D 384 -18.17 13.28 22.42
N ALA D 385 -17.01 13.24 21.76
CA ALA D 385 -16.75 14.04 20.55
C ALA D 385 -17.84 13.83 19.50
N LEU D 386 -18.22 12.56 19.30
CA LEU D 386 -19.29 12.15 18.40
C LEU D 386 -20.59 12.90 18.65
N ALA D 387 -21.00 12.92 19.91
CA ALA D 387 -22.23 13.56 20.34
C ALA D 387 -22.13 15.08 20.23
N ARG D 388 -21.01 15.64 20.70
CA ARG D 388 -20.82 17.09 20.77
C ARG D 388 -20.66 17.78 19.40
N THR D 389 -20.22 17.03 18.39
CA THR D 389 -19.99 17.55 17.04
C THR D 389 -21.08 18.52 16.58
N VAL D 390 -22.34 18.09 16.74
CA VAL D 390 -23.50 18.88 16.35
C VAL D 390 -23.56 20.22 17.09
N GLY D 391 -23.21 20.19 18.38
CA GLY D 391 -23.13 21.39 19.20
C GLY D 391 -22.08 22.35 18.66
N TRP D 392 -20.87 21.83 18.45
CA TRP D 392 -19.76 22.62 17.93
C TRP D 392 -20.14 23.32 16.63
N ILE D 393 -20.62 22.54 15.65
CA ILE D 393 -20.95 23.08 14.33
C ILE D 393 -22.13 24.06 14.38
N SER D 394 -23.06 23.84 15.31
CA SER D 394 -24.17 24.75 15.56
C SER D 394 -23.69 26.11 16.06
N HIS D 395 -22.74 26.09 17.01
CA HIS D 395 -22.13 27.31 17.56
C HIS D 395 -21.29 28.06 16.51
N TRP D 396 -20.62 27.29 15.64
CA TRP D 396 -19.86 27.81 14.51
C TRP D 396 -20.81 28.47 13.50
N GLN D 397 -21.88 27.75 13.14
CA GLN D 397 -22.92 28.28 12.25
C GLN D 397 -23.50 29.59 12.77
N GLU D 398 -23.84 29.63 14.06
CA GLU D 398 -24.38 30.83 14.69
C GLU D 398 -23.40 32.00 14.58
N MET D 399 -22.15 31.76 14.99
CA MET D 399 -21.10 32.79 14.96
C MET D 399 -20.97 33.40 13.56
N LEU D 400 -20.89 32.53 12.55
CA LEU D 400 -20.71 32.96 11.16
C LEU D 400 -21.93 33.62 10.55
N SER D 401 -23.12 33.23 11.00
CA SER D 401 -24.35 33.90 10.52
C SER D 401 -24.30 35.37 10.96
N GLY D 402 -23.85 35.61 12.19
CA GLY D 402 -23.71 36.97 12.75
C GLY D 402 -22.31 37.50 12.47
N PRO D 403 -22.09 38.80 12.25
CA PRO D 403 -20.75 39.30 11.91
C PRO D 403 -19.71 38.87 12.95
N TYR D 404 -18.61 38.29 12.46
CA TYR D 404 -17.50 37.76 13.29
C TYR D 404 -16.26 38.62 13.02
N LYS D 405 -15.78 38.54 11.77
CA LYS D 405 -14.60 39.30 11.25
C LYS D 405 -13.37 39.35 12.28
N ILE D 406 -12.92 38.13 12.67
CA ILE D 406 -11.73 37.77 13.53
C ILE D 406 -11.85 38.05 15.06
N GLY D 407 -11.13 37.26 15.90
CA GLY D 407 -11.01 37.49 17.35
C GLY D 407 -9.58 37.56 17.81
N ARG D 408 -9.19 38.65 18.49
CA ARG D 408 -7.80 38.77 18.99
C ARG D 408 -7.83 39.19 20.45
N PRO D 409 -7.28 38.39 21.39
CA PRO D 409 -7.24 38.75 22.80
C PRO D 409 -6.08 39.67 23.16
N ARG D 410 -5.97 40.03 24.43
CA ARG D 410 -4.90 40.91 24.95
C ARG D 410 -4.19 40.23 26.12
N GLN D 411 -2.99 40.69 26.44
CA GLN D 411 -2.22 40.13 27.55
C GLN D 411 -1.76 41.21 28.53
N LEU D 412 -1.17 40.77 29.64
CA LEU D 412 -0.50 41.62 30.61
C LEU D 412 0.99 41.28 30.56
N TYR D 413 1.80 42.24 30.10
CA TYR D 413 3.24 42.04 29.94
C TYR D 413 3.96 42.22 31.27
N THR D 414 4.69 41.18 31.67
CA THR D 414 5.48 41.14 32.89
C THR D 414 6.89 40.61 32.59
N GLY D 415 7.43 41.00 31.43
CA GLY D 415 8.75 40.58 30.97
C GLY D 415 9.77 41.70 30.92
N HIS D 416 11.02 41.35 30.61
CA HIS D 416 12.11 42.35 30.55
C HIS D 416 11.69 43.63 29.84
N THR D 417 12.47 44.69 30.04
CA THR D 417 12.28 45.99 29.33
C THR D 417 13.21 46.05 28.13
N GLN D 418 12.90 46.91 27.15
CA GLN D 418 13.66 47.04 25.87
C GLN D 418 15.16 47.01 26.17
N ARG D 419 15.81 45.94 25.70
CA ARG D 419 17.26 45.66 25.90
C ARG D 419 17.99 45.77 24.56
N ASP D 420 19.19 45.19 24.46
CA ASP D 420 19.98 45.28 23.20
C ASP D 420 20.68 43.94 22.92
N PHE D 421 20.65 43.51 21.66
CA PHE D 421 21.26 42.21 21.25
C PHE D 421 22.71 42.14 21.69
N THR D 422 23.02 41.18 22.57
CA THR D 422 24.40 40.96 23.09
C THR D 422 25.10 39.89 22.24
N ALA D 423 26.18 40.26 21.56
CA ALA D 423 26.96 39.36 20.68
C ALA D 423 27.32 38.04 21.37
N LEU D 424 27.27 36.95 20.60
CA LEU D 424 27.51 35.55 21.05
C LEU D 424 28.81 35.44 21.84
N LYS D 425 29.74 36.37 21.65
CA LYS D 425 31.03 36.31 22.38
C LYS D 425 30.84 36.98 23.76
N ASP D 426 29.76 37.74 23.90
CA ASP D 426 29.44 38.42 25.18
C ASP D 426 28.21 37.74 25.80
N ASP E 3 11.48 -52.56 35.11
CA ASP E 3 11.32 -53.83 35.86
C ASP E 3 12.67 -54.55 36.03
N LYS E 4 13.36 -54.77 34.90
CA LYS E 4 14.63 -55.49 34.85
C LYS E 4 15.81 -54.51 34.90
N LYS E 5 17.01 -55.09 34.74
CA LYS E 5 18.27 -54.37 34.57
C LYS E 5 18.99 -54.89 33.32
N ALA E 6 19.90 -54.06 32.79
CA ALA E 6 20.70 -54.41 31.63
C ALA E 6 22.18 -54.05 31.87
N GLN E 7 23.04 -55.05 31.75
CA GLN E 7 24.48 -54.88 31.92
C GLN E 7 25.11 -54.52 30.57
N LEU E 8 25.85 -53.41 30.53
CA LEU E 8 26.62 -53.01 29.36
C LEU E 8 28.10 -53.15 29.67
N ILE E 9 28.76 -54.05 28.92
CA ILE E 9 30.19 -54.29 29.05
C ILE E 9 30.90 -53.73 27.81
N ILE E 10 31.82 -52.79 28.06
CA ILE E 10 32.51 -52.02 27.03
C ILE E 10 33.91 -52.58 26.68
N GLY E 12 36.91 -52.06 27.15
CA GLY E 12 37.85 -51.02 27.55
C GLY E 12 37.59 -50.47 28.94
N SER E 13 36.31 -50.38 29.31
CA SER E 13 35.86 -49.92 30.63
C SER E 13 35.27 -51.07 31.44
N ALA E 14 34.96 -50.82 32.71
CA ALA E 14 34.29 -51.79 33.58
C ALA E 14 32.80 -51.83 33.26
N PRO E 15 32.07 -52.91 33.64
CA PRO E 15 30.65 -53.01 33.31
C PRO E 15 29.81 -51.90 33.94
N VAL E 16 28.70 -51.54 33.28
CA VAL E 16 27.77 -50.53 33.80
C VAL E 16 26.32 -51.03 33.81
N GLU E 17 25.61 -50.66 34.88
CA GLU E 17 24.21 -51.02 35.12
C GLU E 17 23.28 -49.98 34.50
N LEU E 18 22.49 -50.40 33.51
CA LEU E 18 21.51 -49.55 32.84
C LEU E 18 20.10 -50.06 33.15
N PRO E 19 19.23 -49.24 33.78
CA PRO E 19 17.87 -49.68 34.08
C PRO E 19 17.04 -49.78 32.80
N VAL E 20 16.48 -50.97 32.56
CA VAL E 20 15.59 -51.21 31.41
C VAL E 20 14.13 -51.03 31.82
N LEU E 21 13.50 -49.98 31.31
CA LEU E 21 12.11 -49.64 31.62
C LEU E 21 11.10 -49.94 30.53
N SER E 22 9.93 -50.44 30.93
CA SER E 22 8.86 -50.82 30.02
C SER E 22 7.77 -49.74 30.06
N GLY E 23 6.80 -49.86 29.15
CA GLY E 23 5.67 -48.96 29.06
C GLY E 23 4.35 -49.70 29.13
N THR E 24 3.25 -48.97 28.93
CA THR E 24 1.90 -49.53 28.91
C THR E 24 1.73 -50.53 27.75
N MET E 25 2.40 -50.23 26.63
CA MET E 25 2.49 -51.15 25.50
C MET E 25 3.62 -50.70 24.56
N GLY E 26 4.00 -51.60 23.64
CA GLY E 26 5.14 -51.42 22.76
C GLY E 26 6.38 -52.06 23.40
N PRO E 27 7.59 -51.77 22.88
CA PRO E 27 8.81 -52.41 23.39
C PRO E 27 9.34 -51.81 24.69
N ASP E 28 10.27 -52.52 25.33
CA ASP E 28 11.00 -52.00 26.49
C ASP E 28 12.09 -51.06 26.01
N VAL E 29 12.57 -50.21 26.92
CA VAL E 29 13.58 -49.20 26.64
C VAL E 29 14.71 -49.27 27.67
N VAL E 30 15.94 -49.07 27.21
CA VAL E 30 17.14 -49.15 28.06
C VAL E 30 17.68 -47.75 28.36
N ASP E 31 17.57 -47.33 29.63
CA ASP E 31 18.00 -46.00 30.08
C ASP E 31 19.51 -45.81 29.91
N VAL E 32 19.90 -44.93 28.99
CA VAL E 32 21.32 -44.69 28.69
C VAL E 32 21.84 -43.34 29.19
N ARG E 33 21.09 -42.69 30.08
CA ARG E 33 21.47 -41.39 30.62
C ARG E 33 22.75 -41.43 31.48
N GLY E 34 23.07 -42.61 32.02
CA GLY E 34 24.29 -42.84 32.77
C GLY E 34 25.57 -42.89 31.94
N LEU E 35 25.43 -43.04 30.62
CA LEU E 35 26.58 -43.25 29.71
C LEU E 35 27.64 -42.14 29.76
N THR E 36 27.19 -40.89 29.69
CA THR E 36 28.10 -39.74 29.69
C THR E 36 28.97 -39.69 30.95
N ALA E 37 28.43 -40.22 32.06
CA ALA E 37 29.18 -40.38 33.32
C ALA E 37 30.35 -41.35 33.16
N THR E 38 30.14 -42.46 32.44
CA THR E 38 31.17 -43.48 32.21
C THR E 38 32.15 -43.10 31.07
N GLY E 39 31.87 -41.99 30.38
CA GLY E 39 32.73 -41.45 29.34
C GLY E 39 32.49 -42.04 27.97
N HIS E 40 31.21 -42.31 27.66
CA HIS E 40 30.79 -42.84 26.36
C HIS E 40 29.46 -42.23 25.95
N PHE E 41 29.14 -42.34 24.65
CA PHE E 41 27.81 -42.01 24.12
C PHE E 41 27.26 -43.21 23.37
N THR E 42 25.95 -43.16 23.06
CA THR E 42 25.35 -44.05 22.08
C THR E 42 25.56 -43.39 20.72
N PHE E 43 25.55 -44.17 19.63
CA PHE E 43 25.61 -43.66 18.27
C PHE E 43 24.32 -44.04 17.57
N ASP E 44 23.60 -43.03 17.06
CA ASP E 44 22.30 -43.27 16.43
C ASP E 44 21.93 -42.25 15.36
N PRO E 45 22.54 -42.33 14.16
CA PRO E 45 22.07 -41.59 12.99
C PRO E 45 20.57 -41.74 12.75
N GLY E 46 19.85 -40.61 12.80
CA GLY E 46 18.42 -40.56 12.58
C GLY E 46 17.56 -40.96 13.78
N PHE E 47 18.21 -41.22 14.93
CA PHE E 47 17.53 -41.59 16.18
C PHE E 47 16.61 -42.82 16.06
N MET E 48 16.90 -43.71 15.10
CA MET E 48 16.03 -44.83 14.78
C MET E 48 15.93 -45.91 15.87
N SER E 49 16.88 -45.90 16.81
CA SER E 49 16.90 -46.80 17.96
C SER E 49 16.92 -46.04 19.30
N THR E 50 16.75 -44.72 19.24
CA THR E 50 16.75 -43.85 20.42
C THR E 50 15.36 -43.29 20.68
N ALA E 51 14.92 -43.43 21.93
CA ALA E 51 13.65 -42.93 22.43
C ALA E 51 13.88 -41.54 23.00
N SER E 52 13.25 -40.54 22.36
CA SER E 52 13.40 -39.14 22.73
C SER E 52 12.73 -38.81 24.06
N CYS E 53 11.62 -39.52 24.35
CA CYS E 53 10.70 -39.12 25.40
C CYS E 53 9.68 -40.20 25.79
N GLU E 54 8.97 -39.93 26.89
CA GLU E 54 7.73 -40.62 27.24
C GLU E 54 6.59 -39.89 26.57
N SER E 55 5.59 -40.64 26.11
CA SER E 55 4.36 -40.05 25.56
C SER E 55 3.17 -40.95 25.88
N LYS E 56 1.99 -40.33 25.95
CA LYS E 56 0.74 -41.05 26.16
C LYS E 56 -0.35 -40.53 25.21
N ILE E 57 0.07 -39.99 24.07
CA ILE E 57 -0.81 -39.38 23.09
C ILE E 57 -1.21 -40.42 22.04
N THR E 58 -0.25 -40.82 21.19
CA THR E 58 -0.50 -41.74 20.09
C THR E 58 0.45 -42.92 20.14
N TYR E 59 -0.12 -44.13 19.99
CA TYR E 59 0.63 -45.37 19.88
C TYR E 59 0.37 -46.05 18.54
N ILE E 60 1.44 -46.62 17.97
CA ILE E 60 1.44 -47.27 16.67
C ILE E 60 2.13 -48.63 16.72
N ASP E 61 1.54 -49.60 16.01
CA ASP E 61 2.14 -50.91 15.76
C ASP E 61 1.79 -51.31 14.32
N GLY E 62 2.71 -51.02 13.41
CA GLY E 62 2.54 -51.25 11.98
C GLY E 62 2.24 -52.68 11.60
N ASP E 63 3.00 -53.62 12.17
CA ASP E 63 2.85 -55.05 11.93
C ASP E 63 1.42 -55.53 12.19
N LYS E 64 0.82 -55.04 13.28
CA LYS E 64 -0.54 -55.41 13.71
C LYS E 64 -1.64 -54.56 13.08
N GLY E 65 -1.26 -53.46 12.42
CA GLY E 65 -2.19 -52.53 11.82
C GLY E 65 -2.96 -51.77 12.89
N VAL E 66 -2.21 -51.22 13.86
CA VAL E 66 -2.77 -50.53 15.02
C VAL E 66 -2.25 -49.10 15.09
N LEU E 67 -3.19 -48.14 15.20
CA LEU E 67 -2.91 -46.74 15.42
C LEU E 67 -3.99 -46.22 16.34
N LEU E 68 -3.61 -45.80 17.55
CA LEU E 68 -4.61 -45.34 18.52
C LEU E 68 -4.23 -44.08 19.31
N HIS E 69 -5.17 -43.13 19.35
CA HIS E 69 -5.03 -41.87 20.07
C HIS E 69 -5.72 -41.99 21.43
N ARG E 70 -4.93 -41.87 22.50
CA ARG E 70 -5.41 -41.96 23.88
C ARG E 70 -6.13 -43.29 24.14
N GLY E 71 -5.68 -44.35 23.46
CA GLY E 71 -6.27 -45.68 23.55
C GLY E 71 -7.36 -45.98 22.52
N TYR E 72 -7.97 -44.93 21.96
CA TYR E 72 -9.05 -45.09 20.98
C TYR E 72 -8.48 -45.37 19.60
N PRO E 73 -8.88 -46.47 18.92
CA PRO E 73 -8.45 -46.73 17.55
C PRO E 73 -8.89 -45.67 16.57
N ILE E 74 -8.02 -45.36 15.60
CA ILE E 74 -8.25 -44.34 14.61
C ILE E 74 -9.53 -44.58 13.79
N GLU E 75 -9.79 -45.84 13.44
CA GLU E 75 -10.95 -46.22 12.64
C GLU E 75 -12.27 -45.91 13.34
N GLN E 76 -12.31 -46.11 14.68
CA GLN E 76 -13.49 -45.83 15.49
C GLN E 76 -13.78 -44.34 15.55
N LEU E 77 -12.74 -43.55 15.82
CA LEU E 77 -12.85 -42.09 15.85
C LEU E 77 -13.33 -41.56 14.52
N ALA E 78 -12.70 -42.03 13.43
CA ALA E 78 -13.05 -41.64 12.06
C ALA E 78 -14.50 -41.97 11.73
N GLU E 79 -14.95 -43.16 12.14
CA GLU E 79 -16.31 -43.64 11.90
C GLU E 79 -17.36 -42.90 12.73
N LYS E 80 -17.03 -42.58 13.98
CA LYS E 80 -18.00 -42.04 14.94
C LYS E 80 -17.85 -40.54 15.23
N SER E 81 -16.76 -40.14 15.88
CA SER E 81 -16.54 -38.75 16.32
C SER E 81 -16.22 -37.82 15.14
N ASP E 82 -16.05 -36.53 15.44
CA ASP E 82 -15.66 -35.51 14.48
C ASP E 82 -14.23 -35.03 14.77
N TYR E 83 -13.73 -34.08 13.93
CA TYR E 83 -12.38 -33.57 14.05
C TYR E 83 -12.15 -32.83 15.37
N LEU E 84 -13.09 -31.94 15.75
CA LEU E 84 -12.95 -31.14 16.96
C LEU E 84 -13.04 -31.98 18.23
N GLU E 85 -13.87 -33.05 18.21
CA GLU E 85 -13.92 -34.02 19.29
C GLU E 85 -12.57 -34.74 19.42
N THR E 86 -12.00 -35.13 18.27
CA THR E 86 -10.68 -35.77 18.21
C THR E 86 -9.58 -34.81 18.68
N CYS E 87 -9.70 -33.53 18.33
CA CYS E 87 -8.80 -32.49 18.80
C CYS E 87 -8.84 -32.42 20.33
N TYR E 88 -10.05 -32.35 20.88
CA TYR E 88 -10.24 -32.35 22.33
C TYR E 88 -9.58 -33.56 22.98
N LEU E 89 -9.73 -34.73 22.35
CA LEU E 89 -9.14 -35.98 22.84
C LEU E 89 -7.62 -35.88 22.90
N LEU E 90 -7.01 -35.48 21.78
CA LEU E 90 -5.57 -35.35 21.68
C LEU E 90 -4.97 -34.36 22.68
N LEU E 91 -5.70 -33.26 22.92
CA LEU E 91 -5.24 -32.19 23.81
C LEU E 91 -5.41 -32.51 25.30
N ASN E 92 -6.59 -33.03 25.65
CA ASN E 92 -7.00 -33.19 27.05
C ASN E 92 -6.88 -34.60 27.62
N GLY E 93 -6.79 -35.61 26.74
CA GLY E 93 -6.53 -36.98 27.15
C GLY E 93 -7.74 -37.90 27.24
N GLU E 94 -8.93 -37.31 27.32
CA GLU E 94 -10.19 -38.06 27.32
C GLU E 94 -11.19 -37.40 26.39
N LEU E 95 -12.24 -38.14 26.01
CA LEU E 95 -13.32 -37.61 25.19
C LEU E 95 -14.15 -36.63 26.02
N PRO E 96 -14.73 -35.58 25.40
CA PRO E 96 -15.47 -34.55 26.13
C PRO E 96 -16.91 -34.96 26.45
N THR E 97 -17.47 -34.36 27.51
CA THR E 97 -18.90 -34.35 27.76
C THR E 97 -19.51 -33.36 26.78
N ALA E 98 -20.85 -33.29 26.76
CA ALA E 98 -21.55 -32.32 25.93
C ALA E 98 -21.19 -30.88 26.34
N ALA E 99 -21.05 -30.67 27.67
CA ALA E 99 -20.66 -29.38 28.24
C ALA E 99 -19.25 -28.99 27.79
N GLN E 100 -18.29 -29.90 28.00
CA GLN E 100 -16.90 -29.71 27.58
C GLN E 100 -16.79 -29.46 26.08
N LYS E 101 -17.54 -30.25 25.29
CA LYS E 101 -17.60 -30.14 23.84
C LYS E 101 -18.13 -28.77 23.43
N GLU E 102 -19.31 -28.40 23.96
CA GLU E 102 -19.92 -27.10 23.67
C GLU E 102 -18.91 -25.96 23.87
N GLN E 103 -18.29 -25.93 25.05
CA GLN E 103 -17.34 -24.88 25.42
C GLN E 103 -16.11 -24.84 24.50
N PHE E 104 -15.58 -26.03 24.16
CA PHE E 104 -14.41 -26.16 23.32
C PHE E 104 -14.68 -25.65 21.91
N VAL E 105 -15.77 -26.14 21.30
CA VAL E 105 -16.18 -25.71 19.98
C VAL E 105 -16.42 -24.21 19.95
N GLY E 106 -17.04 -23.69 21.02
CA GLY E 106 -17.28 -22.26 21.18
C GLY E 106 -16.01 -21.43 21.09
N THR E 107 -15.00 -21.81 21.88
CA THR E 107 -13.70 -21.15 21.93
C THR E 107 -13.01 -21.17 20.56
N ILE E 108 -13.01 -22.35 19.93
CA ILE E 108 -12.43 -22.52 18.60
C ILE E 108 -13.09 -21.57 17.60
N LYS E 109 -14.43 -21.43 17.69
CA LYS E 109 -15.17 -20.51 16.83
C LYS E 109 -14.86 -19.04 17.14
N ASN E 110 -14.54 -18.75 18.41
CA ASN E 110 -14.13 -17.40 18.83
C ASN E 110 -12.79 -16.97 18.23
N HIS E 111 -11.86 -17.91 18.11
CA HIS E 111 -10.51 -17.61 17.61
C HIS E 111 -10.30 -17.71 16.08
N THR E 112 -11.35 -18.10 15.33
CA THR E 112 -11.24 -18.36 13.89
C THR E 112 -10.85 -17.16 13.02
N MET E 113 -11.24 -15.95 13.43
CA MET E 113 -10.90 -14.74 12.69
C MET E 113 -9.42 -14.39 12.86
N VAL E 114 -8.81 -13.93 11.77
CA VAL E 114 -7.40 -13.58 11.73
C VAL E 114 -7.23 -12.06 11.71
N HIS E 115 -6.17 -11.59 12.38
CA HIS E 115 -5.85 -10.16 12.51
C HIS E 115 -5.60 -9.54 11.14
N GLU E 116 -6.33 -8.46 10.83
CA GLU E 116 -6.29 -7.79 9.51
C GLU E 116 -4.90 -7.42 9.01
N GLN E 117 -3.98 -7.15 9.94
CA GLN E 117 -2.58 -6.86 9.63
C GLN E 117 -1.95 -7.96 8.76
N LEU E 118 -2.28 -9.22 9.06
CA LEU E 118 -1.73 -10.37 8.33
C LEU E 118 -2.03 -10.35 6.83
N LYS E 119 -3.16 -9.78 6.43
CA LYS E 119 -3.52 -9.64 5.01
C LYS E 119 -2.38 -9.01 4.21
N THR E 120 -1.76 -7.96 4.76
CA THR E 120 -0.67 -7.22 4.10
C THR E 120 0.62 -8.05 4.00
N PHE E 121 0.73 -9.07 4.87
CA PHE E 121 1.84 -10.02 4.87
C PHE E 121 1.91 -10.79 3.55
N PHE E 122 0.76 -11.30 3.13
CA PHE E 122 0.62 -12.08 1.89
C PHE E 122 1.11 -11.28 0.67
N ASN E 123 0.88 -9.96 0.69
CA ASN E 123 1.31 -9.06 -0.37
C ASN E 123 2.84 -9.00 -0.54
N GLY E 124 3.56 -9.55 0.45
CA GLY E 124 5.00 -9.73 0.37
C GLY E 124 5.45 -10.99 -0.35
N PHE E 125 4.49 -11.80 -0.81
CA PHE E 125 4.77 -13.01 -1.58
C PHE E 125 4.41 -12.81 -3.04
N ARG E 126 4.96 -13.67 -3.89
CA ARG E 126 4.52 -13.82 -5.28
C ARG E 126 3.31 -14.73 -5.20
N ARG E 127 2.27 -14.45 -6.01
CA ARG E 127 1.05 -15.25 -6.01
C ARG E 127 1.30 -16.71 -6.42
N ASP E 128 2.31 -16.93 -7.26
CA ASP E 128 2.74 -18.26 -7.66
C ASP E 128 3.65 -18.97 -6.64
N ALA E 129 3.94 -18.31 -5.51
CA ALA E 129 4.78 -18.87 -4.46
C ALA E 129 4.15 -20.12 -3.88
N HIS E 130 5.01 -21.00 -3.34
CA HIS E 130 4.55 -22.29 -2.84
C HIS E 130 3.71 -22.11 -1.57
N PRO E 131 2.49 -22.69 -1.52
CA PRO E 131 1.62 -22.57 -0.36
C PRO E 131 2.31 -22.84 0.98
N MET E 132 3.13 -23.89 1.05
CA MET E 132 3.86 -24.26 2.26
C MET E 132 4.89 -23.22 2.69
N ALA E 133 5.51 -22.56 1.72
CA ALA E 133 6.40 -21.43 1.98
C ALA E 133 5.59 -20.31 2.62
N VAL E 134 4.43 -20.00 2.02
CA VAL E 134 3.55 -18.95 2.53
C VAL E 134 3.12 -19.26 3.96
N MET E 135 2.69 -20.49 4.21
CA MET E 135 2.28 -20.96 5.54
C MET E 135 3.41 -20.81 6.55
N CYS E 136 4.59 -21.34 6.19
CA CYS E 136 5.79 -21.27 7.01
C CYS E 136 6.12 -19.85 7.44
N GLY E 137 5.99 -18.91 6.49
CA GLY E 137 6.20 -17.50 6.76
C GLY E 137 5.11 -16.89 7.64
N VAL E 138 3.86 -17.07 7.22
CA VAL E 138 2.69 -16.44 7.84
C VAL E 138 2.55 -16.82 9.31
N ILE E 139 2.48 -18.12 9.59
CA ILE E 139 2.29 -18.57 10.98
C ILE E 139 3.56 -18.40 11.81
N GLY E 140 4.71 -18.28 11.14
CA GLY E 140 5.96 -17.90 11.77
C GLY E 140 5.91 -16.47 12.27
N ALA E 141 5.17 -15.63 11.53
CA ALA E 141 4.95 -14.24 11.91
C ALA E 141 3.89 -14.05 13.00
N LEU E 142 2.99 -15.03 13.15
CA LEU E 142 1.96 -15.00 14.20
C LEU E 142 2.60 -14.85 15.59
N SER E 143 3.79 -15.42 15.74
CA SER E 143 4.60 -15.30 16.94
C SER E 143 4.59 -13.87 17.47
N ALA E 144 4.88 -12.92 16.59
CA ALA E 144 4.91 -11.49 16.91
C ALA E 144 3.59 -10.96 17.51
N PHE E 145 2.47 -11.54 17.10
CA PHE E 145 1.14 -11.12 17.54
C PHE E 145 0.71 -11.73 18.87
N TYR E 146 1.09 -12.99 19.11
CA TYR E 146 0.78 -13.67 20.38
C TYR E 146 2.06 -14.12 21.09
N HIS E 147 2.79 -13.17 21.68
CA HIS E 147 4.07 -13.42 22.35
C HIS E 147 4.25 -12.68 23.69
N ASP E 148 3.78 -11.43 23.74
CA ASP E 148 4.00 -10.54 24.88
C ASP E 148 3.37 -11.06 26.18
N SER E 149 2.08 -11.44 26.09
CA SER E 149 1.38 -12.08 27.20
C SER E 149 1.94 -13.49 27.43
N LEU E 150 2.04 -14.26 26.34
CA LEU E 150 2.41 -15.68 26.36
C LEU E 150 3.53 -16.05 27.33
N ASP E 151 3.15 -16.79 28.38
CA ASP E 151 4.06 -17.43 29.32
C ASP E 151 4.06 -18.92 28.97
N ILE E 152 5.13 -19.35 28.30
CA ILE E 152 5.31 -20.74 27.87
C ILE E 152 5.09 -21.78 28.99
N ASN E 153 5.35 -21.39 30.25
CA ASN E 153 5.23 -22.30 31.39
C ASN E 153 3.83 -22.34 32.03
N ASN E 154 3.00 -21.34 31.74
CA ASN E 154 1.63 -21.26 32.22
C ASN E 154 0.69 -22.11 31.37
N PRO E 155 0.03 -23.14 31.96
CA PRO E 155 -0.82 -24.04 31.18
C PRO E 155 -2.05 -23.38 30.53
N LYS E 156 -2.52 -22.27 31.11
CA LYS E 156 -3.62 -21.49 30.53
C LYS E 156 -3.21 -20.87 29.20
N HIS E 157 -1.98 -20.35 29.15
CA HIS E 157 -1.40 -19.77 27.94
C HIS E 157 -1.16 -20.82 26.87
N ARG E 158 -0.67 -22.00 27.29
CA ARG E 158 -0.51 -23.16 26.40
C ARG E 158 -1.84 -23.57 25.77
N GLU E 159 -2.89 -23.62 26.60
CA GLU E 159 -4.24 -24.00 26.21
C GLU E 159 -4.80 -23.03 25.15
N VAL E 160 -4.73 -21.73 25.45
CA VAL E 160 -5.25 -20.70 24.54
C VAL E 160 -4.44 -20.63 23.25
N SER E 161 -3.13 -20.90 23.34
CA SER E 161 -2.26 -20.97 22.16
C SER E 161 -2.67 -22.11 21.23
N ALA E 162 -2.99 -23.27 21.82
CA ALA E 162 -3.46 -24.43 21.06
C ALA E 162 -4.78 -24.14 20.35
N HIS E 163 -5.72 -23.53 21.08
CA HIS E 163 -7.01 -23.13 20.53
C HIS E 163 -6.83 -22.16 19.37
N ARG E 164 -6.04 -21.10 19.58
CA ARG E 164 -5.73 -20.11 18.56
C ARG E 164 -5.24 -20.77 17.27
N LEU E 165 -4.28 -21.69 17.40
CA LEU E 165 -3.70 -22.39 16.26
C LEU E 165 -4.74 -23.23 15.53
N ILE E 166 -5.44 -24.10 16.26
CA ILE E 166 -6.45 -25.00 15.69
C ILE E 166 -7.55 -24.21 14.96
N ALA E 167 -7.87 -23.02 15.48
CA ALA E 167 -8.93 -22.15 14.95
C ALA E 167 -8.50 -21.35 13.73
N LYS E 168 -7.26 -20.85 13.74
CA LYS E 168 -6.76 -19.93 12.72
C LYS E 168 -6.20 -20.60 11.47
N MET E 169 -5.56 -21.76 11.64
CA MET E 169 -4.91 -22.47 10.54
C MET E 169 -5.82 -22.64 9.32
N PRO E 170 -7.10 -23.04 9.49
CA PRO E 170 -8.03 -23.14 8.35
C PRO E 170 -8.21 -21.82 7.62
N THR E 171 -8.42 -20.75 8.39
CA THR E 171 -8.58 -19.40 7.85
C THR E 171 -7.34 -18.97 7.05
N ILE E 172 -6.15 -19.29 7.58
CA ILE E 172 -4.89 -18.96 6.92
C ILE E 172 -4.72 -19.79 5.64
N ALA E 173 -4.90 -21.10 5.74
CA ALA E 173 -4.84 -22.01 4.61
C ALA E 173 -5.75 -21.54 3.47
N ALA E 174 -6.97 -21.11 3.83
CA ALA E 174 -7.92 -20.53 2.89
C ALA E 174 -7.37 -19.29 2.23
N MET E 175 -6.79 -18.38 3.03
CA MET E 175 -6.19 -17.15 2.54
C MET E 175 -5.08 -17.39 1.52
N VAL E 176 -4.27 -18.43 1.74
CA VAL E 176 -3.21 -18.84 0.83
C VAL E 176 -3.81 -19.17 -0.52
N TYR E 177 -4.82 -20.06 -0.53
CA TYR E 177 -5.48 -20.48 -1.76
C TYR E 177 -6.11 -19.30 -2.49
N LYS E 178 -6.93 -18.52 -1.77
CA LYS E 178 -7.63 -17.37 -2.34
C LYS E 178 -6.63 -16.35 -2.91
N TYR E 179 -5.46 -16.24 -2.29
CA TYR E 179 -4.40 -15.34 -2.73
C TYR E 179 -3.75 -15.82 -4.02
N SER E 180 -3.37 -17.11 -4.05
CA SER E 180 -2.76 -17.71 -5.24
C SER E 180 -3.64 -17.52 -6.47
N LYS E 181 -4.95 -17.63 -6.26
CA LYS E 181 -5.96 -17.51 -7.31
C LYS E 181 -6.12 -16.06 -7.78
N GLY E 182 -5.91 -15.11 -6.87
CA GLY E 182 -6.16 -13.70 -7.12
C GLY E 182 -7.62 -13.35 -6.86
N GLU E 183 -8.28 -14.16 -6.05
CA GLU E 183 -9.66 -13.95 -5.60
C GLU E 183 -9.63 -13.24 -4.24
N PRO E 184 -10.73 -12.56 -3.85
CA PRO E 184 -10.78 -11.88 -2.55
C PRO E 184 -10.90 -12.87 -1.40
N MET E 185 -10.13 -12.63 -0.33
CA MET E 185 -10.02 -13.56 0.79
C MET E 185 -11.32 -13.55 1.60
N MET E 186 -11.76 -14.75 2.03
CA MET E 186 -13.04 -14.93 2.72
C MET E 186 -12.86 -15.00 4.23
N TYR E 187 -13.89 -14.55 4.95
CA TYR E 187 -13.93 -14.56 6.41
C TYR E 187 -14.67 -15.81 6.89
N PRO E 188 -14.51 -16.23 8.18
CA PRO E 188 -15.20 -17.41 8.69
C PRO E 188 -16.67 -17.13 8.99
N ARG E 189 -17.44 -18.19 9.20
CA ARG E 189 -18.85 -18.10 9.58
C ARG E 189 -19.14 -18.98 10.79
N ASN E 190 -19.67 -18.37 11.85
CA ASN E 190 -19.99 -19.05 13.11
C ASN E 190 -21.15 -20.05 13.00
N ASP E 191 -21.94 -19.93 11.92
CA ASP E 191 -23.06 -20.84 11.66
C ASP E 191 -22.68 -22.08 10.85
N LEU E 192 -21.37 -22.25 10.59
CA LEU E 192 -20.84 -23.43 9.90
C LEU E 192 -19.85 -24.16 10.79
N ASN E 193 -19.88 -25.50 10.74
CA ASN E 193 -18.91 -26.34 11.46
C ASN E 193 -17.52 -26.24 10.82
N TYR E 194 -16.51 -26.76 11.54
CA TYR E 194 -15.10 -26.68 11.15
C TYR E 194 -14.87 -26.96 9.66
N ALA E 195 -15.24 -28.17 9.23
CA ALA E 195 -15.05 -28.63 7.85
C ALA E 195 -15.82 -27.76 6.86
N GLU E 196 -17.12 -27.55 7.13
CA GLU E 196 -17.96 -26.68 6.32
C GLU E 196 -17.31 -25.31 6.13
N ASN E 197 -16.91 -24.71 7.25
CA ASN E 197 -16.28 -23.39 7.27
C ASN E 197 -15.08 -23.37 6.35
N PHE E 198 -14.20 -24.37 6.49
CA PHE E 198 -13.00 -24.47 5.65
C PHE E 198 -13.34 -24.43 4.16
N LEU E 199 -14.27 -25.31 3.74
CA LEU E 199 -14.69 -25.40 2.34
C LEU E 199 -15.33 -24.09 1.84
N HIS E 200 -16.10 -23.44 2.72
CA HIS E 200 -16.69 -22.13 2.45
C HIS E 200 -15.60 -21.10 2.15
N MET E 201 -14.68 -20.93 3.10
CA MET E 201 -13.57 -20.00 2.98
C MET E 201 -12.72 -20.28 1.74
N MET E 202 -12.63 -21.55 1.37
CA MET E 202 -11.85 -22.01 0.22
C MET E 202 -12.49 -21.60 -1.10
N PHE E 203 -13.75 -21.99 -1.31
CA PHE E 203 -14.38 -21.96 -2.64
C PHE E 203 -15.48 -20.93 -2.86
N ASN E 204 -16.22 -20.59 -1.80
CA ASN E 204 -17.24 -19.54 -1.89
C ASN E 204 -16.60 -18.17 -2.10
N THR E 205 -17.43 -17.22 -2.57
CA THR E 205 -17.00 -15.85 -2.87
C THR E 205 -17.95 -14.87 -2.19
N PRO E 206 -17.64 -13.56 -2.17
CA PRO E 206 -18.64 -12.53 -1.86
C PRO E 206 -19.63 -12.35 -3.03
N CYS E 207 -19.26 -12.85 -4.21
CA CYS E 207 -20.11 -12.94 -5.40
C CYS E 207 -21.38 -13.80 -5.16
N GLU E 208 -21.17 -15.06 -4.73
CA GLU E 208 -22.27 -15.94 -4.31
C GLU E 208 -21.88 -16.87 -3.17
N THR E 209 -22.57 -16.74 -2.04
CA THR E 209 -22.35 -17.56 -0.83
C THR E 209 -23.35 -18.72 -0.81
N LYS E 210 -23.04 -19.78 -1.56
CA LYS E 210 -23.90 -20.96 -1.69
C LYS E 210 -23.54 -22.01 -0.65
N PRO E 211 -24.50 -22.88 -0.24
CA PRO E 211 -24.27 -23.81 0.88
C PRO E 211 -23.31 -24.96 0.54
N ILE E 212 -22.69 -25.52 1.59
CA ILE E 212 -21.67 -26.55 1.47
C ILE E 212 -22.29 -27.94 1.55
N SER E 213 -21.80 -28.85 0.69
CA SER E 213 -22.24 -30.24 0.68
C SER E 213 -21.90 -30.95 1.99
N PRO E 214 -22.88 -31.59 2.66
CA PRO E 214 -22.59 -32.31 3.91
C PRO E 214 -21.68 -33.52 3.67
N VAL E 215 -21.79 -34.12 2.48
CA VAL E 215 -20.94 -35.24 2.07
C VAL E 215 -19.48 -34.82 1.97
N LEU E 216 -19.23 -33.73 1.23
CA LEU E 216 -17.87 -33.19 1.08
C LEU E 216 -17.29 -32.73 2.40
N ALA E 217 -18.09 -31.98 3.17
CA ALA E 217 -17.70 -31.50 4.49
C ALA E 217 -17.29 -32.65 5.41
N LYS E 218 -18.11 -33.70 5.45
CA LYS E 218 -17.86 -34.87 6.28
C LYS E 218 -16.59 -35.61 5.83
N ALA E 219 -16.43 -35.75 4.51
CA ALA E 219 -15.24 -36.35 3.91
C ALA E 219 -13.97 -35.61 4.33
N MET E 220 -14.03 -34.27 4.26
CA MET E 220 -12.93 -33.41 4.65
C MET E 220 -12.59 -33.60 6.13
N ASP E 221 -13.62 -33.53 6.98
CA ASP E 221 -13.48 -33.75 8.42
C ASP E 221 -12.73 -35.02 8.83
N ARG E 222 -13.08 -36.14 8.16
CA ARG E 222 -12.42 -37.42 8.35
C ARG E 222 -10.95 -37.42 7.88
N ILE E 223 -10.71 -36.74 6.75
CA ILE E 223 -9.35 -36.54 6.23
C ILE E 223 -8.55 -35.87 7.34
N PHE E 224 -9.12 -34.83 7.97
CA PHE E 224 -8.48 -34.14 9.10
C PHE E 224 -8.23 -35.10 10.26
N ILE E 225 -9.25 -35.87 10.63
CA ILE E 225 -9.13 -36.86 11.72
C ILE E 225 -7.97 -37.82 11.43
N LEU E 226 -7.92 -38.33 10.19
CA LEU E 226 -6.95 -39.34 9.80
C LEU E 226 -5.51 -38.82 9.61
N HIS E 227 -5.32 -37.50 9.75
CA HIS E 227 -4.00 -36.86 9.72
C HIS E 227 -3.69 -36.08 11.00
N ALA E 228 -4.53 -36.27 12.04
CA ALA E 228 -4.46 -35.48 13.27
C ALA E 228 -3.12 -35.58 13.98
N ASP E 229 -2.64 -36.82 14.16
CA ASP E 229 -1.31 -37.08 14.73
C ASP E 229 -0.83 -38.46 14.29
N HIS E 230 0.49 -38.57 14.18
CA HIS E 230 1.13 -39.85 13.80
C HIS E 230 2.36 -40.04 14.68
N GLU E 231 2.16 -40.04 15.99
CA GLU E 231 3.23 -40.28 16.99
C GLU E 231 4.45 -39.38 16.77
N GLN E 232 5.63 -39.99 16.78
CA GLN E 232 6.89 -39.24 16.59
C GLN E 232 7.37 -39.35 15.14
N ASN E 233 7.72 -38.20 14.55
CA ASN E 233 8.14 -38.15 13.16
C ASN E 233 8.95 -36.88 12.96
N ALA E 234 9.48 -36.68 11.74
CA ALA E 234 10.30 -35.52 11.41
C ALA E 234 9.72 -34.22 11.96
N SER E 235 8.48 -33.93 11.59
CA SER E 235 7.82 -32.67 11.93
C SER E 235 7.52 -32.57 13.43
N THR E 236 6.83 -33.59 13.96
CA THR E 236 6.46 -33.65 15.37
C THR E 236 7.70 -33.47 16.27
N SER E 237 8.77 -34.22 15.96
CA SER E 237 10.02 -34.18 16.71
C SER E 237 10.78 -32.85 16.54
N THR E 238 10.62 -32.21 15.37
CA THR E 238 11.18 -30.88 15.14
C THR E 238 10.52 -29.85 16.07
N VAL E 239 9.18 -29.95 16.19
CA VAL E 239 8.39 -29.10 17.07
C VAL E 239 8.86 -29.27 18.52
N ARG E 240 9.06 -30.52 18.94
CA ARG E 240 9.54 -30.83 20.29
C ARG E 240 10.94 -30.29 20.55
N LEU E 241 11.85 -30.53 19.61
CA LEU E 241 13.25 -30.12 19.73
C LEU E 241 13.39 -28.60 19.83
N ALA E 242 12.72 -27.89 18.92
CA ALA E 242 12.65 -26.43 18.94
C ALA E 242 12.05 -25.93 20.25
N GLY E 243 10.88 -26.48 20.59
CA GLY E 243 10.16 -26.13 21.81
C GLY E 243 10.91 -26.31 23.10
N SER E 244 11.86 -27.26 23.11
CA SER E 244 12.66 -27.60 24.30
C SER E 244 13.51 -26.43 24.81
N SER E 245 13.87 -25.50 23.93
CA SER E 245 14.65 -24.31 24.28
C SER E 245 13.81 -23.23 24.98
N GLY E 246 12.50 -23.46 25.07
CA GLY E 246 11.56 -22.51 25.61
C GLY E 246 11.01 -21.58 24.54
N ALA E 247 11.01 -22.07 23.29
CA ALA E 247 10.65 -21.29 22.11
C ALA E 247 9.15 -21.11 22.02
N ASN E 248 8.73 -19.95 21.49
CA ASN E 248 7.34 -19.62 21.24
C ASN E 248 6.64 -20.73 20.47
N PRO E 249 5.39 -21.12 20.86
CA PRO E 249 4.71 -22.26 20.24
C PRO E 249 4.49 -22.10 18.74
N PHE E 250 4.00 -20.92 18.32
CA PHE E 250 3.72 -20.61 16.92
C PHE E 250 4.96 -20.80 16.06
N ALA E 251 6.10 -20.31 16.56
CA ALA E 251 7.41 -20.49 15.91
C ALA E 251 7.73 -21.98 15.73
N CYS E 252 7.49 -22.77 16.79
CA CYS E 252 7.73 -24.21 16.76
C CYS E 252 6.87 -24.91 15.70
N ILE E 253 5.60 -24.49 15.60
CA ILE E 253 4.69 -25.00 14.58
C ILE E 253 5.21 -24.66 13.19
N ALA E 254 5.75 -23.44 13.06
CA ALA E 254 6.39 -23.00 11.81
C ALA E 254 7.56 -23.92 11.43
N SER E 255 8.33 -24.35 12.44
CA SER E 255 9.39 -25.35 12.25
C SER E 255 8.83 -26.67 11.73
N GLY E 256 7.69 -27.08 12.32
CA GLY E 256 6.97 -28.28 11.91
C GLY E 256 6.55 -28.31 10.46
N ILE E 257 5.99 -27.18 9.98
CA ILE E 257 5.57 -27.02 8.59
C ILE E 257 6.76 -27.03 7.64
N ALA E 258 7.86 -26.40 8.07
CA ALA E 258 9.11 -26.41 7.32
C ALA E 258 9.53 -27.86 7.10
N ALA E 259 9.51 -28.65 8.17
CA ALA E 259 9.86 -30.06 8.12
C ALA E 259 8.91 -30.88 7.25
N LEU E 260 7.60 -30.67 7.44
CA LEU E 260 6.55 -31.39 6.72
C LEU E 260 6.61 -31.12 5.21
N TRP E 261 6.98 -29.89 4.84
CA TRP E 261 7.15 -29.47 3.45
C TRP E 261 8.07 -30.41 2.67
N GLY E 262 9.13 -30.88 3.33
CA GLY E 262 10.04 -31.87 2.78
C GLY E 262 9.29 -32.97 2.02
N PRO E 263 9.64 -33.23 0.74
CA PRO E 263 8.96 -34.26 -0.05
C PRO E 263 8.84 -35.62 0.65
N ALA E 264 9.87 -36.02 1.40
CA ALA E 264 9.92 -37.31 2.09
C ALA E 264 8.83 -37.44 3.17
N HIS E 265 8.55 -36.32 3.84
CA HIS E 265 7.56 -36.28 4.94
C HIS E 265 6.15 -36.06 4.40
N GLY E 266 5.93 -35.00 3.62
CA GLY E 266 4.60 -34.74 3.07
C GLY E 266 4.62 -34.54 1.57
N GLY E 267 4.10 -35.49 0.81
CA GLY E 267 4.08 -35.39 -0.66
C GLY E 267 3.31 -36.54 -1.30
N ALA E 268 3.27 -37.70 -0.65
CA ALA E 268 2.55 -38.81 -1.32
C ALA E 268 1.31 -38.31 -2.05
N ASN E 269 0.48 -37.51 -1.40
CA ASN E 269 -0.69 -37.02 -2.12
C ASN E 269 -0.33 -36.41 -3.48
N GLU E 270 0.79 -35.69 -3.52
CA GLU E 270 1.30 -35.08 -4.74
C GLU E 270 1.89 -36.16 -5.66
N ALA E 271 2.66 -37.08 -5.06
CA ALA E 271 3.32 -38.17 -5.79
C ALA E 271 2.32 -39.03 -6.59
N VAL E 272 1.25 -39.47 -5.91
CA VAL E 272 0.22 -40.32 -6.52
C VAL E 272 -0.45 -39.63 -7.72
N LEU E 273 -0.62 -38.31 -7.63
CA LEU E 273 -1.17 -37.50 -8.72
C LEU E 273 -0.22 -37.40 -9.90
N ARG E 274 1.08 -37.25 -9.63
CA ARG E 274 2.12 -37.25 -10.66
C ARG E 274 2.18 -38.59 -11.40
N MET E 275 1.89 -39.68 -10.67
CA MET E 275 1.77 -41.00 -11.27
C MET E 275 0.65 -41.02 -12.30
N LEU E 276 -0.53 -40.53 -11.89
CA LEU E 276 -1.71 -40.46 -12.75
C LEU E 276 -1.50 -39.56 -13.97
N ASP E 277 -0.72 -38.49 -13.78
CA ASP E 277 -0.27 -37.62 -14.88
C ASP E 277 0.60 -38.40 -15.86
N GLU E 278 1.53 -39.19 -15.32
CA GLU E 278 2.41 -40.05 -16.12
C GLU E 278 1.64 -41.10 -16.93
N ILE E 279 0.56 -41.65 -16.34
CA ILE E 279 -0.31 -42.59 -17.04
C ILE E 279 -1.02 -41.82 -18.16
N GLY E 280 -1.72 -40.74 -17.76
CA GLY E 280 -2.43 -39.87 -18.69
C GLY E 280 -3.84 -40.34 -18.99
N ASP E 281 -3.94 -41.42 -19.77
CA ASP E 281 -5.20 -41.96 -20.27
C ASP E 281 -5.43 -43.37 -19.71
N VAL E 282 -6.71 -43.77 -19.64
CA VAL E 282 -7.13 -45.11 -19.28
C VAL E 282 -6.56 -46.15 -20.27
N SER E 283 -6.60 -45.80 -21.56
CA SER E 283 -6.18 -46.67 -22.66
C SER E 283 -4.82 -47.35 -22.44
N ASN E 284 -3.88 -46.64 -21.83
CA ASN E 284 -2.54 -47.15 -21.53
C ASN E 284 -2.27 -47.39 -20.04
N ILE E 285 -3.27 -47.93 -19.34
CA ILE E 285 -3.10 -48.36 -17.95
C ILE E 285 -2.21 -49.62 -17.87
N ASP E 286 -2.58 -50.65 -18.65
CA ASP E 286 -1.84 -51.91 -18.70
C ASP E 286 -0.35 -51.69 -18.99
N LYS E 287 -0.08 -50.84 -19.98
CA LYS E 287 1.28 -50.42 -20.36
C LYS E 287 2.11 -50.03 -19.13
N PHE E 288 1.59 -49.10 -18.34
CA PHE E 288 2.26 -48.58 -17.15
C PHE E 288 2.23 -49.54 -15.95
N VAL E 289 1.28 -50.49 -15.97
CA VAL E 289 1.20 -51.54 -14.95
C VAL E 289 2.41 -52.47 -15.11
N GLU E 290 2.61 -52.97 -16.34
CA GLU E 290 3.79 -53.76 -16.69
C GLU E 290 5.08 -52.96 -16.53
N LYS E 291 5.02 -51.66 -16.85
CA LYS E 291 6.14 -50.74 -16.67
C LYS E 291 6.54 -50.62 -15.19
N ALA E 292 5.54 -50.68 -14.29
CA ALA E 292 5.76 -50.67 -12.85
C ALA E 292 6.35 -52.00 -12.38
N LYS E 293 5.69 -53.09 -12.78
CA LYS E 293 6.10 -54.46 -12.47
C LYS E 293 7.53 -54.77 -12.93
N ASP E 294 7.98 -54.09 -13.99
CA ASP E 294 9.34 -54.22 -14.50
C ASP E 294 10.35 -53.66 -13.49
N LYS E 295 11.04 -54.59 -12.80
CA LYS E 295 12.09 -54.28 -11.82
C LYS E 295 13.16 -53.34 -12.39
N ASN E 296 13.50 -53.58 -13.66
CA ASN E 296 14.47 -52.77 -14.40
C ASN E 296 13.99 -51.33 -14.67
N ASP E 297 12.67 -51.15 -14.82
CA ASP E 297 12.09 -49.84 -15.11
C ASP E 297 11.92 -49.01 -13.84
N PRO E 298 12.48 -47.77 -13.79
CA PRO E 298 12.30 -46.88 -12.62
C PRO E 298 10.85 -46.56 -12.21
N PHE E 299 9.88 -46.85 -13.08
CA PHE E 299 8.47 -46.66 -12.79
C PHE E 299 8.02 -47.65 -11.72
N LYS E 300 7.30 -47.12 -10.72
CA LYS E 300 6.58 -47.91 -9.72
C LYS E 300 5.31 -47.16 -9.34
N LEU E 301 4.28 -47.91 -8.90
CA LEU E 301 3.01 -47.33 -8.48
C LEU E 301 3.17 -46.59 -7.16
N MET E 302 2.52 -45.42 -7.07
CA MET E 302 2.52 -44.58 -5.87
C MET E 302 1.18 -44.71 -5.16
N GLY E 303 1.20 -44.66 -3.82
CA GLY E 303 0.01 -44.76 -2.99
C GLY E 303 -0.51 -46.18 -2.81
N PHE E 304 0.38 -47.16 -3.06
CA PHE E 304 0.06 -48.57 -2.88
C PHE E 304 1.04 -49.21 -1.90
N GLY E 305 0.49 -49.81 -0.84
CA GLY E 305 1.26 -50.37 0.26
C GLY E 305 1.67 -49.28 1.23
N HIS E 306 2.48 -49.67 2.23
CA HIS E 306 2.98 -48.76 3.26
C HIS E 306 4.18 -49.39 3.96
N ARG E 307 5.19 -48.56 4.27
CA ARG E 307 6.44 -49.03 4.90
C ARG E 307 6.26 -49.42 6.38
N VAL E 308 5.24 -48.86 7.04
CA VAL E 308 4.90 -49.18 8.41
C VAL E 308 3.76 -50.21 8.47
N TYR E 309 2.59 -49.83 7.95
CA TYR E 309 1.40 -50.67 7.93
C TYR E 309 1.47 -51.65 6.76
N LYS E 310 2.33 -52.65 6.89
CA LYS E 310 2.69 -53.55 5.80
C LYS E 310 1.54 -54.41 5.31
N ASN E 311 0.79 -54.99 6.26
CA ASN E 311 -0.35 -55.86 5.95
C ASN E 311 -1.59 -55.07 5.55
N PHE E 312 -2.01 -54.13 6.40
CA PHE E 312 -3.13 -53.25 6.12
C PHE E 312 -3.10 -51.99 6.99
N ASP E 313 -3.58 -50.87 6.43
CA ASP E 313 -3.76 -49.61 7.13
C ASP E 313 -5.20 -49.56 7.63
N PRO E 314 -5.44 -49.41 8.95
CA PRO E 314 -6.82 -49.40 9.48
C PRO E 314 -7.67 -48.25 8.94
N ARG E 315 -7.00 -47.19 8.44
CA ARG E 315 -7.64 -46.01 7.87
C ARG E 315 -8.11 -46.25 6.43
N ALA E 316 -7.49 -47.22 5.75
CA ALA E 316 -7.73 -47.51 4.33
C ALA E 316 -9.21 -47.76 4.02
N LYS E 317 -9.86 -48.59 4.83
CA LYS E 317 -11.27 -48.96 4.66
C LYS E 317 -12.17 -47.72 4.69
N VAL E 318 -11.99 -46.91 5.74
CA VAL E 318 -12.74 -45.68 5.96
C VAL E 318 -12.54 -44.72 4.80
N MET E 319 -11.28 -44.58 4.36
CA MET E 319 -10.92 -43.74 3.22
C MET E 319 -11.55 -44.20 1.91
N LYS E 320 -11.58 -45.52 1.68
CA LYS E 320 -12.24 -46.09 0.52
C LYS E 320 -13.72 -45.71 0.53
N GLN E 321 -14.39 -45.96 1.66
CA GLN E 321 -15.79 -45.59 1.86
C GLN E 321 -16.03 -44.11 1.48
N THR E 322 -15.19 -43.23 2.04
CA THR E 322 -15.28 -41.79 1.82
C THR E 322 -15.09 -41.41 0.36
N CYS E 323 -14.10 -42.02 -0.30
CA CYS E 323 -13.79 -41.78 -1.70
C CYS E 323 -14.98 -42.15 -2.59
N ASP E 324 -15.47 -43.38 -2.43
CA ASP E 324 -16.63 -43.88 -3.16
C ASP E 324 -17.87 -43.00 -2.94
N GLU E 325 -18.04 -42.54 -1.69
CA GLU E 325 -19.16 -41.68 -1.30
C GLU E 325 -19.09 -40.29 -1.94
N VAL E 326 -17.88 -39.72 -2.02
CA VAL E 326 -17.63 -38.42 -2.64
C VAL E 326 -17.86 -38.49 -4.15
N LEU E 327 -17.23 -39.47 -4.79
CA LEU E 327 -17.35 -39.71 -6.22
C LEU E 327 -18.77 -40.08 -6.64
N GLN E 328 -19.55 -40.63 -5.70
CA GLN E 328 -20.99 -40.85 -5.90
C GLN E 328 -21.72 -39.52 -6.14
N GLU E 329 -21.33 -38.49 -5.39
CA GLU E 329 -21.95 -37.17 -5.49
C GLU E 329 -21.45 -36.34 -6.67
N LEU E 330 -20.13 -36.36 -6.90
CA LEU E 330 -19.49 -35.58 -7.98
C LEU E 330 -19.54 -36.26 -9.35
N GLY E 331 -19.54 -37.60 -9.34
CA GLY E 331 -19.75 -38.36 -10.60
C GLY E 331 -18.54 -38.73 -11.45
N ILE E 332 -17.31 -38.64 -10.93
CA ILE E 332 -16.10 -39.04 -11.72
C ILE E 332 -16.08 -38.31 -13.07
N ASN E 333 -16.31 -37.01 -13.07
CA ASN E 333 -16.34 -36.28 -14.37
C ASN E 333 -15.00 -36.29 -15.11
N ASP E 334 -13.88 -36.09 -14.39
CA ASP E 334 -12.52 -36.06 -15.01
C ASP E 334 -11.99 -37.46 -15.32
N PRO E 335 -11.13 -37.60 -16.36
CA PRO E 335 -10.60 -38.89 -16.80
C PRO E 335 -9.45 -39.46 -15.97
N GLN E 336 -8.77 -38.58 -15.21
CA GLN E 336 -7.71 -38.98 -14.29
C GLN E 336 -8.30 -39.69 -13.07
N LEU E 337 -9.46 -39.21 -12.60
CA LEU E 337 -10.22 -39.89 -11.53
C LEU E 337 -10.73 -41.26 -11.98
N GLU E 338 -11.33 -41.29 -13.19
CA GLU E 338 -11.75 -42.52 -13.83
C GLU E 338 -10.59 -43.53 -13.87
N LEU E 339 -9.45 -43.06 -14.40
CA LEU E 339 -8.21 -43.81 -14.48
C LEU E 339 -7.81 -44.37 -13.12
N ALA E 340 -7.86 -43.51 -12.10
CA ALA E 340 -7.47 -43.85 -10.73
C ALA E 340 -8.31 -44.99 -10.16
N MET E 341 -9.63 -44.93 -10.35
CA MET E 341 -10.54 -45.97 -9.83
C MET E 341 -10.37 -47.33 -10.54
N LYS E 342 -10.00 -47.29 -11.83
CA LYS E 342 -9.67 -48.49 -12.59
C LYS E 342 -8.36 -49.12 -12.10
N LEU E 343 -7.35 -48.27 -11.86
CA LEU E 343 -6.07 -48.68 -11.29
C LEU E 343 -6.28 -49.35 -9.92
N GLU E 344 -7.17 -48.77 -9.11
CA GLU E 344 -7.59 -49.32 -7.82
C GLU E 344 -8.23 -50.70 -8.00
N GLU E 345 -9.21 -50.79 -8.90
CA GLU E 345 -9.86 -52.07 -9.24
C GLU E 345 -8.83 -53.14 -9.56
N ILE E 346 -7.92 -52.82 -10.50
CA ILE E 346 -6.85 -53.73 -10.92
C ILE E 346 -6.01 -54.18 -9.72
N ALA E 347 -5.43 -53.22 -9.01
CA ALA E 347 -4.56 -53.47 -7.85
C ALA E 347 -5.17 -54.43 -6.83
N ARG E 348 -6.47 -54.26 -6.55
CA ARG E 348 -7.20 -55.05 -5.57
C ARG E 348 -7.50 -56.47 -6.06
N HIS E 349 -7.89 -56.60 -7.34
CA HIS E 349 -8.24 -57.90 -7.92
C HIS E 349 -7.11 -58.56 -8.74
N ASP E 350 -5.86 -58.12 -8.54
CA ASP E 350 -4.69 -58.67 -9.21
C ASP E 350 -3.79 -59.45 -8.24
N PRO E 351 -3.39 -60.69 -8.59
CA PRO E 351 -2.61 -61.55 -7.69
C PRO E 351 -1.25 -60.98 -7.28
N TYR E 352 -0.51 -60.39 -8.23
CA TYR E 352 0.80 -59.80 -7.97
C TYR E 352 0.73 -58.76 -6.86
N PHE E 353 -0.17 -57.78 -7.02
CA PHE E 353 -0.36 -56.70 -6.06
C PHE E 353 -0.92 -57.20 -4.72
N VAL E 354 -1.87 -58.15 -4.79
CA VAL E 354 -2.42 -58.79 -3.58
C VAL E 354 -1.32 -59.43 -2.73
N GLU E 355 -0.49 -60.27 -3.37
CA GLU E 355 0.60 -60.99 -2.71
C GLU E 355 1.73 -60.09 -2.23
N ARG E 356 1.95 -58.96 -2.93
CA ARG E 356 2.97 -57.98 -2.55
C ARG E 356 2.50 -57.01 -1.44
N ASN E 357 1.24 -57.14 -1.01
CA ASN E 357 0.60 -56.20 -0.08
C ASN E 357 0.67 -54.76 -0.57
N LEU E 358 0.33 -54.58 -1.86
CA LEU E 358 0.31 -53.29 -2.53
C LEU E 358 -1.15 -52.85 -2.67
N TYR E 359 -1.78 -52.59 -1.52
CA TYR E 359 -3.17 -52.17 -1.43
C TYR E 359 -3.27 -50.66 -1.61
N PRO E 360 -4.39 -50.13 -2.16
CA PRO E 360 -4.57 -48.68 -2.28
C PRO E 360 -4.66 -48.05 -0.90
N ASN E 361 -3.71 -47.17 -0.57
CA ASN E 361 -3.57 -46.63 0.78
C ASN E 361 -4.27 -45.28 1.01
N VAL E 362 -4.25 -44.85 2.27
CA VAL E 362 -4.80 -43.56 2.72
C VAL E 362 -4.39 -42.38 1.82
N ASP E 363 -3.13 -42.37 1.37
CA ASP E 363 -2.59 -41.28 0.55
C ASP E 363 -3.17 -41.25 -0.86
N PHE E 364 -3.33 -42.44 -1.46
CA PHE E 364 -3.98 -42.63 -2.75
C PHE E 364 -5.41 -42.10 -2.71
N TYR E 365 -6.19 -42.60 -1.75
CA TYR E 365 -7.60 -42.20 -1.61
C TYR E 365 -7.77 -40.72 -1.31
N SER E 366 -6.99 -40.21 -0.35
CA SER E 366 -7.06 -38.81 0.08
C SER E 366 -6.67 -37.85 -1.04
N GLY E 367 -5.63 -38.21 -1.82
CA GLY E 367 -5.23 -37.45 -3.00
C GLY E 367 -6.39 -37.30 -3.96
N ILE E 368 -7.04 -38.42 -4.28
CA ILE E 368 -8.19 -38.46 -5.19
C ILE E 368 -9.35 -37.60 -4.68
N ILE E 369 -9.67 -37.73 -3.39
CA ILE E 369 -10.76 -36.97 -2.77
C ILE E 369 -10.49 -35.46 -2.89
N LEU E 370 -9.36 -35.02 -2.34
CA LEU E 370 -8.95 -33.61 -2.35
C LEU E 370 -9.01 -33.03 -3.76
N LYS E 371 -8.48 -33.77 -4.75
CA LYS E 371 -8.54 -33.34 -6.15
C LYS E 371 -9.99 -33.22 -6.61
N ALA E 372 -10.80 -34.25 -6.34
CA ALA E 372 -12.20 -34.33 -6.74
C ALA E 372 -13.04 -33.17 -6.23
N ILE E 373 -12.80 -32.77 -4.97
CA ILE E 373 -13.56 -31.68 -4.34
C ILE E 373 -12.99 -30.28 -4.61
N GLY E 374 -11.94 -30.20 -5.44
CA GLY E 374 -11.46 -28.95 -6.01
C GLY E 374 -10.14 -28.39 -5.53
N ILE E 375 -9.54 -29.02 -4.50
CA ILE E 375 -8.25 -28.58 -3.96
C ILE E 375 -7.14 -28.87 -4.97
N PRO E 376 -6.29 -27.89 -5.32
CA PRO E 376 -5.15 -28.14 -6.22
C PRO E 376 -4.02 -28.84 -5.50
N THR E 377 -3.20 -29.59 -6.25
CA THR E 377 -2.14 -30.42 -5.72
C THR E 377 -1.18 -29.67 -4.81
N SER E 378 -0.88 -28.41 -5.18
CA SER E 378 -0.02 -27.52 -4.40
C SER E 378 -0.44 -27.44 -2.92
N MET E 379 -1.76 -27.42 -2.68
CA MET E 379 -2.34 -27.26 -1.35
C MET E 379 -2.36 -28.53 -0.48
N PHE E 380 -2.26 -29.71 -1.13
CA PHE E 380 -2.36 -31.01 -0.46
C PHE E 380 -1.59 -31.04 0.87
N THR E 381 -0.33 -30.63 0.81
CA THR E 381 0.56 -30.56 1.98
C THR E 381 0.12 -29.52 3.02
N VAL E 382 -0.55 -28.45 2.56
CA VAL E 382 -1.12 -27.44 3.46
C VAL E 382 -2.32 -28.00 4.22
N ILE E 383 -3.14 -28.83 3.57
CA ILE E 383 -4.25 -29.55 4.21
C ILE E 383 -3.69 -30.51 5.27
N PHE E 384 -2.62 -31.24 4.92
CA PHE E 384 -1.88 -32.09 5.85
C PHE E 384 -1.51 -31.26 7.10
N ALA E 385 -0.78 -30.16 6.89
CA ALA E 385 -0.33 -29.28 7.97
C ALA E 385 -1.50 -28.80 8.84
N LEU E 386 -2.60 -28.43 8.19
CA LEU E 386 -3.84 -28.03 8.83
C LEU E 386 -4.33 -29.05 9.83
N ALA E 387 -4.40 -30.31 9.40
CA ALA E 387 -4.87 -31.41 10.22
C ALA E 387 -3.89 -31.73 11.34
N ARG E 388 -2.59 -31.79 11.00
CA ARG E 388 -1.55 -32.20 11.93
C ARG E 388 -1.27 -31.19 13.06
N THR E 389 -1.60 -29.92 12.82
CA THR E 389 -1.36 -28.83 13.79
C THR E 389 -1.70 -29.23 15.22
N VAL E 390 -2.90 -29.79 15.40
CA VAL E 390 -3.38 -30.24 16.71
C VAL E 390 -2.46 -31.30 17.33
N GLY E 391 -1.96 -32.21 16.50
CA GLY E 391 -1.01 -33.22 16.92
C GLY E 391 0.28 -32.58 17.43
N TRP E 392 0.84 -31.69 16.60
CA TRP E 392 2.08 -30.99 16.96
C TRP E 392 1.96 -30.28 18.29
N ILE E 393 0.92 -29.45 18.44
CA ILE E 393 0.73 -28.64 19.65
C ILE E 393 0.42 -29.52 20.88
N SER E 394 -0.24 -30.66 20.66
CA SER E 394 -0.49 -31.64 21.71
C SER E 394 0.82 -32.25 22.23
N HIS E 395 1.71 -32.62 21.31
CA HIS E 395 3.04 -33.15 21.66
C HIS E 395 3.93 -32.11 22.36
N TRP E 396 3.81 -30.85 21.93
CA TRP E 396 4.48 -29.71 22.55
C TRP E 396 3.94 -29.50 23.97
N GLN E 397 2.61 -29.47 24.10
CA GLN E 397 1.95 -29.35 25.41
C GLN E 397 2.40 -30.44 26.38
N GLU E 398 2.43 -31.70 25.90
CA GLU E 398 2.86 -32.83 26.70
C GLU E 398 4.30 -32.63 27.18
N MET E 399 5.20 -32.33 26.23
CA MET E 399 6.61 -32.13 26.51
C MET E 399 6.81 -31.09 27.62
N LEU E 400 6.15 -29.93 27.48
CA LEU E 400 6.27 -28.82 28.42
C LEU E 400 5.60 -29.07 29.78
N SER E 401 4.48 -29.80 29.76
CA SER E 401 3.76 -30.16 30.98
C SER E 401 4.55 -31.14 31.84
N GLY E 402 5.46 -31.89 31.21
CA GLY E 402 6.35 -32.75 32.00
C GLY E 402 7.59 -31.96 32.37
N PRO E 403 8.71 -32.58 32.82
CA PRO E 403 9.93 -31.85 33.09
C PRO E 403 10.65 -31.97 31.74
N TYR E 404 10.69 -30.88 30.98
CA TYR E 404 11.23 -30.84 29.60
C TYR E 404 12.54 -30.06 29.57
N LYS E 405 13.24 -29.95 30.70
CA LYS E 405 14.42 -29.06 30.74
C LYS E 405 15.45 -29.35 29.64
N ILE E 406 15.84 -28.26 28.96
CA ILE E 406 16.89 -28.11 27.91
C ILE E 406 16.77 -29.11 26.74
N GLY E 407 17.88 -29.78 26.41
CA GLY E 407 17.96 -30.74 25.29
C GLY E 407 19.06 -30.37 24.31
N ARG E 408 20.23 -31.02 24.43
CA ARG E 408 21.42 -30.81 23.59
C ARG E 408 22.11 -32.13 23.23
N PRO E 409 22.09 -32.60 21.96
CA PRO E 409 22.68 -33.88 21.59
C PRO E 409 24.21 -33.78 21.44
N ARG E 410 24.85 -34.92 21.16
CA ARG E 410 26.32 -34.94 20.99
C ARG E 410 26.69 -35.42 19.59
N GLN E 411 27.98 -35.67 19.36
CA GLN E 411 28.53 -36.02 18.07
C GLN E 411 29.71 -36.98 18.21
N LEU E 412 30.15 -37.48 17.05
CA LEU E 412 31.41 -38.20 16.90
C LEU E 412 32.30 -37.34 16.01
N TYR E 413 33.39 -36.82 16.60
CA TYR E 413 34.30 -35.93 15.88
C TYR E 413 35.27 -36.74 15.02
N THR E 414 35.30 -36.43 13.74
CA THR E 414 36.24 -37.07 12.78
C THR E 414 36.89 -35.93 12.02
N GLY E 415 37.10 -34.80 12.69
CA GLY E 415 37.68 -33.61 12.03
C GLY E 415 39.14 -33.54 12.36
N HIS E 416 39.84 -32.56 11.77
CA HIS E 416 41.30 -32.38 12.00
C HIS E 416 41.61 -32.15 13.47
N THR E 417 42.83 -32.51 13.88
CA THR E 417 43.28 -32.28 15.26
C THR E 417 43.69 -30.82 15.47
N GLN E 418 43.84 -30.40 16.73
CA GLN E 418 44.21 -29.00 17.06
C GLN E 418 45.42 -28.58 16.25
N ARG E 419 45.34 -27.46 15.54
CA ARG E 419 46.45 -26.99 14.71
C ARG E 419 46.48 -25.47 14.75
N ASP E 420 47.69 -24.89 14.74
CA ASP E 420 47.83 -23.42 14.85
C ASP E 420 47.48 -22.74 13.52
N PHE E 421 46.91 -21.54 13.63
CA PHE E 421 46.41 -20.78 12.45
C PHE E 421 47.59 -20.25 11.66
N THR E 422 47.65 -20.67 10.40
CA THR E 422 48.68 -20.21 9.44
C THR E 422 48.26 -18.84 8.91
N ALA E 423 49.18 -18.12 8.28
CA ALA E 423 48.87 -16.77 7.73
C ALA E 423 48.30 -16.88 6.31
N LEU E 424 48.41 -15.81 5.53
CA LEU E 424 47.86 -15.85 4.16
C LEU E 424 48.96 -16.43 3.25
N LYS E 425 50.16 -16.72 3.79
CA LYS E 425 51.28 -17.26 2.97
C LYS E 425 51.56 -18.79 3.01
N LYS F 5 34.71 -53.89 20.49
CA LYS F 5 33.30 -54.33 20.56
C LYS F 5 32.76 -54.12 21.96
N ALA F 6 31.42 -54.03 22.08
CA ALA F 6 30.74 -53.85 23.35
C ALA F 6 29.55 -54.81 23.44
N GLN F 7 29.54 -55.65 24.50
CA GLN F 7 28.48 -56.60 24.74
C GLN F 7 27.39 -55.94 25.59
N LEU F 8 26.14 -55.99 25.10
CA LEU F 8 24.98 -55.56 25.87
C LEU F 8 24.16 -56.78 26.25
N ILE F 9 24.04 -57.03 27.56
CA ILE F 9 23.23 -58.12 28.11
C ILE F 9 21.99 -57.53 28.78
N ILE F 10 20.84 -58.09 28.37
CA ILE F 10 19.49 -57.72 28.88
C ILE F 10 18.87 -58.96 29.54
N GLU F 11 19.19 -59.17 30.83
CA GLU F 11 18.79 -60.27 31.75
C GLU F 11 17.90 -61.32 31.09
N GLY F 12 16.86 -60.86 30.38
CA GLY F 12 15.89 -61.71 29.67
C GLY F 12 16.34 -62.03 28.26
N SER F 13 16.64 -61.00 27.47
CA SER F 13 17.04 -61.18 26.05
C SER F 13 18.47 -61.76 26.00
N ALA F 14 18.81 -62.40 24.88
CA ALA F 14 20.18 -62.92 24.75
C ALA F 14 21.15 -61.77 24.51
N PRO F 15 22.47 -61.95 24.75
CA PRO F 15 23.43 -60.85 24.58
C PRO F 15 23.50 -60.35 23.14
N VAL F 16 23.83 -59.06 22.97
CA VAL F 16 23.98 -58.46 21.64
C VAL F 16 25.31 -57.70 21.49
N GLU F 17 25.90 -57.83 20.30
CA GLU F 17 27.17 -57.24 19.93
C GLU F 17 26.96 -55.86 19.32
N LEU F 18 27.48 -54.83 20.00
CA LEU F 18 27.40 -53.45 19.55
C LEU F 18 28.81 -52.93 19.23
N PRO F 19 29.07 -52.51 17.97
CA PRO F 19 30.39 -51.99 17.62
C PRO F 19 30.64 -50.64 18.29
N VAL F 20 31.73 -50.55 19.07
CA VAL F 20 32.15 -49.30 19.70
C VAL F 20 33.18 -48.59 18.82
N LEU F 21 32.78 -47.43 18.28
CA LEU F 21 33.63 -46.63 17.39
C LEU F 21 34.18 -45.36 18.02
N SER F 22 35.44 -45.05 17.72
CA SER F 22 36.14 -43.88 18.24
C SER F 22 36.20 -42.82 17.14
N GLY F 23 36.66 -41.62 17.50
CA GLY F 23 36.85 -40.52 16.57
C GLY F 23 38.28 -40.00 16.59
N THR F 24 38.52 -38.91 15.86
CA THR F 24 39.82 -38.24 15.83
C THR F 24 40.21 -37.69 17.20
N MET F 25 39.20 -37.24 17.96
CA MET F 25 39.36 -36.90 19.37
C MET F 25 37.99 -36.85 20.07
N GLY F 26 38.02 -36.79 21.40
CA GLY F 26 36.84 -36.87 22.22
C GLY F 26 36.60 -38.31 22.66
N PRO F 27 35.41 -38.64 23.23
CA PRO F 27 35.14 -39.99 23.72
C PRO F 27 34.79 -40.98 22.62
N ASP F 28 34.80 -42.27 22.97
CA ASP F 28 34.31 -43.33 22.09
C ASP F 28 32.78 -43.36 22.12
N VAL F 29 32.19 -43.97 21.10
CA VAL F 29 30.75 -44.05 20.93
C VAL F 29 30.34 -45.50 20.66
N VAL F 30 29.20 -45.92 21.22
CA VAL F 30 28.68 -47.27 21.10
C VAL F 30 27.50 -47.31 20.14
N ASP F 31 27.71 -47.94 18.97
CA ASP F 31 26.69 -48.01 17.90
C ASP F 31 25.47 -48.81 18.37
N VAL F 32 24.33 -48.11 18.53
CA VAL F 32 23.10 -48.74 19.01
C VAL F 32 22.01 -48.91 17.93
N ARG F 33 22.41 -48.80 16.65
CA ARG F 33 21.48 -48.93 15.54
C ARG F 33 20.89 -50.35 15.42
N GLY F 34 21.60 -51.34 15.95
CA GLY F 34 21.14 -52.72 16.00
C GLY F 34 20.03 -53.00 16.99
N LEU F 35 19.80 -52.08 17.93
CA LEU F 35 18.85 -52.28 19.04
C LEU F 35 17.42 -52.59 18.61
N THR F 36 16.89 -51.81 17.67
CA THR F 36 15.52 -51.96 17.17
C THR F 36 15.28 -53.37 16.59
N ALA F 37 16.35 -53.97 16.05
CA ALA F 37 16.34 -55.35 15.57
C ALA F 37 16.09 -56.35 16.71
N THR F 38 16.72 -56.11 17.86
CA THR F 38 16.58 -56.98 19.04
C THR F 38 15.30 -56.70 19.85
N GLY F 39 14.56 -55.65 19.46
CA GLY F 39 13.29 -55.29 20.07
C GLY F 39 13.41 -54.42 21.30
N HIS F 40 14.37 -53.49 21.27
CA HIS F 40 14.59 -52.54 22.36
C HIS F 40 15.01 -51.18 21.78
N PHE F 41 14.88 -50.13 22.60
CA PHE F 41 15.42 -48.80 22.29
C PHE F 41 16.33 -48.36 23.43
N THR F 42 17.11 -47.31 23.18
CA THR F 42 17.78 -46.57 24.24
C THR F 42 16.78 -45.52 24.73
N PHE F 43 16.95 -45.05 25.98
CA PHE F 43 16.12 -43.98 26.53
C PHE F 43 17.04 -42.83 26.88
N ASP F 44 16.76 -41.65 26.29
CA ASP F 44 17.61 -40.48 26.49
C ASP F 44 16.86 -39.15 26.37
N PRO F 45 16.09 -38.76 27.42
CA PRO F 45 15.55 -37.39 27.52
C PRO F 45 16.62 -36.31 27.28
N GLY F 46 16.41 -35.49 26.26
CA GLY F 46 17.31 -34.41 25.90
C GLY F 46 18.56 -34.81 25.11
N PHE F 47 18.65 -36.10 24.76
CA PHE F 47 19.76 -36.66 23.97
C PHE F 47 21.14 -36.41 24.59
N MET F 48 21.19 -36.25 25.92
CA MET F 48 22.42 -35.84 26.62
C MET F 48 23.53 -36.89 26.62
N SER F 49 23.18 -38.14 26.33
CA SER F 49 24.12 -39.26 26.20
C SER F 49 24.08 -39.93 24.83
N THR F 50 23.32 -39.33 23.89
CA THR F 50 23.15 -39.85 22.54
C THR F 50 23.84 -38.96 21.52
N ALA F 51 24.66 -39.59 20.67
CA ALA F 51 25.35 -38.95 19.57
C ALA F 51 24.48 -39.06 18.32
N SER F 52 24.04 -37.89 17.84
CA SER F 52 23.13 -37.81 16.71
C SER F 52 23.81 -38.18 15.39
N CYS F 53 25.12 -37.90 15.28
CA CYS F 53 25.81 -37.91 14.00
C CYS F 53 27.34 -37.89 14.14
N GLU F 54 28.00 -38.10 12.99
CA GLU F 54 29.41 -37.79 12.81
C GLU F 54 29.52 -36.34 12.38
N SER F 55 30.55 -35.64 12.86
CA SER F 55 30.85 -34.28 12.44
C SER F 55 32.35 -34.04 12.47
N LYS F 56 32.80 -33.10 11.62
CA LYS F 56 34.20 -32.69 11.58
C LYS F 56 34.31 -31.17 11.49
N ILE F 57 33.29 -30.48 12.01
CA ILE F 57 33.20 -29.03 11.95
C ILE F 57 33.80 -28.43 13.23
N THR F 58 33.10 -28.61 14.36
CA THR F 58 33.49 -28.02 15.63
C THR F 58 33.62 -29.09 16.70
N TYR F 59 34.74 -29.06 17.44
CA TYR F 59 34.99 -29.91 18.60
C TYR F 59 35.17 -29.08 19.86
N ILE F 60 34.60 -29.60 20.96
CA ILE F 60 34.58 -28.96 22.26
C ILE F 60 35.01 -29.93 23.36
N ASP F 61 35.80 -29.41 24.31
CA ASP F 61 36.15 -30.10 25.55
C ASP F 61 36.16 -29.04 26.66
N GLY F 62 35.03 -28.93 27.37
CA GLY F 62 34.83 -27.94 28.40
C GLY F 62 35.84 -28.00 29.55
N ASP F 63 36.09 -29.21 30.04
CA ASP F 63 37.04 -29.47 31.13
C ASP F 63 38.42 -28.88 30.84
N LYS F 64 38.89 -29.04 29.60
CA LYS F 64 40.21 -28.58 29.16
C LYS F 64 40.21 -27.14 28.63
N GLY F 65 39.02 -26.55 28.44
CA GLY F 65 38.88 -25.21 27.91
C GLY F 65 39.27 -25.16 26.44
N VAL F 66 38.72 -26.09 25.66
CA VAL F 66 39.05 -26.28 24.25
C VAL F 66 37.80 -26.14 23.38
N LEU F 67 37.88 -25.27 22.39
CA LEU F 67 36.85 -25.10 21.37
C LEU F 67 37.57 -24.83 20.07
N LEU F 68 37.44 -25.75 19.09
CA LEU F 68 38.15 -25.59 17.83
C LEU F 68 37.34 -25.91 16.57
N HIS F 69 37.40 -25.00 15.60
CA HIS F 69 36.73 -25.14 14.31
C HIS F 69 37.73 -25.65 13.29
N ARG F 70 37.46 -26.85 12.75
CA ARG F 70 38.31 -27.50 11.76
C ARG F 70 39.76 -27.68 12.26
N GLY F 71 39.90 -27.87 13.57
CA GLY F 71 41.19 -28.02 14.22
C GLY F 71 41.80 -26.74 14.77
N TYR F 72 41.36 -25.60 14.23
CA TYR F 72 41.88 -24.29 14.63
C TYR F 72 41.20 -23.82 15.91
N PRO F 73 41.98 -23.49 16.98
CA PRO F 73 41.39 -22.95 18.21
C PRO F 73 40.68 -21.62 17.99
N ILE F 74 39.57 -21.42 18.70
CA ILE F 74 38.73 -20.24 18.58
C ILE F 74 39.51 -18.95 18.88
N GLU F 75 40.38 -18.99 19.90
CA GLU F 75 41.17 -17.83 20.31
C GLU F 75 42.12 -17.34 19.22
N GLN F 76 42.71 -18.29 18.47
CA GLN F 76 43.62 -17.97 17.38
C GLN F 76 42.90 -17.29 16.22
N LEU F 77 41.76 -17.88 15.83
CA LEU F 77 40.91 -17.31 14.78
C LEU F 77 40.46 -15.90 15.15
N ALA F 78 39.97 -15.74 16.38
CA ALA F 78 39.51 -14.47 16.92
C ALA F 78 40.62 -13.41 16.90
N GLU F 79 41.82 -13.82 17.30
CA GLU F 79 42.99 -12.95 17.35
C GLU F 79 43.53 -12.56 15.98
N LYS F 80 43.50 -13.51 15.04
CA LYS F 80 44.14 -13.34 13.73
C LYS F 80 43.18 -13.09 12.55
N SER F 81 42.39 -14.11 12.20
CA SER F 81 41.51 -14.05 11.03
C SER F 81 40.29 -13.15 11.27
N ASP F 82 39.45 -13.00 10.24
CA ASP F 82 38.20 -12.26 10.30
C ASP F 82 37.00 -13.20 10.23
N TYR F 83 35.79 -12.63 10.28
CA TYR F 83 34.55 -13.41 10.27
C TYR F 83 34.35 -14.18 8.96
N LEU F 84 34.56 -13.52 7.83
CA LEU F 84 34.37 -14.15 6.52
C LEU F 84 35.39 -15.25 6.23
N GLU F 85 36.63 -15.06 6.72
CA GLU F 85 37.65 -16.12 6.66
C GLU F 85 37.22 -17.32 7.49
N THR F 86 36.68 -17.06 8.69
CA THR F 86 36.15 -18.09 9.58
C THR F 86 34.93 -18.79 8.96
N CYS F 87 34.09 -18.01 8.27
CA CYS F 87 32.95 -18.55 7.53
C CYS F 87 33.43 -19.53 6.48
N TYR F 88 34.42 -19.10 5.68
CA TYR F 88 35.03 -19.96 4.67
C TYR F 88 35.56 -21.26 5.28
N LEU F 89 36.20 -21.15 6.45
CA LEU F 89 36.75 -22.29 7.17
C LEU F 89 35.64 -23.28 7.53
N LEU F 90 34.59 -22.78 8.19
CA LEU F 90 33.46 -23.59 8.63
C LEU F 90 32.75 -24.29 7.47
N LEU F 91 32.64 -23.61 6.33
CA LEU F 91 31.93 -24.13 5.15
C LEU F 91 32.75 -25.14 4.35
N ASN F 92 34.02 -24.81 4.10
CA ASN F 92 34.87 -25.55 3.16
C ASN F 92 35.88 -26.50 3.80
N GLY F 93 36.17 -26.32 5.09
CA GLY F 93 36.99 -27.25 5.85
C GLY F 93 38.45 -26.86 6.04
N GLU F 94 38.94 -25.93 5.21
CA GLU F 94 40.29 -25.39 5.33
C GLU F 94 40.25 -23.87 5.17
N LEU F 95 41.33 -23.21 5.59
CA LEU F 95 41.46 -21.77 5.43
C LEU F 95 41.70 -21.44 3.95
N PRO F 96 41.23 -20.28 3.46
CA PRO F 96 41.34 -19.94 2.04
C PRO F 96 42.69 -19.36 1.67
N THR F 97 43.07 -19.52 0.39
CA THR F 97 44.14 -18.75 -0.23
C THR F 97 43.61 -17.35 -0.46
N ALA F 98 44.48 -16.45 -0.92
CA ALA F 98 44.07 -15.10 -1.27
C ALA F 98 43.05 -15.10 -2.42
N ALA F 99 43.26 -16.00 -3.37
CA ALA F 99 42.36 -16.21 -4.51
C ALA F 99 40.98 -16.68 -4.06
N GLN F 100 40.96 -17.76 -3.26
CA GLN F 100 39.74 -18.31 -2.69
C GLN F 100 39.00 -17.27 -1.84
N LYS F 101 39.76 -16.54 -1.02
CA LYS F 101 39.25 -15.47 -0.15
C LYS F 101 38.60 -14.38 -0.99
N GLU F 102 39.36 -13.84 -1.96
CA GLU F 102 38.86 -12.80 -2.85
C GLU F 102 37.51 -13.18 -3.45
N GLN F 103 37.46 -14.36 -4.06
CA GLN F 103 36.26 -14.87 -4.72
C GLN F 103 35.07 -15.03 -3.76
N PHE F 104 35.34 -15.56 -2.57
CA PHE F 104 34.31 -15.80 -1.54
C PHE F 104 33.71 -14.49 -1.06
N VAL F 105 34.58 -13.54 -0.67
CA VAL F 105 34.16 -12.22 -0.22
C VAL F 105 33.35 -11.53 -1.32
N GLY F 106 33.81 -11.66 -2.57
CA GLY F 106 33.12 -11.13 -3.73
C GLY F 106 31.68 -11.60 -3.84
N THR F 107 31.49 -12.92 -3.79
CA THR F 107 30.17 -13.56 -3.86
C THR F 107 29.26 -13.07 -2.73
N ILE F 108 29.79 -13.07 -1.51
CA ILE F 108 29.05 -12.60 -0.33
C ILE F 108 28.58 -11.16 -0.54
N LYS F 109 29.44 -10.31 -1.11
CA LYS F 109 29.09 -8.92 -1.42
C LYS F 109 28.05 -8.82 -2.55
N ASN F 110 28.06 -9.78 -3.47
CA ASN F 110 27.05 -9.86 -4.53
C ASN F 110 25.66 -10.17 -4.03
N HIS F 111 25.57 -11.01 -2.99
CA HIS F 111 24.26 -11.44 -2.44
C HIS F 111 23.67 -10.57 -1.31
N THR F 112 24.40 -9.53 -0.88
CA THR F 112 24.03 -8.72 0.27
C THR F 112 22.70 -7.95 0.15
N MET F 113 22.35 -7.54 -1.07
CA MET F 113 21.10 -6.83 -1.31
C MET F 113 19.90 -7.78 -1.21
N VAL F 114 18.81 -7.28 -0.62
CA VAL F 114 17.58 -8.03 -0.40
C VAL F 114 16.51 -7.60 -1.39
N HIS F 115 15.68 -8.58 -1.81
CA HIS F 115 14.60 -8.37 -2.78
C HIS F 115 13.57 -7.37 -2.23
N GLU F 116 13.30 -6.31 -3.02
CA GLU F 116 12.43 -5.20 -2.62
C GLU F 116 11.05 -5.61 -2.09
N GLN F 117 10.54 -6.75 -2.59
CA GLN F 117 9.27 -7.32 -2.12
C GLN F 117 9.24 -7.51 -0.61
N LEU F 118 10.38 -7.95 -0.03
CA LEU F 118 10.48 -8.20 1.41
C LEU F 118 10.19 -6.97 2.28
N LYS F 119 10.48 -5.77 1.78
CA LYS F 119 10.18 -4.54 2.49
C LYS F 119 8.72 -4.49 2.96
N THR F 120 7.79 -4.90 2.07
CA THR F 120 6.35 -4.89 2.35
C THR F 120 5.95 -5.94 3.39
N PHE F 121 6.79 -6.96 3.54
CA PHE F 121 6.63 -8.01 4.54
C PHE F 121 6.63 -7.44 5.96
N PHE F 122 7.63 -6.58 6.24
CA PHE F 122 7.79 -5.94 7.53
C PHE F 122 6.56 -5.13 7.94
N ASN F 123 5.88 -4.53 6.94
CA ASN F 123 4.66 -3.77 7.14
C ASN F 123 3.50 -4.61 7.70
N GLY F 124 3.66 -5.94 7.66
CA GLY F 124 2.74 -6.87 8.28
C GLY F 124 2.98 -7.11 9.77
N PHE F 125 4.02 -6.48 10.33
CA PHE F 125 4.35 -6.55 11.75
C PHE F 125 3.98 -5.26 12.45
N ARG F 126 3.87 -5.34 13.79
CA ARG F 126 3.83 -4.17 14.65
C ARG F 126 5.29 -3.78 14.85
N ARG F 127 5.56 -2.47 14.85
CA ARG F 127 6.92 -1.97 15.02
C ARG F 127 7.54 -2.37 16.36
N ASP F 128 6.69 -2.51 17.38
CA ASP F 128 7.10 -2.98 18.71
C ASP F 128 7.22 -4.51 18.83
N ALA F 129 6.97 -5.23 17.73
CA ALA F 129 7.09 -6.69 17.69
C ALA F 129 8.52 -7.12 17.99
N HIS F 130 8.67 -8.33 18.51
CA HIS F 130 9.97 -8.85 18.93
C HIS F 130 10.86 -9.11 17.70
N PRO F 131 12.09 -8.55 17.70
CA PRO F 131 13.01 -8.74 16.57
C PRO F 131 13.13 -10.19 16.09
N MET F 132 13.26 -11.14 17.04
CA MET F 132 13.40 -12.56 16.71
C MET F 132 12.16 -13.15 16.04
N ALA F 133 10.97 -12.65 16.42
CA ALA F 133 9.73 -13.00 15.76
C ALA F 133 9.78 -12.52 14.31
N VAL F 134 10.19 -11.26 14.13
CA VAL F 134 10.32 -10.67 12.79
C VAL F 134 11.29 -11.47 11.92
N MET F 135 12.45 -11.80 12.49
CA MET F 135 13.48 -12.60 11.81
C MET F 135 12.94 -13.96 11.40
N CYS F 136 12.32 -14.66 12.37
CA CYS F 136 11.72 -15.97 12.17
C CYS F 136 10.72 -15.97 11.00
N GLY F 137 9.90 -14.91 10.94
CA GLY F 137 8.95 -14.73 9.85
C GLY F 137 9.61 -14.41 8.53
N VAL F 138 10.47 -13.38 8.53
CA VAL F 138 11.08 -12.85 7.32
C VAL F 138 11.91 -13.87 6.57
N ILE F 139 12.88 -14.49 7.25
CA ILE F 139 13.76 -15.46 6.61
C ILE F 139 13.04 -16.80 6.34
N GLY F 140 11.94 -17.03 7.06
CA GLY F 140 11.03 -18.13 6.79
C GLY F 140 10.33 -17.93 5.46
N ALA F 141 10.07 -16.66 5.12
CA ALA F 141 9.45 -16.29 3.86
C ALA F 141 10.43 -16.27 2.68
N LEU F 142 11.73 -16.16 2.97
CA LEU F 142 12.79 -16.20 1.94
C LEU F 142 12.71 -17.49 1.13
N SER F 143 12.29 -18.57 1.80
CA SER F 143 12.04 -19.86 1.19
C SER F 143 11.33 -19.72 -0.15
N ALA F 144 10.21 -18.98 -0.13
CA ALA F 144 9.40 -18.71 -1.32
C ALA F 144 10.18 -18.09 -2.49
N PHE F 145 11.19 -17.29 -2.17
CA PHE F 145 12.00 -16.58 -3.17
C PHE F 145 13.13 -17.42 -3.76
N TYR F 146 13.75 -18.27 -2.93
CA TYR F 146 14.80 -19.17 -3.40
C TYR F 146 14.45 -20.64 -3.15
N HIS F 147 13.52 -21.17 -3.95
CA HIS F 147 13.01 -22.54 -3.82
C HIS F 147 12.84 -23.29 -5.15
N ASP F 148 12.40 -22.58 -6.19
CA ASP F 148 12.06 -23.18 -7.48
C ASP F 148 13.26 -23.82 -8.18
N SER F 149 14.36 -23.08 -8.27
CA SER F 149 15.63 -23.58 -8.77
C SER F 149 16.20 -24.61 -7.79
N LEU F 150 16.26 -24.22 -6.51
CA LEU F 150 16.92 -24.98 -5.43
C LEU F 150 16.68 -26.49 -5.47
N ASP F 151 17.76 -27.22 -5.79
CA ASP F 151 17.85 -28.67 -5.68
C ASP F 151 18.68 -28.97 -4.44
N ILE F 152 17.98 -29.35 -3.36
CA ILE F 152 18.60 -29.66 -2.07
C ILE F 152 19.78 -30.65 -2.15
N ASN F 153 19.75 -31.54 -3.15
CA ASN F 153 20.80 -32.55 -3.32
C ASN F 153 22.01 -32.10 -4.14
N ASN F 154 21.87 -31.02 -4.90
CA ASN F 154 22.94 -30.44 -5.70
C ASN F 154 23.86 -29.55 -4.86
N PRO F 155 25.16 -29.90 -4.73
CA PRO F 155 26.07 -29.14 -3.87
C PRO F 155 26.29 -27.68 -4.28
N LYS F 156 26.12 -27.38 -5.58
CA LYS F 156 26.20 -25.99 -6.07
C LYS F 156 25.07 -25.13 -5.50
N HIS F 157 23.87 -25.71 -5.43
CA HIS F 157 22.70 -25.05 -4.86
C HIS F 157 22.84 -24.85 -3.35
N ARG F 158 23.38 -25.87 -2.67
CA ARG F 158 23.71 -25.79 -1.24
C ARG F 158 24.70 -24.64 -0.96
N GLU F 159 25.74 -24.56 -1.80
CA GLU F 159 26.79 -23.55 -1.71
C GLU F 159 26.23 -22.14 -1.85
N VAL F 160 25.45 -21.92 -2.92
CA VAL F 160 24.86 -20.61 -3.20
C VAL F 160 23.83 -20.22 -2.14
N SER F 161 23.11 -21.22 -1.60
CA SER F 161 22.16 -21.00 -0.51
C SER F 161 22.86 -20.51 0.76
N ALA F 162 24.01 -21.12 1.07
CA ALA F 162 24.84 -20.72 2.21
C ALA F 162 25.32 -19.29 2.06
N HIS F 163 25.84 -18.95 0.87
CA HIS F 163 26.31 -17.61 0.55
C HIS F 163 25.18 -16.59 0.71
N ARG F 164 24.03 -16.87 0.08
CA ARG F 164 22.84 -16.03 0.17
C ARG F 164 22.48 -15.70 1.62
N LEU F 165 22.45 -16.73 2.47
CA LEU F 165 22.13 -16.58 3.88
C LEU F 165 23.14 -15.70 4.62
N ILE F 166 24.43 -16.06 4.51
CA ILE F 166 25.51 -15.33 5.18
C ILE F 166 25.54 -13.85 4.76
N ALA F 167 25.17 -13.58 3.51
CA ALA F 167 25.17 -12.25 2.93
C ALA F 167 23.96 -11.40 3.31
N LYS F 168 22.79 -12.03 3.36
CA LYS F 168 21.52 -11.34 3.56
C LYS F 168 21.16 -11.11 5.02
N MET F 169 21.55 -12.05 5.89
CA MET F 169 21.20 -11.98 7.31
C MET F 169 21.51 -10.62 7.93
N PRO F 170 22.71 -10.03 7.70
CA PRO F 170 23.01 -8.68 8.21
C PRO F 170 22.05 -7.60 7.70
N THR F 171 21.77 -7.63 6.40
CA THR F 171 20.84 -6.71 5.77
C THR F 171 19.45 -6.79 6.41
N ILE F 172 18.98 -8.03 6.66
CA ILE F 172 17.68 -8.26 7.27
C ILE F 172 17.66 -7.79 8.73
N ALA F 173 18.67 -8.21 9.50
CA ALA F 173 18.83 -7.79 10.90
C ALA F 173 18.79 -6.28 11.03
N ALA F 174 19.48 -5.58 10.11
CA ALA F 174 19.47 -4.13 10.04
C ALA F 174 18.07 -3.60 9.79
N MET F 175 17.37 -4.19 8.82
CA MET F 175 16.00 -3.80 8.48
C MET F 175 15.03 -3.91 9.67
N VAL F 176 15.21 -4.95 10.48
CA VAL F 176 14.41 -5.16 11.69
C VAL F 176 14.60 -3.97 12.63
N TYR F 177 15.87 -3.63 12.91
CA TYR F 177 16.20 -2.52 13.81
C TYR F 177 15.65 -1.19 13.27
N LYS F 178 15.97 -0.88 12.01
CA LYS F 178 15.53 0.35 11.36
C LYS F 178 14.01 0.47 11.34
N TYR F 179 13.33 -0.68 11.24
CA TYR F 179 11.87 -0.73 11.23
C TYR F 179 11.29 -0.44 12.62
N SER F 180 11.82 -1.12 13.64
CA SER F 180 11.39 -0.90 15.02
C SER F 180 11.48 0.56 15.41
N LYS F 181 12.53 1.23 14.94
CA LYS F 181 12.82 2.63 15.22
C LYS F 181 11.86 3.58 14.48
N GLY F 182 11.39 3.15 13.30
CA GLY F 182 10.61 3.97 12.40
C GLY F 182 11.49 4.85 11.53
N GLU F 183 12.74 4.44 11.36
CA GLU F 183 13.70 5.08 10.48
C GLU F 183 13.68 4.40 9.12
N PRO F 184 14.15 5.05 8.04
CA PRO F 184 14.19 4.44 6.71
C PRO F 184 15.28 3.38 6.61
N MET F 185 14.94 2.25 5.99
CA MET F 185 15.81 1.08 5.92
C MET F 185 16.98 1.36 4.98
N MET F 186 18.18 0.93 5.39
CA MET F 186 19.43 1.20 4.67
C MET F 186 19.85 0.03 3.78
N TYR F 187 20.52 0.37 2.67
CA TYR F 187 21.07 -0.60 1.72
C TYR F 187 22.52 -0.87 2.06
N PRO F 188 23.10 -2.02 1.59
CA PRO F 188 24.51 -2.32 1.85
C PRO F 188 25.45 -1.48 0.99
N ARG F 189 26.75 -1.50 1.33
CA ARG F 189 27.79 -0.83 0.57
C ARG F 189 28.97 -1.76 0.30
N ASN F 190 29.30 -1.94 -0.98
CA ASN F 190 30.37 -2.83 -1.43
C ASN F 190 31.77 -2.35 -1.04
N ASP F 191 31.90 -1.08 -0.67
CA ASP F 191 33.17 -0.49 -0.23
C ASP F 191 33.43 -0.63 1.28
N LEU F 192 32.53 -1.34 1.99
CA LEU F 192 32.69 -1.62 3.41
C LEU F 192 32.75 -3.12 3.64
N ASN F 193 33.61 -3.53 4.60
CA ASN F 193 33.70 -4.94 5.02
C ASN F 193 32.46 -5.37 5.81
N TYR F 194 32.31 -6.68 6.01
CA TYR F 194 31.14 -7.29 6.64
C TYR F 194 30.67 -6.53 7.89
N ALA F 195 31.55 -6.42 8.88
CA ALA F 195 31.25 -5.77 10.15
C ALA F 195 30.91 -4.29 9.97
N GLU F 196 31.77 -3.57 9.24
CA GLU F 196 31.53 -2.16 8.90
C GLU F 196 30.15 -1.98 8.30
N ASN F 197 29.86 -2.78 7.26
CA ASN F 197 28.60 -2.74 6.54
C ASN F 197 27.43 -2.89 7.50
N PHE F 198 27.50 -3.91 8.37
CA PHE F 198 26.45 -4.14 9.37
C PHE F 198 26.17 -2.89 10.21
N LEU F 199 27.22 -2.31 10.80
CA LEU F 199 27.10 -1.12 11.64
C LEU F 199 26.57 0.08 10.86
N HIS F 200 26.98 0.21 9.61
CA HIS F 200 26.48 1.24 8.70
C HIS F 200 24.97 1.10 8.52
N MET F 201 24.53 -0.08 8.08
CA MET F 201 23.11 -0.39 7.86
C MET F 201 22.29 -0.19 9.13
N MET F 202 22.91 -0.44 10.28
CA MET F 202 22.27 -0.33 11.58
C MET F 202 22.02 1.14 11.96
N PHE F 203 23.08 1.95 11.97
CA PHE F 203 23.06 3.26 12.62
C PHE F 203 23.10 4.48 11.70
N ASN F 204 23.75 4.36 10.55
CA ASN F 204 23.77 5.44 9.55
C ASN F 204 22.38 5.65 8.93
N THR F 205 22.20 6.82 8.31
CA THR F 205 20.95 7.22 7.68
C THR F 205 21.23 7.70 6.26
N PRO F 206 20.19 7.92 5.41
CA PRO F 206 20.37 8.69 4.18
C PRO F 206 20.54 10.19 4.47
N CYS F 207 20.19 10.60 5.70
CA CYS F 207 20.43 11.95 6.24
C CYS F 207 21.93 12.30 6.29
N GLU F 208 22.72 11.46 6.98
CA GLU F 208 24.18 11.58 7.00
C GLU F 208 24.88 10.22 7.05
N THR F 209 25.68 9.94 6.02
CA THR F 209 26.44 8.69 5.88
C THR F 209 27.89 8.92 6.35
N LYS F 210 28.07 8.87 7.68
CA LYS F 210 29.37 9.10 8.32
C LYS F 210 30.15 7.79 8.49
N PRO F 211 31.50 7.82 8.52
CA PRO F 211 32.30 6.59 8.51
C PRO F 211 32.25 5.80 9.82
N ILE F 212 32.52 4.50 9.72
CA ILE F 212 32.41 3.56 10.84
C ILE F 212 33.75 3.43 11.56
N SER F 213 33.68 3.37 12.90
CA SER F 213 34.85 3.18 13.75
C SER F 213 35.51 1.82 13.48
N PRO F 214 36.83 1.77 13.19
CA PRO F 214 37.51 0.50 12.97
C PRO F 214 37.56 -0.36 14.23
N VAL F 215 37.61 0.31 15.40
CA VAL F 215 37.59 -0.35 16.70
C VAL F 215 36.27 -1.09 16.92
N LEU F 216 35.16 -0.38 16.72
CA LEU F 216 33.83 -0.97 16.87
C LEU F 216 33.57 -2.07 15.86
N ALA F 217 33.92 -1.81 14.60
CA ALA F 217 33.78 -2.78 13.51
C ALA F 217 34.53 -4.07 13.84
N LYS F 218 35.79 -3.94 14.27
CA LYS F 218 36.63 -5.08 14.62
C LYS F 218 36.06 -5.86 15.80
N ALA F 219 35.60 -5.12 16.82
CA ALA F 219 34.95 -5.70 18.01
C ALA F 219 33.73 -6.53 17.60
N MET F 220 32.91 -5.97 16.71
CA MET F 220 31.72 -6.64 16.20
C MET F 220 32.10 -7.93 15.46
N ASP F 221 33.06 -7.81 14.55
CA ASP F 221 33.58 -8.96 13.78
C ASP F 221 34.02 -10.11 14.68
N ARG F 222 34.72 -9.78 15.77
CA ARG F 222 35.17 -10.73 16.76
C ARG F 222 33.99 -11.41 17.45
N ILE F 223 32.99 -10.62 17.83
CA ILE F 223 31.74 -11.14 18.42
C ILE F 223 31.12 -12.17 17.48
N PHE F 224 31.07 -11.85 16.18
CA PHE F 224 30.56 -12.78 15.17
C PHE F 224 31.39 -14.07 15.14
N ILE F 225 32.72 -13.94 15.09
CA ILE F 225 33.61 -15.09 15.10
C ILE F 225 33.34 -15.98 16.31
N LEU F 226 33.21 -15.37 17.48
CA LEU F 226 33.04 -16.09 18.75
C LEU F 226 31.66 -16.70 18.96
N HIS F 227 30.74 -16.44 18.03
CA HIS F 227 29.39 -17.05 18.02
C HIS F 227 29.10 -17.84 16.73
N ALA F 228 30.15 -18.07 15.92
CA ALA F 228 30.01 -18.66 14.58
C ALA F 228 29.37 -20.04 14.61
N ASP F 229 29.91 -20.91 15.46
CA ASP F 229 29.33 -22.25 15.67
C ASP F 229 29.73 -22.72 17.07
N HIS F 230 28.85 -23.43 17.77
CA HIS F 230 29.23 -23.96 19.10
C HIS F 230 28.78 -25.42 19.21
N GLU F 231 29.44 -26.29 18.45
CA GLU F 231 29.16 -27.76 18.46
C GLU F 231 27.67 -27.97 18.15
N GLN F 232 27.01 -28.83 18.92
CA GLN F 232 25.58 -29.13 18.69
C GLN F 232 24.79 -28.44 19.79
N ASN F 233 23.85 -27.60 19.38
CA ASN F 233 22.96 -26.88 20.31
C ASN F 233 21.52 -27.14 19.87
N ALA F 234 20.55 -26.67 20.64
CA ALA F 234 19.14 -26.94 20.24
C ALA F 234 18.88 -26.35 18.86
N SER F 235 19.35 -25.13 18.58
CA SER F 235 19.14 -24.58 17.22
C SER F 235 19.88 -25.42 16.18
N THR F 236 21.16 -25.71 16.41
CA THR F 236 21.92 -26.45 15.40
C THR F 236 21.24 -27.79 15.07
N SER F 237 20.88 -28.53 16.13
CA SER F 237 20.23 -29.84 15.99
C SER F 237 18.81 -29.74 15.44
N THR F 238 18.12 -28.62 15.72
CA THR F 238 16.80 -28.34 15.14
C THR F 238 16.91 -28.18 13.62
N VAL F 239 17.94 -27.44 13.18
CA VAL F 239 18.25 -27.23 11.76
C VAL F 239 18.50 -28.58 11.07
N ARG F 240 19.30 -29.43 11.73
CA ARG F 240 19.61 -30.76 11.21
C ARG F 240 18.37 -31.65 11.10
N LEU F 241 17.58 -31.68 12.18
CA LEU F 241 16.38 -32.52 12.26
C LEU F 241 15.35 -32.14 11.19
N ALA F 242 15.06 -30.83 11.10
CA ALA F 242 14.18 -30.29 10.08
C ALA F 242 14.72 -30.63 8.68
N GLY F 243 15.99 -30.31 8.46
CA GLY F 243 16.66 -30.54 7.19
C GLY F 243 16.67 -31.98 6.70
N SER F 244 16.63 -32.91 7.64
CA SER F 244 16.67 -34.36 7.36
C SER F 244 15.50 -34.85 6.49
N SER F 245 14.36 -34.15 6.55
CA SER F 245 13.18 -34.47 5.76
C SER F 245 13.31 -34.03 4.29
N GLY F 246 14.40 -33.32 3.98
CA GLY F 246 14.63 -32.74 2.66
C GLY F 246 14.06 -31.34 2.56
N ALA F 247 13.97 -30.67 3.71
CA ALA F 247 13.33 -29.36 3.84
C ALA F 247 14.24 -28.26 3.30
N ASN F 248 13.61 -27.24 2.72
CA ASN F 248 14.30 -26.06 2.20
C ASN F 248 15.25 -25.47 3.26
N PRO F 249 16.49 -25.08 2.87
CA PRO F 249 17.48 -24.62 3.84
C PRO F 249 17.03 -23.39 4.64
N PHE F 250 16.49 -22.39 3.94
CA PHE F 250 16.04 -21.15 4.57
C PHE F 250 14.99 -21.42 5.65
N ALA F 251 14.06 -22.33 5.35
CA ALA F 251 13.05 -22.78 6.32
C ALA F 251 13.71 -23.39 7.55
N CYS F 252 14.72 -24.24 7.33
CA CYS F 252 15.47 -24.88 8.42
C CYS F 252 16.17 -23.85 9.31
N ILE F 253 16.75 -22.82 8.70
CA ILE F 253 17.38 -21.72 9.42
C ILE F 253 16.33 -21.00 10.26
N ALA F 254 15.13 -20.82 9.69
CA ALA F 254 13.99 -20.23 10.40
C ALA F 254 13.64 -21.04 11.64
N SER F 255 13.71 -22.38 11.52
CA SER F 255 13.54 -23.29 12.66
C SER F 255 14.61 -23.04 13.73
N GLY F 256 15.86 -22.85 13.28
CA GLY F 256 16.98 -22.53 14.14
C GLY F 256 16.79 -21.26 14.93
N ILE F 257 16.29 -20.21 14.26
CA ILE F 257 16.01 -18.92 14.88
C ILE F 257 14.91 -19.07 15.94
N ALA F 258 13.87 -19.83 15.60
CA ALA F 258 12.78 -20.14 16.53
C ALA F 258 13.34 -20.77 17.81
N ALA F 259 14.22 -21.76 17.64
CA ALA F 259 14.85 -22.46 18.75
C ALA F 259 15.74 -21.54 19.59
N LEU F 260 16.59 -20.75 18.90
CA LEU F 260 17.53 -19.84 19.54
C LEU F 260 16.83 -18.77 20.38
N TRP F 261 15.66 -18.32 19.89
CA TRP F 261 14.81 -17.33 20.54
C TRP F 261 14.51 -17.73 22.00
N GLY F 262 14.29 -19.02 22.23
CA GLY F 262 14.10 -19.59 23.55
C GLY F 262 15.06 -18.98 24.56
N PRO F 263 14.57 -18.42 25.69
CA PRO F 263 15.44 -17.81 26.70
C PRO F 263 16.63 -18.68 27.14
N ALA F 264 16.40 -19.99 27.25
CA ALA F 264 17.41 -20.94 27.70
C ALA F 264 18.61 -21.04 26.75
N HIS F 265 18.33 -20.94 25.44
CA HIS F 265 19.35 -21.12 24.37
C HIS F 265 20.15 -19.85 24.08
N GLY F 266 19.50 -18.68 24.00
CA GLY F 266 20.25 -17.45 23.67
C GLY F 266 19.82 -16.24 24.49
N GLY F 267 19.50 -16.44 25.76
CA GLY F 267 19.09 -15.30 26.60
C GLY F 267 20.10 -15.03 27.70
N ALA F 268 21.39 -15.01 27.37
CA ALA F 268 22.40 -14.73 28.38
C ALA F 268 22.76 -13.25 28.37
N ASN F 269 22.98 -12.71 27.16
CA ASN F 269 23.24 -11.28 26.95
C ASN F 269 22.15 -10.41 27.55
N GLU F 270 20.89 -10.85 27.43
CA GLU F 270 19.74 -10.15 28.01
C GLU F 270 19.73 -10.32 29.53
N ALA F 271 19.99 -11.54 29.99
CA ALA F 271 19.99 -11.88 31.42
C ALA F 271 20.97 -11.03 32.22
N VAL F 272 22.21 -10.93 31.74
CA VAL F 272 23.26 -10.16 32.41
C VAL F 272 22.88 -8.68 32.54
N LEU F 273 22.18 -8.15 31.53
CA LEU F 273 21.69 -6.78 31.54
C LEU F 273 20.57 -6.57 32.57
N ARG F 274 19.67 -7.55 32.68
CA ARG F 274 18.61 -7.57 33.69
C ARG F 274 19.17 -7.60 35.11
N MET F 275 20.32 -8.29 35.27
CA MET F 275 21.05 -8.31 36.53
C MET F 275 21.49 -6.90 36.90
N LEU F 276 22.12 -6.20 35.95
CA LEU F 276 22.61 -4.84 36.12
C LEU F 276 21.48 -3.85 36.40
N ASP F 277 20.31 -4.10 35.77
CA ASP F 277 19.08 -3.35 36.07
C ASP F 277 18.64 -3.57 37.51
N GLU F 278 18.69 -4.83 37.97
CA GLU F 278 18.37 -5.20 39.34
C GLU F 278 19.30 -4.55 40.37
N ILE F 279 20.59 -4.42 40.03
CA ILE F 279 21.55 -3.72 40.87
C ILE F 279 21.19 -2.24 40.89
N GLY F 280 21.11 -1.64 39.69
CA GLY F 280 20.72 -0.26 39.50
C GLY F 280 21.89 0.71 39.61
N ASP F 281 22.38 0.90 40.85
CA ASP F 281 23.42 1.86 41.17
C ASP F 281 24.67 1.14 41.68
N VAL F 282 25.83 1.79 41.52
CA VAL F 282 27.11 1.33 42.07
C VAL F 282 27.04 1.25 43.60
N SER F 283 26.40 2.25 44.22
CA SER F 283 26.29 2.38 45.67
C SER F 283 25.87 1.09 46.40
N ASN F 284 24.97 0.32 45.77
CA ASN F 284 24.46 -0.94 46.33
C ASN F 284 24.93 -2.18 45.57
N ILE F 285 26.21 -2.19 45.17
CA ILE F 285 26.85 -3.38 44.58
C ILE F 285 27.06 -4.45 45.65
N ASP F 286 27.70 -4.07 46.77
CA ASP F 286 27.97 -4.96 47.89
C ASP F 286 26.70 -5.68 48.38
N LYS F 287 25.63 -4.90 48.53
CA LYS F 287 24.30 -5.41 48.89
C LYS F 287 23.91 -6.63 48.07
N PHE F 288 23.94 -6.47 46.74
CA PHE F 288 23.56 -7.53 45.80
C PHE F 288 24.62 -8.63 45.64
N VAL F 289 25.86 -8.33 46.02
CA VAL F 289 26.94 -9.32 46.04
C VAL F 289 26.66 -10.34 47.13
N GLU F 290 26.42 -9.85 48.36
CA GLU F 290 25.99 -10.69 49.48
C GLU F 290 24.64 -11.36 49.21
N LYS F 291 23.75 -10.64 48.52
CA LYS F 291 22.45 -11.19 48.11
C LYS F 291 22.63 -12.39 47.16
N ALA F 292 23.65 -12.32 46.30
CA ALA F 292 23.99 -13.41 45.39
C ALA F 292 24.61 -14.58 46.15
N LYS F 293 25.63 -14.26 46.96
CA LYS F 293 26.33 -15.24 47.81
C LYS F 293 25.40 -16.00 48.74
N ASP F 294 24.29 -15.36 49.14
CA ASP F 294 23.26 -16.00 49.96
C ASP F 294 22.57 -17.13 49.20
N LYS F 295 22.93 -18.37 49.57
CA LYS F 295 22.37 -19.60 49.00
C LYS F 295 20.84 -19.61 49.06
N ASN F 296 20.31 -19.10 50.19
CA ASN F 296 18.87 -18.99 50.42
C ASN F 296 18.18 -17.98 49.50
N ASP F 297 18.90 -16.93 49.09
CA ASP F 297 18.35 -15.88 48.22
C ASP F 297 18.37 -16.29 46.75
N PRO F 298 17.22 -16.26 46.04
CA PRO F 298 17.17 -16.58 44.61
C PRO F 298 18.09 -15.77 43.69
N PHE F 299 18.63 -14.65 44.18
CA PHE F 299 19.58 -13.82 43.44
C PHE F 299 20.89 -14.57 43.26
N LYS F 300 21.39 -14.57 42.01
CA LYS F 300 22.73 -15.03 41.66
C LYS F 300 23.24 -14.15 40.51
N LEU F 301 24.57 -14.02 40.41
CA LEU F 301 25.21 -13.24 39.37
C LEU F 301 25.06 -13.93 38.01
N MET F 302 24.78 -13.13 36.98
CA MET F 302 24.63 -13.60 35.60
C MET F 302 25.87 -13.23 34.79
N GLY F 303 26.28 -14.14 33.90
CA GLY F 303 27.45 -13.96 33.05
C GLY F 303 28.76 -14.25 33.75
N PHE F 304 28.70 -15.00 34.86
CA PHE F 304 29.87 -15.42 35.61
C PHE F 304 29.94 -16.94 35.70
N GLY F 305 31.07 -17.50 35.25
CA GLY F 305 31.25 -18.94 35.14
C GLY F 305 30.60 -19.48 33.88
N HIS F 306 30.61 -20.81 33.74
CA HIS F 306 30.02 -21.50 32.59
C HIS F 306 29.82 -22.98 32.95
N ARG F 307 28.70 -23.55 32.49
CA ARG F 307 28.36 -24.95 32.77
C ARG F 307 29.21 -25.97 32.02
N VAL F 308 29.79 -25.54 30.89
CA VAL F 308 30.68 -26.36 30.08
C VAL F 308 32.14 -26.03 30.40
N TYR F 309 32.54 -24.78 30.11
CA TYR F 309 33.90 -24.29 30.33
C TYR F 309 34.08 -23.89 31.79
N LYS F 310 34.18 -24.89 32.65
CA LYS F 310 34.14 -24.73 34.11
C LYS F 310 35.34 -23.94 34.65
N ASN F 311 36.54 -24.30 34.17
CA ASN F 311 37.79 -23.66 34.60
C ASN F 311 38.00 -22.29 33.96
N PHE F 312 37.97 -22.27 32.63
CA PHE F 312 38.09 -21.02 31.85
C PHE F 312 37.55 -21.18 30.44
N ASP F 313 36.98 -20.10 29.90
CA ASP F 313 36.52 -20.03 28.52
C ASP F 313 37.66 -19.39 27.70
N PRO F 314 38.17 -20.07 26.64
CA PRO F 314 39.29 -19.53 25.86
C PRO F 314 38.96 -18.20 25.17
N ARG F 315 37.65 -17.93 24.99
CA ARG F 315 37.16 -16.71 24.37
C ARG F 315 37.17 -15.52 25.33
N ALA F 316 37.11 -15.82 26.65
CA ALA F 316 36.99 -14.81 27.70
C ALA F 316 38.07 -13.71 27.63
N LYS F 317 39.33 -14.13 27.45
CA LYS F 317 40.48 -13.22 27.38
C LYS F 317 40.32 -12.23 26.23
N VAL F 318 40.02 -12.77 25.05
CA VAL F 318 39.85 -12.00 23.82
C VAL F 318 38.69 -11.00 23.99
N MET F 319 37.58 -11.48 24.58
CA MET F 319 36.41 -10.65 24.86
C MET F 319 36.70 -9.53 25.84
N LYS F 320 37.49 -9.82 26.89
CA LYS F 320 37.94 -8.81 27.85
C LYS F 320 38.71 -7.71 27.12
N GLN F 321 39.71 -8.12 26.34
CA GLN F 321 40.51 -7.21 25.51
C GLN F 321 39.60 -6.29 24.68
N THR F 322 38.64 -6.90 23.98
CA THR F 322 37.72 -6.18 23.11
C THR F 322 36.85 -5.19 23.87
N CYS F 323 36.33 -5.62 25.03
CA CYS F 323 35.50 -4.78 25.90
C CYS F 323 36.26 -3.54 26.35
N ASP F 324 37.44 -3.77 26.95
CA ASP F 324 38.31 -2.70 27.41
C ASP F 324 38.68 -1.73 26.28
N GLU F 325 38.92 -2.29 25.08
CA GLU F 325 39.29 -1.52 23.89
C GLU F 325 38.13 -0.64 23.38
N VAL F 326 36.90 -1.18 23.43
CA VAL F 326 35.69 -0.47 23.03
C VAL F 326 35.40 0.67 24.00
N LEU F 327 35.35 0.33 25.30
CA LEU F 327 35.10 1.29 26.36
C LEU F 327 36.19 2.37 26.45
N GLN F 328 37.40 2.06 25.97
CA GLN F 328 38.46 3.05 25.81
C GLN F 328 38.05 4.16 24.84
N GLU F 329 37.37 3.77 23.75
CA GLU F 329 36.92 4.71 22.72
C GLU F 329 35.65 5.47 23.09
N LEU F 330 34.68 4.74 23.66
CA LEU F 330 33.37 5.33 24.02
C LEU F 330 33.35 6.02 25.39
N GLY F 331 34.13 5.48 26.33
CA GLY F 331 34.44 6.14 27.59
C GLY F 331 33.40 6.04 28.68
N ILE F 332 32.87 4.83 28.91
CA ILE F 332 31.95 4.51 30.02
C ILE F 332 31.14 5.73 30.51
N ASN F 333 30.29 6.25 29.63
CA ASN F 333 29.34 7.33 29.95
C ASN F 333 28.18 6.82 30.81
N ASP F 334 27.81 5.55 30.59
CA ASP F 334 26.66 4.91 31.21
C ASP F 334 26.99 4.40 32.62
N PRO F 335 26.12 4.68 33.62
CA PRO F 335 26.37 4.25 35.00
C PRO F 335 26.22 2.74 35.19
N GLN F 336 25.45 2.10 34.31
CA GLN F 336 25.27 0.64 34.31
C GLN F 336 26.53 -0.05 33.80
N LEU F 337 27.19 0.57 32.80
CA LEU F 337 28.50 0.10 32.32
C LEU F 337 29.58 0.26 33.40
N GLU F 338 29.61 1.45 34.02
CA GLU F 338 30.48 1.72 35.16
C GLU F 338 30.30 0.63 36.23
N LEU F 339 29.04 0.41 36.62
CA LEU F 339 28.63 -0.63 37.57
C LEU F 339 29.18 -1.99 37.17
N ALA F 340 29.00 -2.33 35.89
CA ALA F 340 29.42 -3.62 35.32
C ALA F 340 30.93 -3.86 35.46
N MET F 341 31.73 -2.83 35.14
CA MET F 341 33.20 -2.96 35.22
C MET F 341 33.72 -3.08 36.66
N LYS F 342 33.00 -2.44 37.60
CA LYS F 342 33.29 -2.59 39.04
C LYS F 342 32.96 -3.99 39.54
N LEU F 343 31.81 -4.52 39.12
CA LEU F 343 31.37 -5.87 39.42
C LEU F 343 32.41 -6.89 38.90
N GLU F 344 32.92 -6.64 37.69
CA GLU F 344 33.99 -7.41 37.07
C GLU F 344 35.26 -7.37 37.91
N GLU F 345 35.69 -6.16 38.28
CA GLU F 345 36.85 -5.95 39.16
C GLU F 345 36.71 -6.80 40.43
N ILE F 346 35.57 -6.65 41.11
CA ILE F 346 35.28 -7.40 42.35
C ILE F 346 35.41 -8.90 42.11
N ALA F 347 34.62 -9.42 41.16
CA ALA F 347 34.57 -10.85 40.84
C ALA F 347 35.95 -11.47 40.62
N ARG F 348 36.82 -10.74 39.92
CA ARG F 348 38.16 -11.20 39.58
C ARG F 348 39.13 -11.17 40.77
N HIS F 349 39.05 -10.11 41.59
CA HIS F 349 39.91 -9.95 42.76
C HIS F 349 39.29 -10.40 44.10
N ASP F 350 38.22 -11.20 44.04
CA ASP F 350 37.54 -11.71 45.24
C ASP F 350 37.75 -13.22 45.41
N PRO F 351 38.15 -13.69 46.61
CA PRO F 351 38.48 -15.11 46.82
C PRO F 351 37.32 -16.08 46.58
N TYR F 352 36.11 -15.72 47.05
CA TYR F 352 34.91 -16.55 46.87
C TYR F 352 34.67 -16.87 45.39
N PHE F 353 34.60 -15.82 44.57
CA PHE F 353 34.36 -15.95 43.14
C PHE F 353 35.51 -16.64 42.42
N VAL F 354 36.76 -16.32 42.81
CA VAL F 354 37.95 -16.97 42.25
C VAL F 354 37.90 -18.49 42.45
N GLU F 355 37.65 -18.91 43.70
CA GLU F 355 37.59 -20.32 44.08
C GLU F 355 36.39 -21.06 43.51
N ARG F 356 35.28 -20.34 43.30
CA ARG F 356 34.07 -20.91 42.69
C ARG F 356 34.12 -20.98 41.16
N ASN F 357 35.22 -20.50 40.56
CA ASN F 357 35.37 -20.37 39.10
C ASN F 357 34.23 -19.57 38.49
N LEU F 358 33.91 -18.43 39.12
CA LEU F 358 32.87 -17.51 38.67
C LEU F 358 33.54 -16.30 38.02
N TYR F 359 34.19 -16.56 36.88
CA TYR F 359 34.90 -15.56 36.10
C TYR F 359 33.93 -14.84 35.16
N PRO F 360 34.19 -13.55 34.82
CA PRO F 360 33.36 -12.84 33.85
C PRO F 360 33.48 -13.49 32.48
N ASN F 361 32.36 -14.02 31.96
CA ASN F 361 32.37 -14.82 30.73
C ASN F 361 32.06 -14.03 29.45
N VAL F 362 32.20 -14.73 28.32
CA VAL F 362 31.90 -14.22 26.98
C VAL F 362 30.57 -13.46 26.89
N ASP F 363 29.54 -13.97 27.58
CA ASP F 363 28.19 -13.39 27.53
C ASP F 363 28.10 -12.05 28.27
N PHE F 364 28.76 -11.98 29.42
CA PHE F 364 28.90 -10.75 30.21
C PHE F 364 29.56 -9.66 29.37
N TYR F 365 30.76 -9.97 28.84
CA TYR F 365 31.52 -9.00 28.05
C TYR F 365 30.78 -8.57 26.78
N SER F 366 30.25 -9.55 26.04
CA SER F 366 29.55 -9.28 24.77
C SER F 366 28.28 -8.44 24.99
N GLY F 367 27.54 -8.73 26.06
CA GLY F 367 26.39 -7.93 26.45
C GLY F 367 26.76 -6.46 26.62
N ILE F 368 27.82 -6.23 27.41
CA ILE F 368 28.34 -4.89 27.66
C ILE F 368 28.77 -4.17 26.38
N ILE F 369 29.50 -4.87 25.51
CA ILE F 369 29.98 -4.32 24.25
C ILE F 369 28.80 -3.86 23.38
N LEU F 370 27.92 -4.82 23.06
CA LEU F 370 26.74 -4.58 22.23
C LEU F 370 25.94 -3.39 22.73
N LYS F 371 25.71 -3.32 24.05
CA LYS F 371 25.01 -2.19 24.66
C LYS F 371 25.79 -0.89 24.43
N ALA F 372 27.09 -0.93 24.72
CA ALA F 372 27.98 0.23 24.61
C ALA F 372 28.01 0.84 23.20
N ILE F 373 28.01 -0.03 22.18
CA ILE F 373 28.07 0.42 20.79
C ILE F 373 26.70 0.73 20.17
N GLY F 374 25.64 0.65 20.98
CA GLY F 374 24.33 1.17 20.63
C GLY F 374 23.21 0.19 20.31
N ILE F 375 23.53 -1.11 20.29
CA ILE F 375 22.53 -2.14 20.01
C ILE F 375 21.61 -2.26 21.22
N PRO F 376 20.27 -2.23 21.04
CA PRO F 376 19.34 -2.43 22.15
C PRO F 376 19.23 -3.90 22.53
N THR F 377 18.90 -4.18 23.80
CA THR F 377 18.84 -5.53 24.35
C THR F 377 17.99 -6.49 23.52
N SER F 378 16.87 -5.98 23.00
CA SER F 378 15.97 -6.75 22.13
C SER F 378 16.69 -7.44 20.97
N MET F 379 17.68 -6.75 20.39
CA MET F 379 18.44 -7.22 19.23
C MET F 379 19.54 -8.25 19.53
N PHE F 380 20.00 -8.29 20.79
CA PHE F 380 21.12 -9.15 21.21
C PHE F 380 21.05 -10.55 20.59
N THR F 381 19.89 -11.18 20.74
CA THR F 381 19.61 -12.51 20.20
C THR F 381 19.59 -12.56 18.67
N VAL F 382 19.24 -11.44 18.03
CA VAL F 382 19.30 -11.31 16.57
C VAL F 382 20.74 -11.26 16.06
N ILE F 383 21.62 -10.58 16.82
CA ILE F 383 23.06 -10.57 16.55
C ILE F 383 23.64 -11.98 16.68
N PHE F 384 23.23 -12.69 17.75
CA PHE F 384 23.57 -14.10 17.95
C PHE F 384 23.21 -14.88 16.67
N ALA F 385 21.93 -14.82 16.29
CA ALA F 385 21.40 -15.53 15.12
C ALA F 385 22.22 -15.21 13.86
N LEU F 386 22.54 -13.92 13.69
CA LEU F 386 23.35 -13.40 12.60
C LEU F 386 24.67 -14.14 12.48
N ALA F 387 25.38 -14.24 13.62
CA ALA F 387 26.68 -14.88 13.69
C ALA F 387 26.56 -16.39 13.48
N ARG F 388 25.57 -16.99 14.15
CA ARG F 388 25.40 -18.46 14.16
C ARG F 388 24.96 -19.04 12.81
N THR F 389 24.29 -18.24 11.98
CA THR F 389 23.77 -18.65 10.67
C THR F 389 24.74 -19.55 9.90
N VAL F 390 26.00 -19.10 9.79
CA VAL F 390 27.05 -19.83 9.08
C VAL F 390 27.28 -21.22 9.68
N GLY F 391 27.24 -21.31 11.02
CA GLY F 391 27.36 -22.56 11.73
C GLY F 391 26.23 -23.50 11.37
N TRP F 392 24.99 -23.01 11.48
CA TRP F 392 23.80 -23.77 11.16
C TRP F 392 23.88 -24.36 9.76
N ILE F 393 24.11 -23.50 8.76
CA ILE F 393 24.14 -23.92 7.36
C ILE F 393 25.31 -24.86 7.05
N SER F 394 26.43 -24.68 7.76
CA SER F 394 27.57 -25.58 7.67
C SER F 394 27.24 -26.99 8.16
N HIS F 395 26.53 -27.07 9.30
CA HIS F 395 26.07 -28.35 9.86
C HIS F 395 25.02 -29.03 8.97
N TRP F 396 24.16 -28.22 8.35
CA TRP F 396 23.16 -28.67 7.37
C TRP F 396 23.87 -29.22 6.13
N GLN F 397 24.82 -28.43 5.59
CA GLN F 397 25.64 -28.85 4.45
C GLN F 397 26.34 -30.18 4.71
N GLU F 398 26.97 -30.32 5.88
CA GLU F 398 27.65 -31.55 6.26
C GLU F 398 26.68 -32.73 6.27
N MET F 399 25.56 -32.55 6.99
CA MET F 399 24.54 -33.59 7.11
C MET F 399 24.09 -34.10 5.74
N LEU F 400 23.74 -33.18 4.85
CA LEU F 400 23.27 -33.61 3.51
C LEU F 400 24.42 -34.25 2.73
N SER F 401 25.57 -33.59 2.71
CA SER F 401 26.71 -34.08 1.92
C SER F 401 27.05 -35.53 2.27
N GLY F 402 26.77 -35.92 3.53
CA GLY F 402 26.88 -37.30 3.95
C GLY F 402 25.66 -38.13 3.53
N PRO F 403 25.50 -39.38 4.00
CA PRO F 403 24.31 -40.16 3.70
C PRO F 403 23.32 -39.77 4.79
N TYR F 404 22.14 -39.27 4.42
CA TYR F 404 21.13 -38.83 5.40
C TYR F 404 19.85 -39.46 4.86
N LYS F 405 18.92 -39.85 5.74
CA LYS F 405 17.64 -40.36 5.23
C LYS F 405 16.56 -40.09 6.36
N ILE F 406 16.07 -38.84 6.34
CA ILE F 406 15.01 -38.36 7.30
C ILE F 406 14.97 -38.90 8.73
N GLY F 407 15.88 -38.47 9.61
CA GLY F 407 15.89 -39.07 10.96
C GLY F 407 14.58 -39.01 11.71
N ARG F 408 14.17 -40.17 12.25
CA ARG F 408 12.97 -40.34 13.12
C ARG F 408 13.21 -40.93 14.50
N PRO F 409 12.84 -40.24 15.60
CA PRO F 409 13.07 -40.74 16.96
C PRO F 409 12.00 -41.76 17.38
N ARG F 410 12.08 -42.23 18.63
CA ARG F 410 11.11 -43.22 19.19
C ARG F 410 10.67 -42.80 20.59
N GLN F 411 9.65 -43.46 21.15
CA GLN F 411 9.06 -43.06 22.42
C GLN F 411 8.88 -44.24 23.36
N LEU F 412 8.53 -43.91 24.60
CA LEU F 412 8.06 -44.86 25.59
C LEU F 412 6.60 -44.54 25.86
N TYR F 413 5.69 -45.44 25.48
CA TYR F 413 4.25 -45.24 25.64
C TYR F 413 3.82 -45.55 27.07
N THR F 414 3.19 -44.55 27.71
CA THR F 414 2.66 -44.67 29.06
C THR F 414 1.22 -44.15 29.12
N GLY F 415 0.44 -44.42 28.07
CA GLY F 415 -0.93 -43.99 27.93
C GLY F 415 -1.88 -45.17 28.04
N HIS F 416 -3.19 -44.87 28.08
CA HIS F 416 -4.22 -45.90 28.24
C HIS F 416 -4.19 -46.98 27.15
N THR F 417 -4.62 -48.19 27.50
CA THR F 417 -4.74 -49.30 26.54
C THR F 417 -5.88 -49.14 25.55
N GLN F 418 -5.88 -49.97 24.50
CA GLN F 418 -6.91 -49.95 23.46
C GLN F 418 -8.25 -49.95 24.21
N ARG F 419 -9.16 -49.06 23.79
CA ARG F 419 -10.49 -48.94 24.40
C ARG F 419 -11.52 -48.44 23.39
N ASP F 420 -12.68 -49.09 23.39
CA ASP F 420 -13.75 -48.79 22.41
C ASP F 420 -14.21 -47.35 22.59
N PHE F 421 -15.03 -46.86 21.67
CA PHE F 421 -15.56 -45.48 21.72
C PHE F 421 -16.52 -45.33 22.90
N THR F 422 -16.59 -44.13 23.46
CA THR F 422 -17.50 -43.81 24.58
C THR F 422 -18.56 -42.84 24.04
N ALA F 423 -19.84 -43.18 24.20
CA ALA F 423 -20.91 -42.31 23.64
C ALA F 423 -20.97 -40.98 24.39
N LEU F 424 -21.44 -39.94 23.70
CA LEU F 424 -21.52 -38.57 24.25
C LEU F 424 -22.56 -38.71 25.37
N LYS F 425 -23.61 -39.52 25.16
CA LYS F 425 -24.60 -39.75 26.25
C LYS F 425 -23.92 -40.20 27.59
N ASP F 426 -23.13 -41.28 27.47
CA ASP F 426 -22.33 -41.81 28.60
C ASP F 426 -20.93 -41.24 28.87
#